data_6QX1
#
_entry.id   6QX1
#
_cell.length_a   93.190
_cell.length_b   93.190
_cell.length_c   408.990
_cell.angle_alpha   90.00
_cell.angle_beta   90.00
_cell.angle_gamma   120.00
#
_symmetry.space_group_name_H-M   'P 61'
#
loop_
_entity.id
_entity.type
_entity.pdbx_description
1 polymer 'DNA gyrase subunit B'
2 polymer 'DNA gyrase subunit A'
3 polymer "DNA (5'-D(*AP*GP*CP*CP*GP*TP*AP*GP*GP*TP*AP*CP*CP*TP*AP*CP*GP*GP*CP*T)-3')"
4 non-polymer 'MANGANESE (II) ION'
5 non-polymer (2~{R})-2-[[5-(2-chlorophenyl)-1,2-benzoxazol-3-yl]oxy]-2-phenyl-ethanamine
6 non-polymer GLYCEROL
7 non-polymer GLYCINE
8 non-polymer 'CHLORIDE ION'
9 water water
#
loop_
_entity_poly.entity_id
_entity_poly.type
_entity_poly.pdbx_seq_one_letter_code
_entity_poly.pdbx_strand_id
1 'polypeptide(L)'
;MDVASLPGKLADCSSKSPEECEIFLVEGDSAGGSTKSGRDSRTQAILPLRGKILNVEKARLDRILNNNEIRQMITAFGTG
IGGDFDLAKARYHKIVIMTDADVDGAHIRTLLLTFFYRFMRPLIEAGYVYIAQPPTGYKGLGEMNADQLWETTMNPEHRA
LLQVKLEDAIEADQTFEMLMGDVVENRRQFIEDNAVYANLDF
;
B,D
2 'polypeptide(L)'
;AELPQSRINERNITSEMRESFLDYAMSVIVARALPDVRDGLKPVHRRILYGLNEQGMTPDKSYKKSARIVGDVMGKYHPH
GDSSIYEAMVRMAQDFSYRYPLVDGQGNFGSMDGDGAAAMRYTEARMTKITLELLRDINKDTIDFIDNYDGNEREPSVLP
ARFPNLLANGASGIAVGMATNIPPHNLTELINGVLSLSKNPDISIAELMEDIEGPDFPTAGLILGKSGIRRAYETGRGSI
QMRSRAVIEERGGGRQRIVVTEIPFQVNKARMIEKIAELVRDKKIDGITDLRDETSLRTGVRVVIDVRKDANASVILNNL
YKQTPLQTSFGVNMIALVNGRPKLINLKEALVHYLEHQKTVVRRRTQYNLRKAKDRAHILEGLRIALDHIDEIISTIRES
DTDKVAMESLQQRFKLSEKQAQAILDMRLRRLTGLERDKIEAEYNELLNYISELETILADEEVLLQLVRDELTEIRDRFG
DDRRTEIQLG
;
A,C
3 'polydeoxyribonucleotide' (DA)(DG)(DC)(DC)(DG)(DT)(DA)(DG)(DG)(DT)(DA)(DC)(DC)(DT)(DA)(DC)(DG)(DG)(DC)(DT) E,F
#
# COMPACT_ATOMS: atom_id res chain seq x y z
N LYS A 9 8.57 -22.66 14.28
CA LYS A 9 7.37 -21.77 14.27
C LYS A 9 6.35 -22.10 15.38
N LEU A 10 6.43 -23.29 16.03
CA LEU A 10 5.56 -23.69 17.13
C LEU A 10 5.84 -22.85 18.37
N ALA A 11 4.79 -22.26 18.96
CA ALA A 11 4.83 -21.71 20.31
C ALA A 11 4.12 -22.68 21.27
N ASP A 12 4.91 -23.49 21.98
CA ASP A 12 4.34 -24.56 22.79
C ASP A 12 3.85 -24.01 24.14
N CYS A 13 3.04 -24.78 24.86
CA CYS A 13 2.57 -24.42 26.20
C CYS A 13 3.50 -24.98 27.30
N SER A 14 3.19 -24.72 28.60
CA SER A 14 3.98 -25.14 29.77
C SER A 14 3.71 -26.58 30.20
N SER A 15 2.46 -26.84 30.60
CA SER A 15 2.04 -28.17 31.01
C SER A 15 2.48 -29.26 30.01
N LYS A 16 2.91 -30.42 30.53
CA LYS A 16 3.35 -31.50 29.67
C LYS A 16 2.30 -32.60 29.69
N SER A 17 1.19 -32.32 30.38
CA SER A 17 0.02 -33.17 30.52
C SER A 17 -0.93 -33.09 29.31
N PRO A 18 -0.77 -34.01 28.31
CA PRO A 18 -1.42 -33.91 27.00
C PRO A 18 -2.94 -33.89 27.10
N GLU A 19 -3.43 -34.22 28.30
CA GLU A 19 -4.85 -34.42 28.54
C GLU A 19 -5.55 -33.08 28.68
N GLU A 20 -4.81 -32.03 29.09
CA GLU A 20 -5.40 -30.73 29.30
C GLU A 20 -4.82 -29.69 28.34
N CYS A 21 -4.01 -30.16 27.38
CA CYS A 21 -3.34 -29.27 26.46
C CYS A 21 -4.08 -29.22 25.12
N GLU A 22 -3.98 -28.06 24.48
CA GLU A 22 -4.63 -27.79 23.22
C GLU A 22 -3.59 -27.12 22.30
N ILE A 23 -3.60 -27.53 21.02
CA ILE A 23 -2.80 -26.83 20.03
C ILE A 23 -3.75 -26.21 18.97
N PHE A 24 -3.59 -24.92 18.67
CA PHE A 24 -4.40 -24.22 17.68
C PHE A 24 -3.59 -24.06 16.39
N LEU A 25 -4.12 -24.55 15.26
CA LEU A 25 -3.48 -24.26 13.98
C LEU A 25 -4.16 -23.03 13.38
N VAL A 26 -3.43 -21.92 13.25
CA VAL A 26 -4.05 -20.66 12.87
C VAL A 26 -3.60 -20.26 11.47
N GLU A 27 -4.58 -19.85 10.64
CA GLU A 27 -4.31 -19.40 9.29
C GLU A 27 -3.56 -18.07 9.38
N GLY A 28 -2.37 -18.02 8.78
CA GLY A 28 -1.67 -16.75 8.61
C GLY A 28 -0.72 -16.44 9.75
N ASP A 29 0.46 -15.94 9.35
CA ASP A 29 1.51 -15.48 10.23
C ASP A 29 1.02 -14.32 11.08
N SER A 30 0.16 -13.48 10.49
CA SER A 30 -0.37 -12.31 11.17
C SER A 30 -1.30 -12.68 12.32
N ALA A 31 -2.23 -13.59 12.05
CA ALA A 31 -3.16 -14.09 13.04
C ALA A 31 -2.43 -14.90 14.12
N GLY A 32 -1.39 -15.62 13.69
CA GLY A 32 -0.57 -16.39 14.62
C GLY A 32 0.00 -15.56 15.76
N GLY A 33 0.61 -14.43 15.43
CA GLY A 33 1.17 -13.58 16.48
C GLY A 33 0.11 -13.18 17.52
N SER A 34 -1.11 -12.87 17.02
CA SER A 34 -2.19 -12.35 17.86
C SER A 34 -2.59 -13.39 18.90
N THR A 35 -2.68 -14.65 18.45
CA THR A 35 -3.18 -15.74 19.26
C THR A 35 -2.15 -16.16 20.34
N LYS A 36 -0.86 -15.89 20.09
CA LYS A 36 0.16 -16.12 21.11
C LYS A 36 0.00 -15.16 22.30
N SER A 37 -0.28 -13.87 22.07
CA SER A 37 -0.54 -12.92 23.17
C SER A 37 -1.80 -13.30 23.98
N GLY A 38 -2.86 -13.67 23.24
CA GLY A 38 -4.21 -13.80 23.75
C GLY A 38 -4.38 -15.09 24.57
N ARG A 39 -3.56 -16.12 24.26
CA ARG A 39 -3.83 -17.48 24.67
C ARG A 39 -3.53 -17.61 26.16
N ASP A 40 -3.88 -18.77 26.72
CA ASP A 40 -3.35 -19.23 27.98
C ASP A 40 -2.12 -20.12 27.70
N SER A 41 -0.91 -19.59 27.96
CA SER A 41 0.35 -20.25 27.60
C SER A 41 0.67 -21.47 28.49
N ARG A 42 -0.18 -21.72 29.49
CA ARG A 42 -0.05 -22.94 30.28
C ARG A 42 -0.56 -24.16 29.48
N THR A 43 -1.71 -24.01 28.81
CA THR A 43 -2.39 -25.15 28.23
C THR A 43 -2.59 -25.01 26.71
N GLN A 44 -2.15 -23.90 26.11
CA GLN A 44 -2.50 -23.67 24.72
C GLN A 44 -1.25 -23.42 23.89
N ALA A 45 -1.04 -24.30 22.90
CA ALA A 45 0.05 -24.13 21.96
C ALA A 45 -0.46 -23.54 20.64
N ILE A 46 0.43 -22.87 19.90
CA ILE A 46 -0.01 -22.24 18.67
C ILE A 46 0.95 -22.57 17.53
N LEU A 47 0.39 -23.05 16.42
CA LEU A 47 1.20 -23.32 15.24
C LEU A 47 0.62 -22.57 14.04
N PRO A 48 1.28 -21.47 13.61
CA PRO A 48 0.87 -20.72 12.42
C PRO A 48 1.13 -21.43 11.07
N LEU A 49 0.24 -21.25 10.08
CA LEU A 49 0.42 -21.75 8.72
C LEU A 49 0.43 -20.57 7.72
N ARG A 50 1.41 -20.56 6.79
CA ARG A 50 1.62 -19.46 5.83
C ARG A 50 0.33 -19.12 5.09
N GLY A 51 -0.36 -20.14 4.62
CA GLY A 51 -1.52 -19.95 3.78
C GLY A 51 -2.12 -21.28 3.35
N LYS A 52 -2.33 -21.43 2.03
CA LYS A 52 -2.83 -22.68 1.51
C LYS A 52 -1.73 -23.70 1.78
N ILE A 53 -2.10 -24.90 2.26
CA ILE A 53 -1.10 -25.94 2.56
C ILE A 53 -1.22 -27.06 1.52
N LEU A 54 -0.33 -28.04 1.52
CA LEU A 54 -0.37 -29.06 0.49
C LEU A 54 -1.70 -29.84 0.56
N ASN A 55 -2.29 -30.15 -0.62
CA ASN A 55 -3.40 -31.08 -0.79
C ASN A 55 -2.86 -32.51 -0.88
N VAL A 56 -2.92 -33.27 0.22
CA VAL A 56 -2.25 -34.56 0.29
C VAL A 56 -3.00 -35.62 -0.49
N GLU A 57 -4.28 -35.37 -0.81
CA GLU A 57 -5.05 -36.28 -1.62
C GLU A 57 -4.52 -36.26 -3.05
N LYS A 58 -3.65 -35.30 -3.39
CA LYS A 58 -3.25 -35.13 -4.78
C LYS A 58 -1.74 -35.34 -4.88
N ALA A 59 -1.03 -35.27 -3.74
CA ALA A 59 0.41 -35.28 -3.81
C ALA A 59 0.88 -36.68 -3.39
N ARG A 60 2.11 -37.01 -3.79
CA ARG A 60 2.73 -38.27 -3.44
C ARG A 60 3.49 -38.10 -2.13
N LEU A 61 3.73 -39.24 -1.47
CA LEU A 61 4.37 -39.31 -0.16
C LEU A 61 5.73 -38.61 -0.14
N ASP A 62 6.59 -38.75 -1.17
CA ASP A 62 7.86 -38.01 -1.15
C ASP A 62 7.59 -36.51 -0.90
N ARG A 63 6.66 -35.91 -1.67
CA ARG A 63 6.36 -34.50 -1.58
C ARG A 63 5.70 -34.20 -0.24
N ILE A 64 4.80 -35.09 0.20
CA ILE A 64 4.14 -34.86 1.47
C ILE A 64 5.18 -34.72 2.58
N LEU A 65 6.08 -35.70 2.71
CA LEU A 65 7.02 -35.77 3.82
C LEU A 65 8.13 -34.72 3.70
N ASN A 66 8.27 -34.11 2.51
CA ASN A 66 9.26 -33.05 2.33
C ASN A 66 8.66 -31.68 2.60
N ASN A 67 7.36 -31.65 2.86
CA ASN A 67 6.68 -30.38 3.03
C ASN A 67 6.87 -29.83 4.45
N ASN A 68 7.32 -28.58 4.54
CA ASN A 68 7.69 -28.03 5.83
C ASN A 68 6.50 -27.96 6.77
N GLU A 69 5.36 -27.51 6.24
CA GLU A 69 4.18 -27.31 7.08
C GLU A 69 3.84 -28.67 7.67
N ILE A 70 3.74 -29.69 6.80
CA ILE A 70 3.33 -31.01 7.22
C ILE A 70 4.31 -31.53 8.27
N ARG A 71 5.61 -31.35 8.01
CA ARG A 71 6.60 -31.86 8.94
C ARG A 71 6.36 -31.28 10.34
N GLN A 72 6.03 -30.00 10.37
CA GLN A 72 5.89 -29.29 11.64
C GLN A 72 4.68 -29.78 12.43
N MET A 73 3.59 -30.06 11.73
CA MET A 73 2.41 -30.59 12.41
C MET A 73 2.70 -31.99 12.95
N ILE A 74 3.34 -32.84 12.11
CA ILE A 74 3.67 -34.20 12.49
C ILE A 74 4.53 -34.17 13.76
N THR A 75 5.63 -33.41 13.73
CA THR A 75 6.50 -33.28 14.91
C THR A 75 5.70 -32.79 16.12
N ALA A 76 4.81 -31.80 15.91
CA ALA A 76 4.12 -31.17 17.03
C ALA A 76 3.15 -32.14 17.71
N PHE A 77 2.43 -32.90 16.89
CA PHE A 77 1.43 -33.85 17.37
C PHE A 77 2.11 -34.97 18.14
N GLY A 78 3.27 -35.43 17.62
CA GLY A 78 4.09 -36.43 18.28
C GLY A 78 3.55 -37.86 18.13
N THR A 79 2.55 -38.07 17.26
CA THR A 79 1.90 -39.35 17.20
C THR A 79 2.45 -40.18 16.04
N GLY A 80 3.30 -39.58 15.19
CA GLY A 80 3.67 -40.24 13.95
C GLY A 80 2.46 -40.44 13.03
N ILE A 81 2.67 -41.05 11.85
CA ILE A 81 1.68 -40.99 10.79
C ILE A 81 1.37 -42.37 10.24
N GLY A 82 0.21 -42.49 9.56
CA GLY A 82 -0.20 -43.68 8.81
C GLY A 82 -0.25 -44.95 9.67
N GLY A 83 0.57 -45.94 9.30
CA GLY A 83 0.72 -47.19 10.02
C GLY A 83 1.29 -46.98 11.42
N ASP A 84 2.22 -46.02 11.56
CA ASP A 84 3.01 -45.92 12.79
C ASP A 84 2.32 -45.06 13.84
N PHE A 85 1.13 -44.58 13.49
CA PHE A 85 0.36 -43.75 14.38
C PHE A 85 0.22 -44.41 15.76
N ASP A 86 0.48 -43.65 16.83
CA ASP A 86 0.18 -44.07 18.17
C ASP A 86 -0.60 -42.96 18.89
N LEU A 87 -1.90 -43.19 19.13
CA LEU A 87 -2.79 -42.24 19.80
C LEU A 87 -2.26 -41.87 21.19
N ALA A 88 -1.52 -42.79 21.83
CA ALA A 88 -1.11 -42.60 23.21
C ALA A 88 0.01 -41.56 23.32
N LYS A 89 0.70 -41.36 22.21
CA LYS A 89 1.77 -40.36 22.17
C LYS A 89 1.24 -38.97 21.79
N ALA A 90 -0.07 -38.79 21.66
CA ALA A 90 -0.60 -37.47 21.36
C ALA A 90 -0.06 -36.45 22.37
N ARG A 91 0.50 -35.33 21.89
CA ARG A 91 0.98 -34.30 22.80
C ARG A 91 -0.16 -33.34 23.23
N TYR A 92 -1.25 -33.32 22.46
CA TYR A 92 -2.43 -32.53 22.77
C TYR A 92 -3.65 -33.40 22.55
N HIS A 93 -4.66 -33.24 23.42
CA HIS A 93 -5.89 -34.01 23.26
C HIS A 93 -6.95 -33.12 22.62
N LYS A 94 -6.58 -31.88 22.31
CA LYS A 94 -7.33 -30.99 21.43
C LYS A 94 -6.41 -30.39 20.36
N ILE A 95 -6.67 -30.75 19.09
CA ILE A 95 -6.11 -30.07 17.94
C ILE A 95 -7.26 -29.23 17.41
N VAL A 96 -7.10 -27.89 17.41
CA VAL A 96 -8.16 -26.99 17.00
C VAL A 96 -7.80 -26.28 15.71
N ILE A 97 -8.72 -26.38 14.71
CA ILE A 97 -8.51 -25.71 13.43
C ILE A 97 -9.12 -24.33 13.50
N MET A 98 -8.29 -23.30 13.29
CA MET A 98 -8.70 -21.92 13.46
C MET A 98 -8.35 -21.13 12.20
N THR A 99 -9.35 -20.94 11.32
CA THR A 99 -9.16 -20.18 10.10
C THR A 99 -10.06 -18.94 10.07
N ASP A 100 -9.84 -18.05 9.10
CA ASP A 100 -10.72 -16.90 8.87
C ASP A 100 -12.12 -17.39 8.53
N ALA A 101 -13.18 -16.65 8.85
CA ALA A 101 -14.50 -17.10 8.39
C ALA A 101 -14.72 -16.61 6.97
N ASP A 102 -13.94 -17.07 6.00
CA ASP A 102 -14.18 -16.66 4.63
C ASP A 102 -13.90 -17.87 3.75
N VAL A 103 -14.00 -17.64 2.45
CA VAL A 103 -13.95 -18.78 1.56
C VAL A 103 -12.54 -19.40 1.51
N ASP A 104 -11.50 -18.57 1.76
CA ASP A 104 -10.17 -19.12 1.77
C ASP A 104 -9.88 -19.87 3.08
N GLY A 105 -10.42 -19.35 4.20
CA GLY A 105 -10.37 -20.08 5.47
C GLY A 105 -11.12 -21.42 5.37
N ALA A 106 -12.23 -21.43 4.65
CA ALA A 106 -12.92 -22.69 4.39
C ALA A 106 -11.99 -23.70 3.70
N HIS A 107 -11.33 -23.26 2.64
CA HIS A 107 -10.49 -24.13 1.84
C HIS A 107 -9.36 -24.71 2.68
N ILE A 108 -8.76 -23.84 3.50
CA ILE A 108 -7.65 -24.25 4.34
C ILE A 108 -8.12 -25.36 5.29
N ARG A 109 -9.34 -25.17 5.78
CA ARG A 109 -9.97 -26.15 6.63
C ARG A 109 -10.18 -27.49 5.90
N THR A 110 -10.50 -27.43 4.58
CA THR A 110 -10.70 -28.69 3.90
C THR A 110 -9.36 -29.42 3.72
N LEU A 111 -8.30 -28.63 3.47
CA LEU A 111 -6.96 -29.12 3.25
C LEU A 111 -6.47 -29.79 4.53
N LEU A 112 -6.70 -29.12 5.66
CA LEU A 112 -6.34 -29.69 6.97
C LEU A 112 -7.07 -31.00 7.28
N LEU A 113 -8.39 -31.00 7.19
CA LEU A 113 -9.14 -32.23 7.46
C LEU A 113 -8.72 -33.35 6.52
N THR A 114 -8.48 -33.05 5.22
CA THR A 114 -7.95 -34.08 4.33
C THR A 114 -6.65 -34.69 4.86
N PHE A 115 -5.83 -33.83 5.46
CA PHE A 115 -4.54 -34.31 5.92
C PHE A 115 -4.76 -35.24 7.10
N PHE A 116 -5.55 -34.79 8.09
CA PHE A 116 -5.85 -35.63 9.24
C PHE A 116 -6.53 -36.93 8.82
N TYR A 117 -7.50 -36.85 7.89
CA TYR A 117 -8.22 -38.05 7.47
C TYR A 117 -7.26 -39.11 6.90
N ARG A 118 -6.28 -38.70 6.11
CA ARG A 118 -5.48 -39.63 5.33
C ARG A 118 -4.25 -40.09 6.09
N PHE A 119 -3.87 -39.39 7.16
CA PHE A 119 -2.59 -39.68 7.81
C PHE A 119 -2.74 -39.82 9.30
N MET A 120 -3.86 -39.36 9.84
CA MET A 120 -4.00 -39.39 11.28
C MET A 120 -5.46 -39.71 11.59
N ARG A 121 -6.02 -40.65 10.83
CA ARG A 121 -7.44 -40.94 10.96
C ARG A 121 -7.83 -41.16 12.42
N PRO A 122 -7.09 -41.98 13.21
CA PRO A 122 -7.53 -42.27 14.59
C PRO A 122 -7.68 -41.07 15.52
N LEU A 123 -6.97 -39.98 15.20
CA LEU A 123 -7.02 -38.73 15.94
C LEU A 123 -8.43 -38.15 15.81
N ILE A 124 -9.03 -38.32 14.63
CA ILE A 124 -10.40 -37.90 14.41
C ILE A 124 -11.34 -38.82 15.18
N GLU A 125 -11.11 -40.13 15.09
CA GLU A 125 -11.97 -41.14 15.69
C GLU A 125 -11.96 -40.94 17.20
N ALA A 126 -10.80 -40.55 17.76
CA ALA A 126 -10.65 -40.30 19.19
C ALA A 126 -11.31 -38.99 19.62
N GLY A 127 -11.67 -38.11 18.66
CA GLY A 127 -12.41 -36.91 18.99
C GLY A 127 -11.51 -35.79 19.50
N TYR A 128 -10.23 -35.87 19.10
CA TYR A 128 -9.23 -34.84 19.40
C TYR A 128 -9.29 -33.64 18.44
N VAL A 129 -10.00 -33.76 17.29
CA VAL A 129 -9.96 -32.74 16.24
C VAL A 129 -11.20 -31.83 16.28
N TYR A 130 -10.96 -30.52 16.42
CA TYR A 130 -12.02 -29.53 16.58
C TYR A 130 -11.88 -28.39 15.56
N ILE A 131 -12.98 -27.64 15.40
CA ILE A 131 -13.03 -26.45 14.57
C ILE A 131 -13.47 -25.25 15.40
N ALA A 132 -12.59 -24.26 15.51
CA ALA A 132 -12.85 -23.02 16.24
C ALA A 132 -13.93 -22.25 15.50
N GLN A 133 -14.58 -21.33 16.21
CA GLN A 133 -15.61 -20.51 15.59
C GLN A 133 -15.38 -19.04 15.94
N PRO A 134 -14.51 -18.34 15.19
CA PRO A 134 -14.24 -16.92 15.41
C PRO A 134 -15.46 -16.09 15.00
N PRO A 135 -15.59 -14.79 15.35
CA PRO A 135 -16.75 -13.98 14.93
C PRO A 135 -16.91 -13.92 13.41
N THR A 136 -18.14 -14.23 12.94
CA THR A 136 -18.39 -14.45 11.53
C THR A 136 -18.60 -13.12 10.81
N GLY A 137 -18.72 -11.99 11.53
CA GLY A 137 -18.82 -10.75 10.72
C GLY A 137 -17.52 -10.29 9.99
N TYR A 138 -17.20 -10.63 8.60
CA TYR A 138 -16.40 -10.35 7.34
C TYR A 138 -14.88 -10.22 7.56
N LYS A 139 -14.51 -10.00 8.82
CA LYS A 139 -13.17 -9.73 9.29
C LYS A 139 -12.44 -11.07 9.38
N GLY A 140 -11.18 -11.07 8.94
CA GLY A 140 -10.26 -12.18 9.15
C GLY A 140 -9.46 -12.10 10.45
N LEU A 141 -8.80 -13.22 10.80
CA LEU A 141 -8.13 -13.39 12.08
C LEU A 141 -7.03 -12.34 12.23
N GLY A 142 -6.34 -12.01 11.12
CA GLY A 142 -5.28 -11.00 11.08
C GLY A 142 -5.67 -9.59 11.54
N GLU A 143 -6.97 -9.29 11.68
CA GLU A 143 -7.48 -7.96 12.05
C GLU A 143 -8.08 -7.94 13.45
N MET A 144 -7.95 -9.03 14.19
CA MET A 144 -8.53 -9.00 15.52
C MET A 144 -7.46 -8.68 16.56
N ASN A 145 -7.91 -8.11 17.68
CA ASN A 145 -7.07 -7.86 18.85
C ASN A 145 -6.83 -9.18 19.55
N ALA A 146 -5.74 -9.27 20.32
CA ALA A 146 -5.43 -10.46 21.10
C ALA A 146 -6.52 -10.81 22.13
N ASP A 147 -7.04 -9.80 22.85
CA ASP A 147 -8.07 -10.06 23.84
C ASP A 147 -9.35 -10.56 23.18
N GLN A 148 -9.61 -10.11 21.93
CA GLN A 148 -10.83 -10.44 21.20
C GLN A 148 -10.82 -11.91 20.79
N LEU A 149 -9.66 -12.33 20.27
CA LEU A 149 -9.40 -13.69 19.86
C LEU A 149 -9.55 -14.60 21.06
N TRP A 150 -9.08 -14.12 22.22
CA TRP A 150 -9.19 -14.89 23.45
C TRP A 150 -10.65 -15.10 23.84
N GLU A 151 -11.41 -14.02 23.80
CA GLU A 151 -12.72 -14.01 24.44
C GLU A 151 -13.69 -14.91 23.67
N THR A 152 -13.52 -14.93 22.34
CA THR A 152 -14.55 -15.42 21.43
C THR A 152 -14.24 -16.85 20.98
N THR A 153 -12.97 -17.19 21.06
CA THR A 153 -12.48 -18.31 20.28
C THR A 153 -11.64 -19.26 21.12
N MET A 154 -10.83 -18.74 22.05
CA MET A 154 -9.84 -19.55 22.77
C MET A 154 -10.17 -19.81 24.24
N ASN A 155 -10.94 -18.90 24.88
CA ASN A 155 -11.35 -19.03 26.27
C ASN A 155 -12.35 -20.16 26.42
N PRO A 156 -12.01 -21.20 27.23
CA PRO A 156 -12.92 -22.33 27.48
C PRO A 156 -14.29 -21.98 28.06
N GLU A 157 -14.40 -20.81 28.69
N GLU A 157 -14.42 -20.81 28.69
CA GLU A 157 -15.63 -20.33 29.32
CA GLU A 157 -15.69 -20.42 29.30
C GLU A 157 -16.67 -19.90 28.28
C GLU A 157 -16.69 -19.92 28.26
N HIS A 158 -16.22 -19.33 27.15
CA HIS A 158 -17.17 -18.70 26.22
C HIS A 158 -17.09 -19.31 24.83
N ARG A 159 -15.99 -20.00 24.52
CA ARG A 159 -15.76 -20.43 23.14
C ARG A 159 -16.71 -21.57 22.81
N ALA A 160 -17.15 -21.65 21.56
CA ALA A 160 -17.85 -22.80 21.02
C ALA A 160 -16.97 -23.51 19.97
N LEU A 161 -16.37 -24.63 20.36
CA LEU A 161 -15.63 -25.51 19.48
C LEU A 161 -16.59 -26.54 18.87
N LEU A 162 -16.33 -26.97 17.63
CA LEU A 162 -17.06 -28.12 17.12
C LEU A 162 -16.12 -29.30 17.14
N GLN A 163 -16.59 -30.40 17.71
CA GLN A 163 -15.86 -31.64 17.63
C GLN A 163 -16.14 -32.28 16.27
N VAL A 164 -15.11 -32.77 15.59
CA VAL A 164 -15.31 -33.30 14.24
C VAL A 164 -15.59 -34.78 14.41
N LYS A 165 -16.80 -35.26 14.03
CA LYS A 165 -17.11 -36.70 14.19
C LYS A 165 -17.09 -37.38 12.82
N LEU A 166 -16.40 -38.53 12.75
CA LEU A 166 -16.44 -39.43 11.62
C LEU A 166 -17.54 -40.46 11.85
N GLU A 167 -18.41 -40.70 10.86
CA GLU A 167 -19.59 -41.49 11.09
C GLU A 167 -19.56 -42.67 10.14
N ASP A 168 -19.82 -42.43 8.86
CA ASP A 168 -19.74 -43.46 7.86
C ASP A 168 -18.41 -43.29 7.11
N ALA A 169 -17.49 -44.26 7.30
CA ALA A 169 -16.15 -44.13 6.75
C ALA A 169 -16.08 -44.43 5.24
N ILE A 170 -16.99 -45.25 4.71
CA ILE A 170 -17.11 -45.43 3.27
C ILE A 170 -17.50 -44.08 2.63
N GLU A 171 -18.47 -43.40 3.25
CA GLU A 171 -18.98 -42.13 2.73
C GLU A 171 -17.88 -41.05 2.81
N ALA A 172 -17.03 -41.14 3.84
CA ALA A 172 -15.93 -40.20 4.02
C ALA A 172 -14.85 -40.39 2.95
N ASP A 173 -14.48 -41.64 2.64
CA ASP A 173 -13.53 -41.93 1.59
C ASP A 173 -14.02 -41.35 0.27
N GLN A 174 -15.30 -41.58 -0.05
CA GLN A 174 -15.79 -41.16 -1.34
C GLN A 174 -15.76 -39.65 -1.38
N THR A 175 -16.09 -39.02 -0.25
CA THR A 175 -16.14 -37.56 -0.16
C THR A 175 -14.74 -36.97 -0.37
N PHE A 176 -13.75 -37.50 0.36
CA PHE A 176 -12.39 -36.99 0.26
C PHE A 176 -11.86 -37.17 -1.15
N GLU A 177 -12.25 -38.26 -1.80
CA GLU A 177 -11.70 -38.58 -3.10
C GLU A 177 -12.35 -37.68 -4.15
N MET A 178 -13.65 -37.46 -4.01
CA MET A 178 -14.35 -36.65 -4.99
C MET A 178 -13.92 -35.19 -4.88
N LEU A 179 -13.85 -34.62 -3.65
CA LEU A 179 -13.58 -33.20 -3.54
C LEU A 179 -12.10 -32.90 -3.71
N MET A 180 -11.19 -33.77 -3.25
CA MET A 180 -9.81 -33.33 -3.17
C MET A 180 -8.90 -34.10 -4.12
N GLY A 181 -9.41 -35.18 -4.74
CA GLY A 181 -8.60 -36.02 -5.62
C GLY A 181 -8.26 -35.41 -7.00
N ASP A 182 -7.60 -36.16 -7.87
CA ASP A 182 -7.12 -35.60 -9.13
C ASP A 182 -8.22 -35.48 -10.22
N VAL A 183 -9.28 -36.28 -10.15
CA VAL A 183 -10.29 -36.33 -11.21
C VAL A 183 -11.25 -35.12 -11.13
N VAL A 184 -11.09 -34.19 -12.07
CA VAL A 184 -11.80 -32.93 -12.02
C VAL A 184 -13.28 -33.15 -12.27
N GLU A 185 -13.64 -34.07 -13.15
CA GLU A 185 -15.03 -34.18 -13.62
C GLU A 185 -16.02 -34.45 -12.48
N ASN A 186 -15.59 -35.25 -11.50
CA ASN A 186 -16.38 -35.62 -10.35
C ASN A 186 -16.57 -34.41 -9.43
N ARG A 187 -15.51 -33.60 -9.37
CA ARG A 187 -15.53 -32.37 -8.58
C ARG A 187 -16.49 -31.38 -9.24
N ARG A 188 -16.34 -31.16 -10.56
CA ARG A 188 -17.20 -30.27 -11.29
C ARG A 188 -18.67 -30.70 -11.17
N GLN A 189 -18.95 -31.99 -11.29
CA GLN A 189 -20.34 -32.46 -11.16
C GLN A 189 -20.91 -32.15 -9.77
N PHE A 190 -20.10 -32.23 -8.72
CA PHE A 190 -20.59 -31.91 -7.39
C PHE A 190 -21.00 -30.43 -7.27
N ILE A 191 -20.18 -29.55 -7.84
CA ILE A 191 -20.39 -28.13 -7.72
C ILE A 191 -21.70 -27.80 -8.44
N GLU A 192 -21.85 -28.33 -9.67
CA GLU A 192 -23.04 -28.09 -10.47
C GLU A 192 -24.29 -28.52 -9.71
N ASP A 193 -24.22 -29.72 -9.12
CA ASP A 193 -25.39 -30.30 -8.48
C ASP A 193 -25.79 -29.47 -7.26
N ASN A 194 -24.82 -28.92 -6.54
CA ASN A 194 -25.10 -28.33 -5.24
C ASN A 194 -25.07 -26.81 -5.31
N ALA A 195 -24.86 -26.23 -6.49
CA ALA A 195 -24.65 -24.80 -6.65
C ALA A 195 -25.86 -23.97 -6.23
N VAL A 196 -27.05 -24.51 -6.47
CA VAL A 196 -28.28 -23.88 -5.98
C VAL A 196 -28.12 -23.57 -4.48
N TYR A 197 -27.70 -24.59 -3.70
CA TYR A 197 -27.39 -24.52 -2.27
C TYR A 197 -26.38 -23.41 -1.98
N ILE B 8 -25.25 -29.38 18.76
CA ILE B 8 -24.77 -28.26 17.89
C ILE B 8 -23.25 -28.06 18.05
N ASN B 9 -22.60 -28.84 18.94
CA ASN B 9 -21.17 -28.73 19.17
C ASN B 9 -20.42 -29.91 18.55
N GLU B 10 -21.11 -30.67 17.70
CA GLU B 10 -20.49 -31.75 16.97
C GLU B 10 -20.73 -31.53 15.49
N ARG B 11 -19.74 -31.86 14.65
CA ARG B 11 -19.87 -31.65 13.21
C ARG B 11 -19.44 -32.91 12.48
N ASN B 12 -20.29 -33.40 11.59
CA ASN B 12 -19.91 -34.59 10.84
C ASN B 12 -18.88 -34.23 9.76
N ILE B 13 -17.81 -35.02 9.65
CA ILE B 13 -16.71 -34.67 8.77
C ILE B 13 -17.12 -34.59 7.30
N THR B 14 -18.01 -35.47 6.85
CA THR B 14 -18.50 -35.43 5.49
C THR B 14 -19.26 -34.13 5.21
N SER B 15 -20.15 -33.72 6.14
CA SER B 15 -20.91 -32.48 5.97
C SER B 15 -20.02 -31.26 5.90
N GLU B 16 -19.00 -31.25 6.77
CA GLU B 16 -18.11 -30.12 6.86
C GLU B 16 -17.33 -29.97 5.56
N MET B 17 -16.83 -31.10 5.05
CA MET B 17 -16.04 -31.10 3.85
C MET B 17 -16.90 -30.61 2.70
N ARG B 18 -18.09 -31.19 2.51
CA ARG B 18 -19.02 -30.81 1.47
C ARG B 18 -19.36 -29.31 1.54
N GLU B 19 -19.66 -28.77 2.74
CA GLU B 19 -20.11 -27.39 2.86
C GLU B 19 -18.94 -26.44 2.62
N SER B 20 -17.80 -26.77 3.20
CA SER B 20 -16.65 -25.87 3.17
C SER B 20 -16.10 -25.76 1.74
N PHE B 21 -15.97 -26.93 1.12
CA PHE B 21 -15.48 -27.02 -0.23
C PHE B 21 -16.36 -26.23 -1.20
N LEU B 22 -17.67 -26.39 -1.07
CA LEU B 22 -18.63 -25.83 -2.01
C LEU B 22 -18.69 -24.32 -1.81
N ASP B 23 -18.48 -23.85 -0.57
CA ASP B 23 -18.38 -22.41 -0.35
C ASP B 23 -17.18 -21.87 -1.12
N TYR B 24 -16.05 -22.59 -1.08
CA TYR B 24 -14.83 -22.13 -1.69
C TYR B 24 -14.95 -22.21 -3.22
N ALA B 25 -15.38 -23.37 -3.70
CA ALA B 25 -15.45 -23.62 -5.13
C ALA B 25 -16.35 -22.59 -5.81
N MET B 26 -17.52 -22.36 -5.21
CA MET B 26 -18.51 -21.47 -5.81
C MET B 26 -17.96 -20.04 -5.86
N SER B 27 -17.21 -19.66 -4.84
CA SER B 27 -16.67 -18.33 -4.69
C SER B 27 -15.60 -18.07 -5.76
N VAL B 28 -14.76 -19.09 -6.03
CA VAL B 28 -13.70 -18.94 -6.99
C VAL B 28 -14.29 -18.83 -8.39
N ILE B 29 -15.33 -19.61 -8.70
CA ILE B 29 -16.04 -19.56 -9.98
C ILE B 29 -16.73 -18.19 -10.24
N VAL B 30 -17.54 -17.71 -9.29
CA VAL B 30 -18.34 -16.50 -9.44
C VAL B 30 -17.69 -15.25 -9.00
N ALA B 31 -16.58 -15.36 -8.25
CA ALA B 31 -16.08 -14.17 -7.57
C ALA B 31 -14.55 -14.11 -7.53
N ARG B 32 -13.88 -14.79 -8.46
CA ARG B 32 -12.44 -14.68 -8.51
C ARG B 32 -11.90 -14.91 -9.92
N ALA B 33 -12.05 -16.12 -10.48
CA ALA B 33 -11.24 -16.61 -11.58
C ALA B 33 -11.85 -16.43 -12.98
N LEU B 34 -13.16 -16.20 -13.09
CA LEU B 34 -13.80 -16.22 -14.39
C LEU B 34 -14.34 -14.83 -14.73
N PRO B 35 -14.17 -14.38 -16.01
CA PRO B 35 -14.74 -13.07 -16.41
C PRO B 35 -16.22 -13.09 -16.62
N ASP B 36 -16.91 -11.96 -16.48
CA ASP B 36 -18.31 -11.77 -16.85
C ASP B 36 -18.43 -11.60 -18.36
N VAL B 37 -19.36 -12.26 -19.00
CA VAL B 37 -19.51 -12.23 -20.43
C VAL B 37 -19.86 -10.82 -20.89
N ARG B 38 -20.47 -9.99 -20.00
CA ARG B 38 -20.93 -8.64 -20.32
C ARG B 38 -19.79 -7.64 -20.44
N ASP B 39 -18.83 -7.61 -19.50
CA ASP B 39 -17.78 -6.61 -19.65
C ASP B 39 -16.38 -7.21 -19.77
N GLY B 40 -16.29 -8.54 -19.76
CA GLY B 40 -15.00 -9.20 -19.93
C GLY B 40 -14.10 -9.20 -18.69
N LEU B 41 -14.65 -8.83 -17.53
CA LEU B 41 -13.83 -8.60 -16.35
C LEU B 41 -14.11 -9.60 -15.24
N LYS B 42 -13.06 -9.81 -14.46
CA LYS B 42 -13.03 -10.53 -13.19
C LYS B 42 -13.17 -9.49 -12.08
N PRO B 43 -13.75 -9.89 -10.92
CA PRO B 43 -13.89 -8.96 -9.80
C PRO B 43 -12.70 -8.05 -9.56
N VAL B 44 -11.47 -8.58 -9.58
CA VAL B 44 -10.36 -7.73 -9.19
C VAL B 44 -10.15 -6.61 -10.21
N HIS B 45 -10.34 -6.89 -11.51
CA HIS B 45 -10.09 -5.94 -12.58
C HIS B 45 -11.13 -4.83 -12.57
N ARG B 46 -12.37 -5.27 -12.34
CA ARG B 46 -13.51 -4.38 -12.25
C ARG B 46 -13.33 -3.38 -11.10
N ARG B 47 -12.80 -3.87 -9.97
CA ARG B 47 -12.57 -3.01 -8.82
C ARG B 47 -11.43 -2.05 -9.09
N ILE B 48 -10.46 -2.46 -9.91
CA ILE B 48 -9.34 -1.59 -10.17
C ILE B 48 -9.81 -0.43 -11.03
N LEU B 49 -10.52 -0.76 -12.12
CA LEU B 49 -10.96 0.26 -13.06
C LEU B 49 -11.95 1.23 -12.38
N TYR B 50 -12.86 0.66 -11.57
CA TYR B 50 -13.90 1.44 -10.92
C TYR B 50 -13.25 2.37 -9.92
N GLY B 51 -12.19 1.88 -9.27
CA GLY B 51 -11.37 2.65 -8.36
C GLY B 51 -10.71 3.81 -9.09
N LEU B 52 -10.18 3.57 -10.30
CA LEU B 52 -9.50 4.62 -11.03
C LEU B 52 -10.55 5.64 -11.42
N ASN B 53 -11.79 5.17 -11.59
CA ASN B 53 -12.83 6.08 -12.03
C ASN B 53 -13.23 6.98 -10.87
N GLU B 54 -13.44 6.34 -9.72
CA GLU B 54 -13.93 6.92 -8.48
C GLU B 54 -12.84 7.79 -7.87
N GLN B 55 -11.64 7.78 -8.43
CA GLN B 55 -10.54 8.57 -7.90
C GLN B 55 -10.22 9.63 -8.94
N GLY B 56 -11.05 9.71 -9.98
CA GLY B 56 -10.89 10.61 -11.11
C GLY B 56 -9.53 10.50 -11.80
N MET B 57 -9.03 9.28 -11.95
CA MET B 57 -7.73 8.98 -12.53
C MET B 57 -7.83 8.81 -14.04
N THR B 58 -8.36 9.85 -14.71
CA THR B 58 -8.72 9.81 -16.12
C THR B 58 -7.51 10.17 -16.96
N PRO B 59 -7.54 10.04 -18.31
CA PRO B 59 -6.32 10.24 -19.11
C PRO B 59 -5.80 11.67 -19.20
N ASP B 60 -6.70 12.62 -18.98
CA ASP B 60 -6.42 14.04 -19.02
C ASP B 60 -5.71 14.44 -17.72
N LYS B 61 -6.01 13.72 -16.63
CA LYS B 61 -5.42 13.99 -15.32
C LYS B 61 -4.10 13.25 -15.23
N SER B 62 -3.19 13.68 -14.36
CA SER B 62 -1.86 13.09 -14.33
C SER B 62 -1.82 11.79 -13.51
N TYR B 63 -0.70 11.04 -13.63
CA TYR B 63 -0.60 9.72 -13.01
C TYR B 63 -0.64 9.84 -11.49
N LYS B 64 -1.16 8.79 -10.84
CA LYS B 64 -1.14 8.57 -9.41
C LYS B 64 -0.19 7.43 -9.00
N LYS B 65 0.41 7.54 -7.82
CA LYS B 65 1.23 6.45 -7.27
C LYS B 65 0.41 5.17 -7.17
N SER B 66 0.92 4.10 -7.79
CA SER B 66 0.32 2.77 -7.72
C SER B 66 -0.11 2.35 -6.31
N ALA B 67 0.73 2.59 -5.30
CA ALA B 67 0.45 2.17 -3.93
C ALA B 67 -0.84 2.82 -3.42
N ARG B 68 -1.09 4.07 -3.83
CA ARG B 68 -2.29 4.79 -3.41
C ARG B 68 -3.51 4.17 -4.10
N ILE B 69 -3.31 3.80 -5.37
CA ILE B 69 -4.39 3.30 -6.19
C ILE B 69 -4.82 1.95 -5.62
N VAL B 70 -3.80 1.13 -5.34
CA VAL B 70 -3.97 -0.23 -4.85
C VAL B 70 -4.52 -0.19 -3.41
N GLY B 71 -4.03 0.74 -2.59
CA GLY B 71 -4.42 0.73 -1.19
C GLY B 71 -5.90 1.09 -1.10
N ASP B 72 -6.32 1.90 -2.06
CA ASP B 72 -7.65 2.49 -2.08
C ASP B 72 -8.63 1.38 -2.44
N VAL B 73 -8.20 0.58 -3.43
CA VAL B 73 -8.96 -0.54 -3.96
C VAL B 73 -9.16 -1.67 -2.92
N MET B 74 -8.06 -2.10 -2.27
CA MET B 74 -8.03 -3.16 -1.29
C MET B 74 -8.87 -2.77 -0.09
N GLY B 75 -8.85 -1.48 0.26
CA GLY B 75 -9.65 -0.97 1.37
C GLY B 75 -11.14 -0.87 1.08
N LYS B 76 -11.52 -0.29 -0.07
CA LYS B 76 -12.91 -0.04 -0.41
C LYS B 76 -13.60 -1.25 -1.05
N TYR B 77 -12.89 -2.08 -1.85
CA TYR B 77 -13.64 -3.00 -2.67
C TYR B 77 -13.08 -4.43 -2.68
N HIS B 78 -11.76 -4.59 -2.51
CA HIS B 78 -11.12 -5.88 -2.74
C HIS B 78 -10.39 -6.39 -1.50
N PRO B 79 -11.03 -7.12 -0.56
CA PRO B 79 -10.36 -7.51 0.69
C PRO B 79 -9.42 -8.72 0.56
N HIS B 80 -8.39 -8.57 -0.28
CA HIS B 80 -7.40 -9.59 -0.56
C HIS B 80 -6.02 -8.93 -0.50
N GLY B 81 -4.91 -9.70 -0.53
CA GLY B 81 -3.58 -9.09 -0.57
C GLY B 81 -3.40 -8.12 -1.74
N ASP B 82 -2.57 -7.09 -1.50
CA ASP B 82 -2.22 -6.03 -2.41
C ASP B 82 -1.48 -6.57 -3.64
N SER B 83 -0.72 -7.65 -3.48
CA SER B 83 0.04 -8.17 -4.61
C SER B 83 -0.90 -8.75 -5.67
N SER B 84 -2.00 -9.37 -5.23
CA SER B 84 -3.07 -9.79 -6.14
C SER B 84 -3.58 -8.61 -7.00
N ILE B 85 -3.88 -7.48 -6.34
CA ILE B 85 -4.36 -6.26 -6.95
C ILE B 85 -3.27 -5.66 -7.85
N TYR B 86 -2.06 -5.47 -7.33
CA TYR B 86 -1.07 -4.76 -8.11
C TYR B 86 -0.66 -5.55 -9.37
N GLU B 87 -0.63 -6.88 -9.25
CA GLU B 87 -0.17 -7.67 -10.39
C GLU B 87 -1.22 -7.63 -11.49
N ALA B 88 -2.49 -7.61 -11.06
CA ALA B 88 -3.61 -7.54 -11.98
C ALA B 88 -3.55 -6.21 -12.72
N MET B 89 -3.16 -5.15 -11.99
CA MET B 89 -3.19 -3.80 -12.55
C MET B 89 -2.04 -3.66 -13.55
N VAL B 90 -0.90 -4.27 -13.24
CA VAL B 90 0.30 -4.28 -14.05
C VAL B 90 0.07 -4.89 -15.44
N ARG B 91 -0.56 -6.06 -15.49
N ARG B 91 -0.56 -6.07 -15.50
CA ARG B 91 -0.86 -6.77 -16.74
CA ARG B 91 -0.88 -6.79 -16.73
C ARG B 91 -1.77 -5.91 -17.62
C ARG B 91 -1.76 -5.90 -17.61
N MET B 92 -2.73 -5.21 -17.01
CA MET B 92 -3.61 -4.33 -17.77
C MET B 92 -2.80 -3.19 -18.40
N ALA B 93 -1.56 -2.97 -17.96
CA ALA B 93 -0.80 -1.88 -18.56
C ALA B 93 0.20 -2.36 -19.62
N GLN B 94 0.32 -3.67 -19.82
CA GLN B 94 1.39 -4.19 -20.63
C GLN B 94 0.86 -4.39 -22.03
N ASP B 95 1.59 -3.82 -23.01
CA ASP B 95 1.08 -3.94 -24.36
C ASP B 95 1.37 -5.33 -24.96
N PHE B 96 2.15 -6.17 -24.24
CA PHE B 96 2.33 -7.53 -24.74
C PHE B 96 1.37 -8.50 -24.06
N SER B 97 0.58 -8.07 -23.06
CA SER B 97 -0.45 -8.91 -22.50
C SER B 97 -1.83 -8.49 -22.98
N TYR B 98 -2.07 -7.17 -23.14
CA TYR B 98 -3.39 -6.69 -23.45
C TYR B 98 -3.40 -6.13 -24.89
N ARG B 99 -4.29 -6.73 -25.70
CA ARG B 99 -4.51 -6.27 -27.05
C ARG B 99 -4.95 -4.81 -27.02
N TYR B 100 -5.72 -4.41 -26.02
CA TYR B 100 -6.20 -3.06 -25.88
C TYR B 100 -5.98 -2.71 -24.42
N PRO B 101 -4.81 -2.13 -24.09
CA PRO B 101 -4.45 -1.91 -22.69
C PRO B 101 -5.48 -1.05 -21.97
N LEU B 102 -5.82 -1.44 -20.71
CA LEU B 102 -6.84 -0.76 -19.92
C LEU B 102 -6.19 0.24 -18.98
N VAL B 103 -4.91 0.07 -18.70
CA VAL B 103 -4.22 0.94 -17.77
C VAL B 103 -3.00 1.56 -18.43
N ASP B 104 -2.76 2.81 -18.09
CA ASP B 104 -1.65 3.54 -18.65
C ASP B 104 -0.62 3.70 -17.55
N GLY B 105 0.51 3.00 -17.68
CA GLY B 105 1.56 2.92 -16.68
C GLY B 105 2.70 3.93 -16.90
N GLN B 106 3.28 4.38 -15.78
CA GLN B 106 4.47 5.22 -15.74
C GLN B 106 5.52 4.53 -14.86
N GLY B 107 6.61 4.11 -15.50
CA GLY B 107 7.60 3.30 -14.78
C GLY B 107 7.90 1.98 -15.47
N ASN B 108 8.77 1.19 -14.87
CA ASN B 108 9.02 -0.14 -15.38
C ASN B 108 7.79 -1.02 -15.10
N PHE B 109 7.04 -1.35 -16.17
CA PHE B 109 5.85 -2.17 -15.95
C PHE B 109 6.05 -3.60 -16.43
N GLY B 110 7.32 -3.98 -16.65
CA GLY B 110 7.67 -5.36 -16.96
C GLY B 110 8.07 -5.53 -18.40
N SER B 111 8.56 -6.72 -18.75
CA SER B 111 8.84 -7.00 -20.15
C SER B 111 8.42 -8.44 -20.50
N MET B 112 8.63 -8.75 -21.79
CA MET B 112 8.34 -10.04 -22.42
C MET B 112 9.22 -11.14 -21.86
N ASP B 113 10.28 -10.74 -21.14
CA ASP B 113 11.22 -11.66 -20.56
C ASP B 113 10.72 -12.15 -19.21
N GLY B 114 9.57 -11.64 -18.77
CA GLY B 114 8.98 -12.04 -17.50
C GLY B 114 9.70 -11.38 -16.32
N ASP B 115 10.58 -10.39 -16.62
CA ASP B 115 10.91 -9.26 -15.79
C ASP B 115 9.61 -8.74 -15.16
N GLY B 116 9.54 -8.74 -13.83
CA GLY B 116 8.33 -8.18 -13.25
C GLY B 116 8.32 -6.65 -13.37
N ALA B 117 7.19 -6.04 -12.97
CA ALA B 117 7.17 -4.60 -12.80
C ALA B 117 8.08 -4.17 -11.65
N ALA B 118 8.50 -2.89 -11.66
CA ALA B 118 8.97 -2.19 -10.47
C ALA B 118 7.97 -2.34 -9.30
N ALA B 119 8.46 -2.26 -8.04
CA ALA B 119 7.59 -2.45 -6.87
C ALA B 119 6.55 -1.35 -6.89
N MET B 120 5.40 -1.56 -6.24
CA MET B 120 4.26 -0.65 -6.38
C MET B 120 4.55 0.78 -5.87
N ARG B 121 5.55 0.93 -4.98
CA ARG B 121 6.05 2.22 -4.53
C ARG B 121 6.79 3.01 -5.61
N TYR B 122 7.18 2.36 -6.71
CA TYR B 122 7.95 3.01 -7.77
C TYR B 122 7.08 3.46 -8.94
N THR B 123 5.87 2.90 -9.05
CA THR B 123 5.13 2.99 -10.30
C THR B 123 3.93 3.91 -10.15
N GLU B 124 3.37 4.35 -11.29
CA GLU B 124 2.26 5.26 -11.29
C GLU B 124 1.36 4.83 -12.43
N ALA B 125 0.06 5.20 -12.40
CA ALA B 125 -0.91 4.63 -13.33
C ALA B 125 -2.11 5.58 -13.46
N ARG B 126 -2.82 5.50 -14.61
CA ARG B 126 -4.16 6.02 -14.80
C ARG B 126 -4.90 5.18 -15.86
N MET B 127 -6.15 5.57 -16.19
CA MET B 127 -6.88 4.98 -17.31
C MET B 127 -6.22 5.28 -18.64
N THR B 128 -6.26 4.32 -19.56
CA THR B 128 -6.11 4.64 -20.97
C THR B 128 -7.42 5.26 -21.46
N LYS B 129 -7.35 5.83 -22.66
CA LYS B 129 -8.50 6.38 -23.33
C LYS B 129 -9.57 5.31 -23.56
N ILE B 130 -9.19 4.13 -24.03
CA ILE B 130 -10.22 3.15 -24.28
C ILE B 130 -10.93 2.77 -22.99
N THR B 131 -10.25 2.84 -21.83
CA THR B 131 -10.92 2.47 -20.59
C THR B 131 -12.10 3.38 -20.26
N LEU B 132 -12.03 4.65 -20.66
CA LEU B 132 -13.17 5.54 -20.53
C LEU B 132 -14.41 4.94 -21.20
N GLU B 133 -14.21 4.18 -22.31
CA GLU B 133 -15.32 3.51 -22.97
C GLU B 133 -15.95 2.39 -22.14
N LEU B 134 -15.16 1.75 -21.26
CA LEU B 134 -15.72 0.73 -20.38
C LEU B 134 -16.59 1.36 -19.29
N LEU B 135 -16.23 2.59 -18.87
CA LEU B 135 -16.85 3.27 -17.74
C LEU B 135 -17.93 4.26 -18.16
N ARG B 136 -17.96 4.61 -19.44
CA ARG B 136 -18.90 5.59 -19.97
C ARG B 136 -20.35 5.26 -19.59
N ASP B 137 -20.99 6.17 -18.86
CA ASP B 137 -22.42 6.09 -18.52
C ASP B 137 -22.65 5.30 -17.24
N ILE B 138 -21.58 5.07 -16.47
CA ILE B 138 -21.70 4.27 -15.26
C ILE B 138 -22.54 5.05 -14.24
N ASN B 139 -22.60 6.39 -14.38
CA ASN B 139 -23.30 7.21 -13.42
C ASN B 139 -24.68 7.60 -13.90
N LYS B 140 -25.29 6.81 -14.80
CA LYS B 140 -26.60 7.18 -15.31
C LYS B 140 -27.53 5.97 -15.23
N ASP B 141 -27.43 5.26 -14.12
CA ASP B 141 -28.29 4.14 -13.85
C ASP B 141 -28.29 3.12 -15.00
N THR B 142 -27.10 2.84 -15.54
CA THR B 142 -27.00 1.91 -16.65
C THR B 142 -26.80 0.50 -16.09
N ILE B 143 -26.10 0.41 -14.97
CA ILE B 143 -25.74 -0.89 -14.42
C ILE B 143 -26.15 -0.95 -12.95
N ASP B 144 -26.38 -2.16 -12.41
CA ASP B 144 -26.77 -2.23 -11.00
C ASP B 144 -25.56 -2.14 -10.08
N PHE B 145 -25.66 -1.25 -9.08
CA PHE B 145 -24.70 -1.19 -7.98
C PHE B 145 -25.07 -2.18 -6.88
N ILE B 146 -24.05 -2.61 -6.13
CA ILE B 146 -24.25 -3.51 -5.00
C ILE B 146 -23.39 -3.00 -3.85
N ASP B 147 -23.67 -3.59 -2.69
CA ASP B 147 -22.92 -3.31 -1.47
C ASP B 147 -21.50 -3.85 -1.61
N ASN B 148 -20.50 -3.10 -1.14
CA ASN B 148 -19.17 -3.66 -1.07
C ASN B 148 -19.13 -4.77 0.02
N TYR B 149 -17.99 -5.46 0.16
CA TYR B 149 -17.79 -6.51 1.16
C TYR B 149 -18.14 -6.15 2.62
N ASP B 150 -17.95 -4.89 3.05
CA ASP B 150 -18.07 -4.55 4.46
C ASP B 150 -19.35 -3.75 4.70
N GLY B 151 -20.09 -3.38 3.65
CA GLY B 151 -21.28 -2.57 3.82
C GLY B 151 -21.04 -1.05 3.86
N ASN B 152 -19.78 -0.59 3.70
CA ASN B 152 -19.47 0.83 3.78
C ASN B 152 -19.49 1.54 2.44
N GLU B 153 -19.59 0.78 1.34
CA GLU B 153 -19.43 1.36 0.02
C GLU B 153 -20.39 0.66 -0.94
N ARG B 154 -20.48 1.27 -2.13
CA ARG B 154 -21.17 0.69 -3.28
C ARG B 154 -20.10 0.41 -4.34
N GLU B 155 -20.31 -0.69 -5.06
CA GLU B 155 -19.41 -1.06 -6.16
C GLU B 155 -20.27 -1.53 -7.35
N PRO B 156 -19.81 -1.39 -8.60
CA PRO B 156 -20.59 -1.83 -9.76
C PRO B 156 -20.62 -3.36 -9.89
N SER B 157 -21.78 -3.94 -10.20
CA SER B 157 -21.84 -5.38 -10.38
C SER B 157 -21.27 -5.76 -11.75
N VAL B 158 -21.32 -4.83 -12.74
CA VAL B 158 -20.81 -4.99 -14.11
C VAL B 158 -20.51 -3.59 -14.64
N LEU B 159 -19.59 -3.42 -15.60
CA LEU B 159 -19.35 -2.10 -16.19
C LEU B 159 -20.15 -1.96 -17.48
N PRO B 160 -20.49 -0.72 -17.89
CA PRO B 160 -21.23 -0.49 -19.14
C PRO B 160 -20.57 -1.09 -20.38
N ALA B 161 -19.23 -1.03 -20.45
CA ALA B 161 -18.49 -1.79 -21.46
C ALA B 161 -18.96 -1.44 -22.87
N ARG B 162 -18.70 -0.21 -23.28
CA ARG B 162 -19.17 0.25 -24.57
C ARG B 162 -18.44 -0.39 -25.76
N PHE B 163 -17.33 -1.14 -25.53
CA PHE B 163 -16.79 -2.04 -26.56
C PHE B 163 -16.73 -3.48 -26.04
N PRO B 164 -16.76 -4.52 -26.92
CA PRO B 164 -16.78 -5.95 -26.51
C PRO B 164 -15.46 -6.47 -25.90
N ASN B 165 -15.29 -6.20 -24.61
CA ASN B 165 -13.98 -6.32 -24.02
C ASN B 165 -13.64 -7.79 -23.72
N LEU B 166 -14.64 -8.65 -23.50
CA LEU B 166 -14.31 -10.04 -23.26
C LEU B 166 -13.48 -10.65 -24.40
N LEU B 167 -14.05 -10.56 -25.61
CA LEU B 167 -13.34 -11.09 -26.76
C LEU B 167 -12.15 -10.19 -27.13
N ALA B 168 -12.20 -8.86 -26.85
CA ALA B 168 -11.14 -7.99 -27.37
C ALA B 168 -9.80 -8.28 -26.64
N ASN B 169 -9.85 -8.40 -25.32
CA ASN B 169 -8.62 -8.56 -24.58
C ASN B 169 -8.47 -10.01 -24.11
N GLY B 170 -9.56 -10.78 -24.20
CA GLY B 170 -9.41 -12.20 -23.91
C GLY B 170 -9.38 -12.41 -22.41
N ALA B 171 -9.35 -13.66 -21.96
CA ALA B 171 -9.28 -13.96 -20.54
C ALA B 171 -8.57 -15.30 -20.33
N SER B 172 -7.92 -15.49 -19.19
CA SER B 172 -7.43 -16.79 -18.73
C SER B 172 -7.53 -16.88 -17.21
N GLY B 173 -8.10 -18.01 -16.75
CA GLY B 173 -8.36 -18.24 -15.35
C GLY B 173 -8.40 -19.73 -14.99
N ILE B 174 -7.70 -20.07 -13.91
CA ILE B 174 -7.88 -21.39 -13.34
C ILE B 174 -8.87 -21.24 -12.20
N ALA B 175 -9.99 -21.97 -12.25
CA ALA B 175 -10.98 -21.87 -11.20
C ALA B 175 -11.01 -23.16 -10.37
N VAL B 176 -12.18 -23.58 -9.93
CA VAL B 176 -12.25 -24.89 -9.31
C VAL B 176 -13.21 -25.69 -10.16
N GLY B 177 -12.81 -26.88 -10.63
CA GLY B 177 -13.77 -27.64 -11.41
C GLY B 177 -13.75 -27.25 -12.89
N MET B 178 -13.09 -26.14 -13.28
CA MET B 178 -12.91 -25.81 -14.68
C MET B 178 -11.89 -24.67 -14.80
N ALA B 179 -11.55 -24.32 -16.05
CA ALA B 179 -10.74 -23.13 -16.26
C ALA B 179 -11.30 -22.31 -17.42
N THR B 180 -10.72 -21.16 -17.71
CA THR B 180 -11.15 -20.45 -18.91
C THR B 180 -9.92 -20.01 -19.68
N ASN B 181 -10.04 -20.01 -21.02
CA ASN B 181 -8.91 -19.56 -21.84
C ASN B 181 -9.51 -18.98 -23.12
N ILE B 182 -9.65 -17.65 -23.20
CA ILE B 182 -10.25 -16.95 -24.34
C ILE B 182 -9.19 -16.05 -24.98
N PRO B 183 -8.85 -16.22 -26.27
CA PRO B 183 -7.79 -15.41 -26.89
C PRO B 183 -8.33 -14.03 -27.22
N PRO B 184 -7.46 -12.99 -27.26
CA PRO B 184 -7.87 -11.65 -27.70
C PRO B 184 -8.16 -11.53 -29.20
N HIS B 185 -8.86 -10.46 -29.58
CA HIS B 185 -9.27 -10.31 -30.96
C HIS B 185 -9.11 -8.85 -31.39
N ASN B 186 -9.31 -8.66 -32.68
CA ASN B 186 -9.18 -7.35 -33.26
C ASN B 186 -10.51 -6.59 -33.09
N LEU B 187 -10.41 -5.33 -32.65
CA LEU B 187 -11.60 -4.61 -32.27
C LEU B 187 -12.44 -4.24 -33.50
N THR B 188 -11.78 -3.99 -34.63
CA THR B 188 -12.57 -3.56 -35.76
C THR B 188 -13.40 -4.76 -36.19
N GLU B 189 -12.74 -5.92 -36.24
CA GLU B 189 -13.41 -7.15 -36.58
C GLU B 189 -14.56 -7.44 -35.62
N LEU B 190 -14.31 -7.33 -34.30
CA LEU B 190 -15.39 -7.68 -33.37
C LEU B 190 -16.60 -6.79 -33.63
N ILE B 191 -16.37 -5.46 -33.78
CA ILE B 191 -17.49 -4.53 -33.85
C ILE B 191 -18.26 -4.78 -35.14
N ASN B 192 -17.54 -5.10 -36.22
CA ASN B 192 -18.19 -5.45 -37.48
C ASN B 192 -19.08 -6.66 -37.30
N GLY B 193 -18.62 -7.61 -36.49
CA GLY B 193 -19.40 -8.81 -36.24
C GLY B 193 -20.65 -8.48 -35.41
N VAL B 194 -20.53 -7.62 -34.38
CA VAL B 194 -21.68 -7.25 -33.58
C VAL B 194 -22.68 -6.53 -34.47
N LEU B 195 -22.21 -5.60 -35.31
CA LEU B 195 -23.08 -4.93 -36.27
C LEU B 195 -23.81 -5.93 -37.17
N SER B 196 -23.06 -6.88 -37.73
CA SER B 196 -23.69 -7.88 -38.60
C SER B 196 -24.75 -8.65 -37.82
N LEU B 197 -24.42 -9.12 -36.60
CA LEU B 197 -25.38 -9.85 -35.78
C LEU B 197 -26.62 -9.02 -35.47
N SER B 198 -26.43 -7.72 -35.18
CA SER B 198 -27.54 -6.86 -34.82
C SER B 198 -28.51 -6.76 -35.98
N LYS B 199 -28.01 -6.85 -37.22
CA LYS B 199 -28.88 -6.78 -38.37
C LYS B 199 -29.44 -8.16 -38.68
N ASN B 200 -29.02 -9.22 -37.99
CA ASN B 200 -29.55 -10.52 -38.40
C ASN B 200 -29.36 -11.52 -37.28
N PRO B 201 -30.40 -11.73 -36.46
CA PRO B 201 -30.31 -12.63 -35.31
C PRO B 201 -29.95 -14.06 -35.69
N ASP B 202 -30.15 -14.40 -36.96
CA ASP B 202 -29.96 -15.77 -37.44
C ASP B 202 -28.64 -15.88 -38.22
N ILE B 203 -27.72 -14.93 -38.06
CA ILE B 203 -26.41 -15.06 -38.66
C ILE B 203 -25.72 -16.35 -38.16
N SER B 204 -24.99 -17.08 -39.03
CA SER B 204 -24.28 -18.28 -38.61
C SER B 204 -22.83 -17.97 -38.23
N ILE B 205 -22.16 -18.94 -37.59
CA ILE B 205 -20.76 -18.80 -37.22
C ILE B 205 -19.94 -18.52 -38.50
N ALA B 206 -20.18 -19.28 -39.58
CA ALA B 206 -19.44 -19.08 -40.83
C ALA B 206 -19.57 -17.64 -41.32
N GLU B 207 -20.80 -17.09 -41.29
CA GLU B 207 -20.95 -15.70 -41.70
C GLU B 207 -20.24 -14.75 -40.72
N LEU B 208 -20.33 -14.98 -39.41
CA LEU B 208 -19.70 -14.05 -38.50
C LEU B 208 -18.19 -14.01 -38.77
N MET B 209 -17.65 -15.17 -39.20
CA MET B 209 -16.23 -15.30 -39.45
C MET B 209 -15.82 -14.55 -40.71
N GLU B 210 -16.81 -14.04 -41.46
CA GLU B 210 -16.45 -13.15 -42.55
C GLU B 210 -15.93 -11.86 -41.96
N ASP B 211 -16.43 -11.47 -40.77
CA ASP B 211 -15.93 -10.30 -40.05
C ASP B 211 -14.73 -10.67 -39.16
N ILE B 212 -14.95 -11.68 -38.31
CA ILE B 212 -14.01 -12.02 -37.27
C ILE B 212 -13.23 -13.24 -37.80
N GLU B 213 -12.03 -13.01 -38.34
CA GLU B 213 -11.30 -14.06 -39.02
C GLU B 213 -10.66 -15.01 -37.99
N GLY B 214 -10.33 -14.48 -36.81
CA GLY B 214 -9.65 -15.29 -35.83
C GLY B 214 -9.10 -14.38 -34.74
N PRO B 215 -8.43 -14.98 -33.73
CA PRO B 215 -7.85 -14.19 -32.65
C PRO B 215 -6.85 -13.24 -33.27
N ASP B 216 -6.50 -12.17 -32.52
CA ASP B 216 -5.48 -11.24 -32.97
C ASP B 216 -4.59 -10.95 -31.78
N PHE B 217 -3.43 -11.57 -31.68
CA PHE B 217 -2.65 -11.45 -30.45
C PHE B 217 -1.96 -10.10 -30.38
N PRO B 218 -1.78 -9.51 -29.17
CA PRO B 218 -1.01 -8.26 -29.06
C PRO B 218 0.39 -8.42 -29.62
N THR B 219 0.87 -9.66 -29.59
CA THR B 219 2.25 -9.96 -29.90
C THR B 219 2.44 -10.37 -31.36
N ALA B 220 1.39 -10.22 -32.20
CA ALA B 220 1.35 -10.55 -33.63
C ALA B 220 1.56 -12.04 -33.90
N GLY B 221 2.57 -12.38 -34.70
CA GLY B 221 2.81 -13.78 -34.97
C GLY B 221 1.91 -14.33 -36.10
N LEU B 222 1.93 -15.67 -36.29
CA LEU B 222 1.14 -16.39 -37.29
C LEU B 222 0.20 -17.38 -36.62
N ILE B 223 -1.00 -17.59 -37.16
CA ILE B 223 -1.79 -18.73 -36.80
C ILE B 223 -1.81 -19.65 -38.01
N LEU B 224 -1.59 -20.95 -37.78
CA LEU B 224 -1.67 -21.93 -38.87
C LEU B 224 -3.08 -22.44 -39.12
N GLY B 225 -3.73 -22.01 -40.21
CA GLY B 225 -4.98 -22.62 -40.64
C GLY B 225 -6.20 -22.18 -39.84
N LYS B 226 -7.35 -22.41 -40.47
CA LYS B 226 -8.63 -21.87 -40.02
C LYS B 226 -9.40 -22.93 -39.24
N SER B 227 -8.88 -24.17 -39.19
N SER B 227 -8.87 -24.16 -39.17
CA SER B 227 -9.64 -25.32 -38.72
CA SER B 227 -9.68 -25.27 -38.70
C SER B 227 -9.79 -25.28 -37.20
C SER B 227 -9.80 -25.28 -37.18
N GLY B 228 -8.73 -24.89 -36.47
CA GLY B 228 -8.79 -24.78 -35.02
C GLY B 228 -9.68 -23.61 -34.59
N ILE B 229 -9.55 -22.51 -35.37
CA ILE B 229 -10.35 -21.32 -35.16
C ILE B 229 -11.81 -21.70 -35.29
N ARG B 230 -12.14 -22.42 -36.38
CA ARG B 230 -13.52 -22.75 -36.70
C ARG B 230 -14.13 -23.58 -35.57
N ARG B 231 -13.38 -24.57 -35.09
N ARG B 231 -13.38 -24.57 -35.09
CA ARG B 231 -13.91 -25.47 -34.08
CA ARG B 231 -13.88 -25.49 -34.08
C ARG B 231 -14.17 -24.68 -32.80
C ARG B 231 -14.16 -24.70 -32.80
N ALA B 232 -13.17 -23.88 -32.38
CA ALA B 232 -13.31 -23.05 -31.19
C ALA B 232 -14.51 -22.09 -31.27
N TYR B 233 -14.75 -21.44 -32.41
CA TYR B 233 -15.88 -20.52 -32.50
C TYR B 233 -17.23 -21.24 -32.58
N GLU B 234 -17.23 -22.47 -33.10
CA GLU B 234 -18.48 -23.22 -33.21
C GLU B 234 -18.81 -23.87 -31.87
N THR B 235 -17.82 -24.25 -31.08
CA THR B 235 -18.11 -25.10 -29.93
C THR B 235 -17.54 -24.45 -28.68
N GLY B 236 -16.68 -23.43 -28.82
CA GLY B 236 -16.03 -22.83 -27.66
C GLY B 236 -14.77 -23.53 -27.18
N ARG B 237 -14.36 -24.59 -27.88
CA ARG B 237 -13.16 -25.36 -27.54
C ARG B 237 -12.41 -25.66 -28.83
N GLY B 238 -11.11 -25.57 -28.78
CA GLY B 238 -10.35 -25.74 -30.00
C GLY B 238 -8.87 -25.48 -29.76
N SER B 239 -8.00 -26.14 -30.50
CA SER B 239 -6.59 -25.84 -30.35
C SER B 239 -6.13 -24.98 -31.52
N ILE B 240 -5.38 -23.93 -31.24
CA ILE B 240 -5.00 -23.03 -32.31
C ILE B 240 -3.48 -22.94 -32.30
N GLN B 241 -2.82 -23.32 -33.41
CA GLN B 241 -1.36 -23.33 -33.49
C GLN B 241 -0.84 -21.92 -33.83
N MET B 242 -0.08 -21.34 -32.92
CA MET B 242 0.56 -20.04 -33.07
C MET B 242 2.03 -20.28 -33.36
N ARG B 243 2.57 -19.53 -34.31
CA ARG B 243 3.93 -19.71 -34.79
C ARG B 243 4.62 -18.36 -34.80
N SER B 244 5.94 -18.36 -34.53
CA SER B 244 6.71 -17.13 -34.51
C SER B 244 6.85 -16.62 -35.93
N ARG B 245 7.14 -15.34 -36.08
CA ARG B 245 7.47 -14.86 -37.41
C ARG B 245 8.98 -15.04 -37.55
N ALA B 246 9.38 -15.94 -38.45
CA ALA B 246 10.80 -16.26 -38.64
C ALA B 246 11.10 -16.11 -40.14
N VAL B 247 12.33 -15.69 -40.48
CA VAL B 247 12.74 -15.69 -41.87
C VAL B 247 14.13 -16.29 -41.97
N ILE B 248 14.51 -16.76 -43.14
CA ILE B 248 15.87 -17.19 -43.33
C ILE B 248 16.62 -16.16 -44.19
N GLU B 249 17.82 -15.74 -43.78
CA GLU B 249 18.52 -14.65 -44.48
C GLU B 249 20.03 -14.91 -44.47
N GLU B 250 20.73 -14.28 -45.42
CA GLU B 250 22.18 -14.50 -45.52
C GLU B 250 22.92 -13.61 -44.53
N ARG B 251 24.06 -14.09 -44.04
CA ARG B 251 24.85 -13.33 -43.08
C ARG B 251 26.26 -13.19 -43.64
N GLY B 252 26.49 -13.67 -44.88
CA GLY B 252 27.74 -13.51 -45.59
C GLY B 252 28.68 -14.73 -45.52
N GLY B 253 29.68 -14.73 -46.42
CA GLY B 253 30.56 -15.86 -46.64
C GLY B 253 29.73 -17.08 -47.04
N GLY B 254 28.55 -16.80 -47.61
CA GLY B 254 27.60 -17.82 -48.03
C GLY B 254 26.98 -18.60 -46.86
N ARG B 255 26.99 -18.04 -45.64
CA ARG B 255 26.33 -18.67 -44.50
C ARG B 255 24.96 -18.00 -44.28
N GLN B 256 24.09 -18.62 -43.49
CA GLN B 256 22.73 -18.12 -43.32
C GLN B 256 22.43 -18.00 -41.84
N ARG B 257 21.32 -17.34 -41.48
CA ARG B 257 20.76 -17.37 -40.13
C ARG B 257 19.25 -17.34 -40.21
N ILE B 258 18.59 -17.82 -39.14
CA ILE B 258 17.18 -17.63 -38.92
C ILE B 258 17.01 -16.39 -38.03
N VAL B 259 16.04 -15.53 -38.37
CA VAL B 259 15.75 -14.34 -37.60
C VAL B 259 14.28 -14.39 -37.17
N VAL B 260 14.04 -14.35 -35.86
CA VAL B 260 12.70 -14.40 -35.30
C VAL B 260 12.37 -12.98 -34.84
N THR B 261 11.21 -12.41 -35.19
CA THR B 261 10.92 -11.04 -34.84
C THR B 261 9.57 -10.94 -34.18
N GLU B 262 8.81 -12.04 -34.17
CA GLU B 262 7.55 -12.08 -33.42
C GLU B 262 7.44 -13.47 -32.82
N ILE B 263 7.01 -13.57 -31.56
CA ILE B 263 6.93 -14.86 -30.90
C ILE B 263 5.50 -15.09 -30.45
N PRO B 264 5.10 -16.35 -30.13
CA PRO B 264 3.71 -16.66 -29.77
C PRO B 264 3.28 -15.94 -28.49
N PHE B 265 2.00 -15.64 -28.42
CA PHE B 265 1.39 -15.00 -27.26
C PHE B 265 1.67 -15.79 -25.98
N GLN B 266 2.07 -15.04 -24.95
CA GLN B 266 2.26 -15.59 -23.62
C GLN B 266 3.48 -16.51 -23.53
N VAL B 267 4.37 -16.47 -24.52
CA VAL B 267 5.61 -17.21 -24.39
C VAL B 267 6.64 -16.26 -23.85
N ASN B 268 7.33 -16.67 -22.79
CA ASN B 268 8.42 -15.87 -22.25
C ASN B 268 9.63 -16.02 -23.17
N LYS B 269 10.08 -14.86 -23.71
CA LYS B 269 11.14 -14.83 -24.70
C LYS B 269 12.43 -15.46 -24.13
N ALA B 270 12.86 -14.97 -22.97
CA ALA B 270 14.07 -15.43 -22.32
C ALA B 270 14.05 -16.96 -22.18
N ARG B 271 12.90 -17.47 -21.76
CA ARG B 271 12.80 -18.88 -21.46
C ARG B 271 12.78 -19.73 -22.75
N MET B 272 12.19 -19.17 -23.81
CA MET B 272 12.19 -19.81 -25.10
C MET B 272 13.63 -19.94 -25.59
N ILE B 273 14.45 -18.90 -25.40
CA ILE B 273 15.84 -18.94 -25.82
C ILE B 273 16.63 -20.04 -25.09
N GLU B 274 16.41 -20.13 -23.76
N GLU B 274 16.41 -20.15 -23.78
CA GLU B 274 16.99 -21.14 -22.89
CA GLU B 274 17.07 -21.15 -22.95
C GLU B 274 16.73 -22.56 -23.41
C GLU B 274 16.74 -22.58 -23.41
N LYS B 275 15.49 -22.79 -23.84
CA LYS B 275 15.06 -24.08 -24.39
C LYS B 275 15.83 -24.39 -25.66
N ILE B 276 16.04 -23.38 -26.50
CA ILE B 276 16.82 -23.61 -27.71
C ILE B 276 18.27 -23.90 -27.34
N ALA B 277 18.82 -23.09 -26.42
CA ALA B 277 20.21 -23.27 -25.98
C ALA B 277 20.43 -24.69 -25.45
N GLU B 278 19.48 -25.17 -24.63
CA GLU B 278 19.50 -26.51 -24.09
C GLU B 278 19.43 -27.60 -25.15
N LEU B 279 18.57 -27.43 -26.18
CA LEU B 279 18.47 -28.36 -27.29
C LEU B 279 19.83 -28.49 -27.99
N VAL B 280 20.53 -27.36 -28.14
CA VAL B 280 21.80 -27.31 -28.86
C VAL B 280 22.88 -28.01 -28.04
N ARG B 281 22.94 -27.66 -26.75
CA ARG B 281 23.91 -28.17 -25.83
C ARG B 281 23.78 -29.69 -25.71
N ASP B 282 22.55 -30.18 -25.60
CA ASP B 282 22.24 -31.60 -25.45
C ASP B 282 22.16 -32.28 -26.80
N LYS B 283 22.65 -31.63 -27.86
CA LYS B 283 22.75 -32.18 -29.20
C LYS B 283 21.43 -32.81 -29.71
N LYS B 284 20.27 -32.23 -29.37
CA LYS B 284 18.98 -32.77 -29.81
C LYS B 284 18.52 -32.09 -31.10
N ILE B 285 19.33 -31.15 -31.60
CA ILE B 285 19.04 -30.48 -32.86
C ILE B 285 20.36 -30.31 -33.60
N ASP B 286 20.40 -30.56 -34.90
CA ASP B 286 21.67 -30.39 -35.59
C ASP B 286 21.70 -29.08 -36.39
N GLY B 287 22.88 -28.41 -36.46
CA GLY B 287 23.17 -27.34 -37.40
C GLY B 287 23.18 -25.91 -36.83
N ILE B 288 23.05 -25.75 -35.50
CA ILE B 288 23.07 -24.40 -34.96
C ILE B 288 24.46 -24.03 -34.43
N THR B 289 25.00 -22.89 -34.89
CA THR B 289 26.33 -22.49 -34.44
C THR B 289 26.28 -21.34 -33.43
N ASP B 290 25.16 -20.61 -33.34
CA ASP B 290 25.11 -19.45 -32.45
C ASP B 290 23.67 -19.01 -32.23
N LEU B 291 23.44 -18.37 -31.07
CA LEU B 291 22.12 -18.02 -30.63
C LEU B 291 22.25 -16.73 -29.85
N ARG B 292 21.59 -15.66 -30.31
CA ARG B 292 21.76 -14.35 -29.68
C ARG B 292 20.43 -13.64 -29.65
N ASP B 293 20.14 -12.96 -28.53
CA ASP B 293 18.98 -12.10 -28.43
C ASP B 293 19.45 -10.70 -28.80
N GLU B 294 19.04 -10.18 -29.96
CA GLU B 294 19.50 -8.86 -30.37
C GLU B 294 18.36 -7.86 -30.20
N THR B 295 17.32 -8.28 -29.48
CA THR B 295 16.17 -7.43 -29.16
C THR B 295 16.64 -6.09 -28.59
N SER B 296 16.02 -5.02 -29.04
CA SER B 296 16.30 -3.73 -28.44
C SER B 296 15.02 -2.90 -28.50
N LEU B 297 14.94 -1.88 -27.61
CA LEU B 297 13.76 -1.02 -27.62
C LEU B 297 13.67 -0.34 -28.98
N ARG B 298 14.81 -0.17 -29.67
CA ARG B 298 14.88 0.50 -30.95
C ARG B 298 14.35 -0.36 -32.09
N THR B 299 14.72 -1.64 -32.14
CA THR B 299 14.43 -2.46 -33.30
C THR B 299 13.38 -3.55 -33.02
N GLY B 300 12.93 -3.67 -31.77
CA GLY B 300 11.90 -4.66 -31.49
C GLY B 300 12.54 -6.02 -31.27
N VAL B 301 11.71 -7.04 -31.14
CA VAL B 301 12.15 -8.41 -30.89
C VAL B 301 13.01 -8.84 -32.07
N ARG B 302 14.22 -9.32 -31.77
CA ARG B 302 15.08 -9.86 -32.80
C ARG B 302 15.92 -10.98 -32.20
N VAL B 303 15.51 -12.21 -32.48
CA VAL B 303 16.33 -13.31 -32.05
C VAL B 303 16.97 -13.95 -33.28
N VAL B 304 18.27 -14.19 -33.17
CA VAL B 304 19.08 -14.69 -34.27
C VAL B 304 19.65 -16.05 -33.93
N ILE B 305 19.49 -16.98 -34.87
CA ILE B 305 19.99 -18.35 -34.77
C ILE B 305 20.84 -18.60 -36.01
N ASP B 306 22.17 -18.65 -35.81
CA ASP B 306 23.14 -18.85 -36.88
C ASP B 306 23.15 -20.32 -37.30
N VAL B 307 23.24 -20.53 -38.60
CA VAL B 307 23.17 -21.88 -39.15
C VAL B 307 24.55 -22.28 -39.67
N ARG B 308 24.91 -23.55 -39.47
CA ARG B 308 26.21 -24.10 -39.91
C ARG B 308 26.25 -24.07 -41.44
N LYS B 309 27.41 -23.67 -41.97
CA LYS B 309 27.56 -23.54 -43.41
C LYS B 309 27.10 -24.80 -44.15
N ASP B 310 26.22 -24.62 -45.14
CA ASP B 310 25.75 -25.72 -45.98
C ASP B 310 24.67 -26.58 -45.32
N ALA B 311 24.32 -26.32 -44.05
CA ALA B 311 23.15 -26.94 -43.43
C ALA B 311 21.88 -26.36 -44.06
N ASN B 312 20.78 -27.12 -43.99
CA ASN B 312 19.54 -26.64 -44.56
C ASN B 312 18.75 -25.89 -43.51
N ALA B 313 18.65 -24.57 -43.66
CA ALA B 313 18.09 -23.70 -42.64
C ALA B 313 16.60 -23.92 -42.47
N SER B 314 15.91 -24.24 -43.54
CA SER B 314 14.50 -24.54 -43.45
C SER B 314 14.22 -25.80 -42.60
N VAL B 315 15.09 -26.81 -42.74
CA VAL B 315 14.96 -28.01 -41.94
C VAL B 315 15.23 -27.67 -40.48
N ILE B 316 16.28 -26.91 -40.20
CA ILE B 316 16.52 -26.51 -38.82
C ILE B 316 15.30 -25.79 -38.25
N LEU B 317 14.66 -24.91 -39.05
CA LEU B 317 13.60 -24.08 -38.51
C LEU B 317 12.38 -24.95 -38.21
N ASN B 318 12.10 -25.93 -39.08
CA ASN B 318 10.98 -26.85 -38.92
C ASN B 318 11.15 -27.64 -37.63
N ASN B 319 12.40 -28.04 -37.40
CA ASN B 319 12.77 -28.71 -36.16
C ASN B 319 12.53 -27.79 -34.97
N LEU B 320 12.94 -26.53 -35.06
CA LEU B 320 12.72 -25.63 -33.94
C LEU B 320 11.23 -25.49 -33.61
N TYR B 321 10.37 -25.40 -34.62
CA TYR B 321 8.93 -25.29 -34.34
C TYR B 321 8.43 -26.54 -33.64
N LYS B 322 9.00 -27.71 -33.98
CA LYS B 322 8.52 -28.98 -33.47
C LYS B 322 8.98 -29.15 -32.03
N GLN B 323 10.13 -28.56 -31.66
CA GLN B 323 10.83 -28.96 -30.45
C GLN B 323 10.96 -27.82 -29.45
N THR B 324 10.37 -26.65 -29.73
CA THR B 324 10.58 -25.52 -28.85
C THR B 324 9.30 -24.69 -28.86
N PRO B 325 9.11 -23.76 -27.90
CA PRO B 325 7.90 -22.92 -27.88
C PRO B 325 7.81 -21.97 -29.08
N LEU B 326 8.82 -21.98 -29.95
CA LEU B 326 8.75 -21.18 -31.15
C LEU B 326 7.44 -21.40 -31.92
N GLN B 327 6.87 -22.61 -31.85
CA GLN B 327 5.47 -22.87 -32.16
C GLN B 327 4.79 -23.42 -30.90
N THR B 328 3.58 -22.95 -30.60
CA THR B 328 2.90 -23.24 -29.35
C THR B 328 1.40 -23.20 -29.66
N SER B 329 0.60 -23.91 -28.84
CA SER B 329 -0.83 -23.88 -29.10
C SER B 329 -1.52 -23.05 -28.05
N PHE B 330 -2.64 -22.48 -28.47
CA PHE B 330 -3.54 -21.84 -27.53
C PHE B 330 -4.79 -22.70 -27.48
N GLY B 331 -5.04 -23.30 -26.30
CA GLY B 331 -6.18 -24.16 -26.11
C GLY B 331 -7.36 -23.29 -25.75
N VAL B 332 -8.32 -23.15 -26.66
CA VAL B 332 -9.44 -22.28 -26.41
C VAL B 332 -10.43 -23.07 -25.58
N ASN B 333 -10.90 -22.38 -24.53
CA ASN B 333 -11.90 -22.90 -23.65
C ASN B 333 -12.71 -21.70 -23.18
N MET B 334 -13.73 -21.27 -23.94
CA MET B 334 -14.44 -20.03 -23.65
C MET B 334 -15.52 -20.23 -22.60
N ILE B 335 -15.08 -20.16 -21.31
CA ILE B 335 -15.98 -20.13 -20.22
C ILE B 335 -16.02 -18.69 -19.68
N ALA B 336 -17.23 -18.10 -19.63
CA ALA B 336 -17.46 -16.84 -18.97
C ALA B 336 -18.72 -16.96 -18.07
N LEU B 337 -18.92 -16.04 -17.04
CA LEU B 337 -20.22 -15.38 -16.51
C LEU B 337 -21.33 -15.31 -17.31
N VAL B 338 -22.32 -16.01 -17.63
CA VAL B 338 -23.69 -15.79 -18.02
C VAL B 338 -24.68 -15.97 -16.97
N ASN B 339 -25.29 -14.91 -16.36
CA ASN B 339 -26.14 -14.78 -15.25
C ASN B 339 -25.56 -15.55 -14.07
N GLY B 340 -24.34 -15.04 -13.75
CA GLY B 340 -23.88 -15.23 -12.18
C GLY B 340 -23.88 -17.10 -12.52
N ARG B 341 -23.12 -17.22 -13.67
CA ARG B 341 -22.61 -18.75 -13.66
C ARG B 341 -21.60 -19.05 -14.76
N PRO B 342 -20.65 -20.05 -14.57
CA PRO B 342 -19.54 -20.29 -15.51
C PRO B 342 -20.27 -21.11 -16.65
N LYS B 343 -20.10 -20.89 -18.14
CA LYS B 343 -20.91 -21.44 -19.14
C LYS B 343 -19.91 -21.47 -20.32
N LEU B 344 -19.80 -22.70 -21.00
CA LEU B 344 -19.03 -22.74 -22.18
C LEU B 344 -19.88 -22.12 -23.31
N ILE B 345 -19.28 -21.14 -24.05
CA ILE B 345 -20.09 -20.36 -24.97
C ILE B 345 -19.32 -20.34 -26.29
N ASN B 346 -20.07 -20.32 -27.40
CA ASN B 346 -19.39 -20.20 -28.65
C ASN B 346 -19.31 -18.71 -29.01
N LEU B 347 -18.74 -18.41 -30.20
CA LEU B 347 -18.54 -17.04 -30.64
C LEU B 347 -19.86 -16.25 -30.71
N LYS B 348 -20.89 -16.88 -31.29
CA LYS B 348 -22.13 -16.15 -31.53
C LYS B 348 -22.83 -15.82 -30.20
N GLU B 349 -22.79 -16.76 -29.26
CA GLU B 349 -23.36 -16.60 -27.93
C GLU B 349 -22.67 -15.47 -27.20
N ALA B 350 -21.32 -15.43 -27.26
CA ALA B 350 -20.57 -14.36 -26.60
C ALA B 350 -21.04 -13.01 -27.17
N LEU B 351 -21.16 -12.88 -28.49
CA LEU B 351 -21.57 -11.63 -29.12
C LEU B 351 -23.02 -11.30 -28.75
N VAL B 352 -23.90 -12.32 -28.67
CA VAL B 352 -25.31 -12.10 -28.38
C VAL B 352 -25.47 -11.55 -26.95
N HIS B 353 -24.76 -12.14 -25.98
CA HIS B 353 -24.83 -11.58 -24.62
C HIS B 353 -24.26 -10.17 -24.58
N TYR B 354 -23.18 -9.91 -25.35
CA TYR B 354 -22.66 -8.58 -25.37
C TYR B 354 -23.69 -7.58 -25.93
N LEU B 355 -24.27 -7.85 -27.13
CA LEU B 355 -25.24 -6.93 -27.70
C LEU B 355 -26.46 -6.73 -26.78
N GLU B 356 -26.87 -7.79 -26.02
CA GLU B 356 -28.00 -7.66 -25.09
C GLU B 356 -27.63 -6.68 -23.98
N HIS B 357 -26.40 -6.80 -23.50
CA HIS B 357 -25.96 -5.86 -22.49
C HIS B 357 -26.00 -4.43 -23.04
N GLN B 358 -25.54 -4.20 -24.31
CA GLN B 358 -25.50 -2.85 -24.86
C GLN B 358 -26.89 -2.25 -24.96
N LYS B 359 -27.86 -3.09 -25.35
CA LYS B 359 -29.23 -2.62 -25.49
C LYS B 359 -29.73 -2.21 -24.12
N THR B 360 -29.48 -3.05 -23.12
CA THR B 360 -29.90 -2.69 -21.78
C THR B 360 -29.21 -1.41 -21.32
N VAL B 361 -27.92 -1.25 -21.60
CA VAL B 361 -27.22 -0.08 -21.11
C VAL B 361 -27.84 1.16 -21.74
N VAL B 362 -28.08 1.12 -23.05
CA VAL B 362 -28.49 2.34 -23.73
C VAL B 362 -29.94 2.67 -23.36
N ARG B 363 -30.82 1.65 -23.22
CA ARG B 363 -32.17 1.86 -22.75
C ARG B 363 -32.18 2.52 -21.38
N ARG B 364 -31.40 1.99 -20.43
CA ARG B 364 -31.40 2.55 -19.09
C ARG B 364 -30.82 3.98 -19.12
N ARG B 365 -29.83 4.19 -19.97
CA ARG B 365 -29.24 5.52 -20.05
C ARG B 365 -30.32 6.52 -20.52
N THR B 366 -31.04 6.14 -21.59
CA THR B 366 -32.13 6.95 -22.11
C THR B 366 -33.20 7.20 -21.04
N GLN B 367 -33.59 6.20 -20.25
CA GLN B 367 -34.59 6.37 -19.22
C GLN B 367 -34.15 7.31 -18.09
N TYR B 368 -32.88 7.25 -17.76
CA TYR B 368 -32.37 8.07 -16.68
C TYR B 368 -32.34 9.49 -17.18
N ASN B 369 -31.84 9.69 -18.40
CA ASN B 369 -31.77 11.02 -18.97
C ASN B 369 -33.16 11.66 -19.03
N LEU B 370 -34.18 10.89 -19.44
CA LEU B 370 -35.58 11.30 -19.46
C LEU B 370 -36.05 11.69 -18.06
N ARG B 371 -35.80 10.85 -17.03
CA ARG B 371 -36.23 11.23 -15.69
C ARG B 371 -35.56 12.54 -15.28
N LYS B 372 -34.28 12.69 -15.61
CA LYS B 372 -33.50 13.80 -15.10
C LYS B 372 -33.93 15.12 -15.76
N ALA B 373 -34.26 15.02 -17.06
CA ALA B 373 -34.81 16.09 -17.86
C ALA B 373 -36.20 16.51 -17.37
N LYS B 374 -37.07 15.55 -17.07
CA LYS B 374 -38.39 15.91 -16.55
C LYS B 374 -38.29 16.56 -15.17
N ASP B 375 -37.40 16.07 -14.32
CA ASP B 375 -37.26 16.68 -13.01
C ASP B 375 -36.81 18.11 -13.17
N ARG B 376 -35.95 18.37 -14.18
CA ARG B 376 -35.31 19.67 -14.34
C ARG B 376 -36.34 20.62 -14.93
N ALA B 377 -37.17 20.11 -15.85
CA ALA B 377 -38.20 20.92 -16.46
C ALA B 377 -39.12 21.44 -15.36
N HIS B 378 -39.46 20.53 -14.44
CA HIS B 378 -40.34 20.75 -13.31
C HIS B 378 -39.76 21.86 -12.44
N ILE B 379 -38.43 21.83 -12.21
CA ILE B 379 -37.82 22.88 -11.42
C ILE B 379 -37.87 24.19 -12.19
N LEU B 380 -37.60 24.14 -13.51
CA LEU B 380 -37.63 25.40 -14.26
C LEU B 380 -39.04 26.01 -14.30
N GLU B 381 -40.09 25.16 -14.41
CA GLU B 381 -41.47 25.66 -14.34
C GLU B 381 -41.72 26.43 -13.04
N GLY B 382 -41.17 25.97 -11.92
CA GLY B 382 -41.33 26.74 -10.69
C GLY B 382 -40.49 28.02 -10.69
N LEU B 383 -39.26 27.96 -11.24
CA LEU B 383 -38.37 29.11 -11.19
C LEU B 383 -39.02 30.20 -12.02
N ARG B 384 -39.65 29.82 -13.14
CA ARG B 384 -40.25 30.85 -14.00
C ARG B 384 -41.42 31.54 -13.28
N ILE B 385 -42.29 30.73 -12.68
CA ILE B 385 -43.32 31.27 -11.81
C ILE B 385 -42.73 32.22 -10.78
N ALA B 386 -41.64 31.80 -10.14
CA ALA B 386 -41.10 32.66 -9.09
C ALA B 386 -40.63 33.98 -9.69
N LEU B 387 -39.94 33.95 -10.83
CA LEU B 387 -39.41 35.19 -11.38
C LEU B 387 -40.55 36.06 -11.91
N ASP B 388 -41.67 35.47 -12.35
CA ASP B 388 -42.80 36.22 -12.87
C ASP B 388 -43.55 36.93 -11.74
N HIS B 389 -43.41 36.45 -10.51
CA HIS B 389 -44.11 37.00 -9.36
C HIS B 389 -43.10 37.38 -8.27
N ILE B 390 -41.91 37.88 -8.63
CA ILE B 390 -40.76 37.94 -7.72
C ILE B 390 -41.03 38.77 -6.45
N ASP B 391 -41.76 39.87 -6.60
CA ASP B 391 -42.05 40.70 -5.45
C ASP B 391 -42.86 39.93 -4.41
N GLU B 392 -43.96 39.32 -4.88
CA GLU B 392 -44.81 38.55 -4.01
C GLU B 392 -44.02 37.39 -3.39
N ILE B 393 -43.12 36.76 -4.17
CA ILE B 393 -42.33 35.64 -3.70
C ILE B 393 -41.47 36.10 -2.51
N ILE B 394 -40.73 37.21 -2.71
CA ILE B 394 -39.87 37.74 -1.67
C ILE B 394 -40.72 38.10 -0.47
N SER B 395 -41.90 38.72 -0.69
CA SER B 395 -42.64 39.21 0.46
C SER B 395 -43.15 38.04 1.30
N THR B 396 -43.55 36.95 0.64
CA THR B 396 -43.96 35.72 1.28
C THR B 396 -42.84 35.20 2.15
N ILE B 397 -41.60 35.28 1.61
CA ILE B 397 -40.50 34.68 2.34
C ILE B 397 -40.19 35.53 3.56
N ARG B 398 -40.12 36.85 3.37
CA ARG B 398 -39.87 37.76 4.48
C ARG B 398 -40.93 37.68 5.57
N GLU B 399 -42.20 37.46 5.23
CA GLU B 399 -43.22 37.40 6.25
C GLU B 399 -43.11 36.05 7.00
N SER B 400 -42.38 35.06 6.48
CA SER B 400 -42.37 33.76 7.11
C SER B 400 -41.25 33.69 8.17
N ASP B 401 -41.55 33.01 9.28
CA ASP B 401 -40.67 32.97 10.42
C ASP B 401 -39.61 31.95 10.11
N THR B 402 -40.03 30.86 9.47
CA THR B 402 -39.21 29.68 9.27
C THR B 402 -39.28 29.20 7.82
N ASP B 403 -38.32 28.35 7.46
CA ASP B 403 -38.23 27.67 6.19
C ASP B 403 -39.54 26.92 5.95
N LYS B 404 -39.99 26.15 6.95
CA LYS B 404 -41.17 25.30 6.86
C LYS B 404 -42.39 26.13 6.47
N VAL B 405 -42.52 27.31 7.13
CA VAL B 405 -43.67 28.15 6.93
C VAL B 405 -43.62 28.70 5.51
N ALA B 406 -42.42 29.15 5.08
CA ALA B 406 -42.21 29.72 3.75
C ALA B 406 -42.55 28.70 2.66
N MET B 407 -42.10 27.47 2.85
CA MET B 407 -42.39 26.38 1.93
C MET B 407 -43.89 26.24 1.76
N GLU B 408 -44.63 26.17 2.89
CA GLU B 408 -46.06 25.97 2.86
C GLU B 408 -46.79 27.12 2.15
N SER B 409 -46.40 28.37 2.47
CA SER B 409 -46.99 29.55 1.86
C SER B 409 -46.73 29.59 0.36
N LEU B 410 -45.49 29.33 -0.03
CA LEU B 410 -45.17 29.36 -1.44
C LEU B 410 -45.99 28.31 -2.15
N GLN B 411 -46.15 27.12 -1.54
CA GLN B 411 -46.82 26.02 -2.23
C GLN B 411 -48.31 26.32 -2.39
N GLN B 412 -48.94 26.89 -1.35
CA GLN B 412 -50.37 27.16 -1.40
C GLN B 412 -50.64 28.34 -2.33
N ARG B 413 -49.81 29.38 -2.24
CA ARG B 413 -50.11 30.60 -2.96
C ARG B 413 -49.84 30.46 -4.45
N PHE B 414 -48.76 29.77 -4.84
CA PHE B 414 -48.46 29.74 -6.27
C PHE B 414 -48.50 28.35 -6.89
N LYS B 415 -49.24 27.38 -6.26
CA LYS B 415 -49.35 26.02 -6.80
C LYS B 415 -47.95 25.44 -7.08
N LEU B 416 -47.04 25.51 -6.12
CA LEU B 416 -45.74 24.89 -6.34
C LEU B 416 -45.70 23.57 -5.61
N SER B 417 -44.91 22.63 -6.10
CA SER B 417 -44.61 21.36 -5.47
C SER B 417 -43.59 21.60 -4.36
N GLU B 418 -43.39 20.61 -3.50
CA GLU B 418 -42.34 20.68 -2.52
C GLU B 418 -40.98 21.00 -3.19
N LYS B 419 -40.65 20.27 -4.26
CA LYS B 419 -39.35 20.43 -4.88
C LYS B 419 -39.18 21.83 -5.49
N GLN B 420 -40.27 22.39 -6.03
CA GLN B 420 -40.20 23.69 -6.70
C GLN B 420 -39.96 24.78 -5.67
N ALA B 421 -40.64 24.64 -4.52
CA ALA B 421 -40.55 25.59 -3.43
C ALA B 421 -39.13 25.59 -2.86
N GLN B 422 -38.56 24.39 -2.68
CA GLN B 422 -37.19 24.20 -2.20
C GLN B 422 -36.23 24.94 -3.15
N ALA B 423 -36.49 24.75 -4.45
CA ALA B 423 -35.58 25.28 -5.44
C ALA B 423 -35.58 26.81 -5.35
N ILE B 424 -36.77 27.40 -5.07
CA ILE B 424 -36.95 28.83 -5.03
C ILE B 424 -36.26 29.37 -3.78
N LEU B 425 -36.51 28.74 -2.64
CA LEU B 425 -35.84 29.13 -1.41
C LEU B 425 -34.31 28.99 -1.52
N ASP B 426 -33.83 28.12 -2.45
CA ASP B 426 -32.40 27.92 -2.63
C ASP B 426 -31.81 28.92 -3.62
N MET B 427 -32.64 29.61 -4.38
CA MET B 427 -32.17 30.54 -5.39
C MET B 427 -31.27 31.62 -4.79
N ARG B 428 -30.13 31.92 -5.43
CA ARG B 428 -29.30 33.01 -4.94
C ARG B 428 -29.72 34.32 -5.62
N LEU B 429 -29.41 35.47 -5.00
CA LEU B 429 -29.89 36.78 -5.45
C LEU B 429 -29.34 37.11 -6.82
N ARG B 430 -28.13 36.62 -7.13
CA ARG B 430 -27.59 36.93 -8.43
C ARG B 430 -28.45 36.31 -9.53
N ARG B 431 -29.37 35.39 -9.21
CA ARG B 431 -30.18 34.80 -10.26
C ARG B 431 -31.35 35.72 -10.65
N LEU B 432 -31.48 36.86 -9.96
CA LEU B 432 -32.49 37.82 -10.32
C LEU B 432 -31.99 38.85 -11.35
N THR B 433 -30.76 38.77 -11.87
CA THR B 433 -30.41 39.73 -12.89
C THR B 433 -31.27 39.47 -14.13
N GLY B 434 -31.20 40.41 -15.10
CA GLY B 434 -32.15 40.54 -16.20
C GLY B 434 -32.04 39.48 -17.30
N LEU B 435 -30.84 38.95 -17.54
CA LEU B 435 -30.67 37.91 -18.57
C LEU B 435 -31.20 36.55 -18.10
N GLU B 436 -31.35 36.36 -16.78
CA GLU B 436 -31.67 35.07 -16.19
C GLU B 436 -33.07 34.62 -16.54
N ARG B 437 -34.03 35.52 -16.67
CA ARG B 437 -35.39 35.13 -17.03
C ARG B 437 -35.37 34.42 -18.39
N ASP B 438 -34.58 34.98 -19.32
CA ASP B 438 -34.49 34.51 -20.69
C ASP B 438 -33.65 33.23 -20.76
N LYS B 439 -32.61 33.14 -19.92
CA LYS B 439 -31.84 31.91 -19.74
C LYS B 439 -32.72 30.73 -19.32
N ILE B 440 -33.54 30.92 -18.27
CA ILE B 440 -34.52 29.93 -17.92
C ILE B 440 -35.31 29.48 -19.15
N GLU B 441 -35.87 30.44 -19.91
CA GLU B 441 -36.73 30.14 -21.06
C GLU B 441 -35.96 29.37 -22.14
N ALA B 442 -34.68 29.73 -22.35
CA ALA B 442 -33.80 29.07 -23.29
C ALA B 442 -33.66 27.59 -22.92
N GLU B 443 -33.40 27.37 -21.62
CA GLU B 443 -33.05 26.04 -21.15
C GLU B 443 -34.30 25.17 -21.22
N TYR B 444 -35.43 25.80 -20.89
CA TYR B 444 -36.71 25.10 -20.88
C TYR B 444 -37.04 24.61 -22.28
N ASN B 445 -36.89 25.49 -23.28
CA ASN B 445 -37.22 25.15 -24.66
C ASN B 445 -36.36 24.00 -25.19
N GLU B 446 -35.03 24.07 -25.01
CA GLU B 446 -34.20 22.91 -25.35
C GLU B 446 -34.59 21.65 -24.55
N LEU B 447 -34.93 21.79 -23.27
CA LEU B 447 -35.20 20.60 -22.48
C LEU B 447 -36.46 19.89 -22.96
N LEU B 448 -37.44 20.67 -23.47
CA LEU B 448 -38.70 20.08 -23.94
C LEU B 448 -38.42 19.31 -25.21
N ASN B 449 -37.52 19.88 -26.01
CA ASN B 449 -37.05 19.28 -27.24
C ASN B 449 -36.32 17.97 -26.93
N TYR B 450 -35.45 18.04 -25.90
CA TYR B 450 -34.63 16.90 -25.52
C TYR B 450 -35.49 15.74 -25.05
N ILE B 451 -36.53 16.10 -24.26
CA ILE B 451 -37.45 15.14 -23.69
C ILE B 451 -38.11 14.35 -24.82
N SER B 452 -38.50 15.10 -25.85
CA SER B 452 -39.18 14.46 -26.96
C SER B 452 -38.25 13.48 -27.66
N GLU B 453 -36.99 13.88 -27.91
CA GLU B 453 -36.02 13.01 -28.58
C GLU B 453 -35.83 11.70 -27.81
N LEU B 454 -35.72 11.81 -26.48
CA LEU B 454 -35.53 10.67 -25.61
C LEU B 454 -36.74 9.75 -25.70
N GLU B 455 -37.94 10.37 -25.74
CA GLU B 455 -39.16 9.58 -25.76
C GLU B 455 -39.28 8.81 -27.07
N THR B 456 -38.82 9.44 -28.17
CA THR B 456 -38.79 8.77 -29.46
C THR B 456 -37.99 7.49 -29.34
N ILE B 457 -36.82 7.58 -28.67
CA ILE B 457 -35.96 6.43 -28.52
C ILE B 457 -36.65 5.34 -27.69
N LEU B 458 -37.29 5.70 -26.58
CA LEU B 458 -37.93 4.65 -25.78
C LEU B 458 -39.14 4.03 -26.46
N ALA B 459 -39.61 4.62 -27.57
CA ALA B 459 -40.88 4.19 -28.13
C ALA B 459 -40.66 3.12 -29.19
N ASP B 460 -39.45 3.06 -29.77
CA ASP B 460 -39.19 2.24 -30.94
C ASP B 460 -37.92 1.43 -30.76
N GLU B 461 -38.09 0.11 -30.60
CA GLU B 461 -37.00 -0.84 -30.45
C GLU B 461 -35.95 -0.57 -31.54
N GLU B 462 -36.43 -0.32 -32.76
CA GLU B 462 -35.56 -0.14 -33.89
C GLU B 462 -34.71 1.12 -33.77
N VAL B 463 -35.29 2.22 -33.26
CA VAL B 463 -34.55 3.46 -33.13
C VAL B 463 -33.43 3.28 -32.11
N LEU B 464 -33.77 2.59 -31.00
CA LEU B 464 -32.83 2.30 -29.91
C LEU B 464 -31.67 1.47 -30.47
N LEU B 465 -32.00 0.42 -31.24
CA LEU B 465 -31.01 -0.51 -31.75
C LEU B 465 -30.06 0.21 -32.70
N GLN B 466 -30.56 1.15 -33.50
CA GLN B 466 -29.74 1.92 -34.41
C GLN B 466 -28.81 2.84 -33.61
N LEU B 467 -29.31 3.32 -32.46
CA LEU B 467 -28.49 4.17 -31.64
C LEU B 467 -27.30 3.36 -31.11
N VAL B 468 -27.53 2.09 -30.75
CA VAL B 468 -26.46 1.21 -30.33
C VAL B 468 -25.46 1.01 -31.46
N ARG B 469 -25.96 0.78 -32.66
CA ARG B 469 -25.08 0.57 -33.80
C ARG B 469 -24.23 1.81 -34.00
N ASP B 470 -24.83 2.99 -33.82
CA ASP B 470 -24.16 4.24 -34.16
C ASP B 470 -22.99 4.48 -33.19
N GLU B 471 -23.24 4.12 -31.94
CA GLU B 471 -22.24 4.34 -30.91
C GLU B 471 -21.08 3.35 -31.07
N LEU B 472 -21.41 2.09 -31.40
CA LEU B 472 -20.42 1.08 -31.68
C LEU B 472 -19.53 1.47 -32.86
N THR B 473 -20.14 2.07 -33.91
CA THR B 473 -19.41 2.43 -35.11
C THR B 473 -18.44 3.56 -34.80
N GLU B 474 -18.87 4.48 -33.92
CA GLU B 474 -18.04 5.61 -33.51
C GLU B 474 -16.84 5.05 -32.75
N ILE B 475 -17.06 4.04 -31.89
CA ILE B 475 -15.98 3.41 -31.15
C ILE B 475 -15.02 2.70 -32.09
N ARG B 476 -15.59 1.98 -33.07
CA ARG B 476 -14.79 1.34 -34.08
C ARG B 476 -13.88 2.36 -34.77
N ASP B 477 -14.45 3.49 -35.19
CA ASP B 477 -13.65 4.48 -35.91
C ASP B 477 -12.59 5.14 -35.03
N ARG B 478 -12.87 5.31 -33.74
CA ARG B 478 -11.88 5.97 -32.89
C ARG B 478 -10.77 4.98 -32.52
N PHE B 479 -11.07 3.71 -32.21
CA PHE B 479 -10.12 2.86 -31.54
C PHE B 479 -9.71 1.65 -32.38
N GLY B 480 -10.48 1.27 -33.40
CA GLY B 480 -10.18 0.07 -34.17
C GLY B 480 -8.82 0.20 -34.89
N ASP B 481 -8.09 -0.91 -35.05
CA ASP B 481 -6.75 -0.79 -35.59
C ASP B 481 -6.55 -1.98 -36.49
N ASP B 482 -5.35 -2.11 -36.98
CA ASP B 482 -5.09 -3.14 -37.96
C ASP B 482 -4.85 -4.47 -37.28
N ARG B 483 -5.11 -5.54 -38.01
CA ARG B 483 -4.82 -6.88 -37.54
C ARG B 483 -3.32 -6.98 -37.41
N ARG B 484 -2.84 -7.70 -36.39
CA ARG B 484 -1.41 -7.95 -36.23
C ARG B 484 -1.07 -9.41 -36.50
N THR B 485 -1.89 -10.36 -36.01
CA THR B 485 -1.64 -11.78 -36.25
C THR B 485 -2.06 -12.14 -37.68
N GLU B 486 -1.20 -12.84 -38.42
CA GLU B 486 -1.50 -13.29 -39.76
C GLU B 486 -2.00 -14.73 -39.67
N ILE B 487 -3.19 -14.97 -40.21
CA ILE B 487 -3.70 -16.34 -40.26
C ILE B 487 -3.30 -16.91 -41.61
N GLN B 488 -2.36 -17.87 -41.64
CA GLN B 488 -1.97 -18.48 -42.90
C GLN B 488 -2.79 -19.73 -43.18
N LEU B 489 -3.29 -19.88 -44.43
CA LEU B 489 -4.06 -21.05 -44.86
C LEU B 489 -3.09 -22.20 -45.06
N GLY B 490 -2.55 -22.70 -43.94
CA GLY B 490 -1.51 -23.71 -43.91
C GLY B 490 -2.07 -25.08 -43.58
N LYS C 9 23.45 -13.06 -10.81
CA LYS C 9 22.42 -11.97 -10.96
C LYS C 9 22.97 -10.79 -11.78
N LEU C 10 23.96 -11.04 -12.67
CA LEU C 10 24.49 -10.15 -13.70
C LEU C 10 23.77 -10.42 -15.03
N ALA C 11 23.43 -9.37 -15.78
CA ALA C 11 23.00 -9.50 -17.18
C ALA C 11 24.11 -9.01 -18.10
N ASP C 12 24.89 -9.96 -18.63
CA ASP C 12 26.07 -9.65 -19.40
C ASP C 12 25.71 -9.24 -20.83
N CYS C 13 26.68 -8.60 -21.52
CA CYS C 13 26.51 -8.18 -22.91
C CYS C 13 27.07 -9.27 -23.84
N SER C 14 26.83 -9.13 -25.16
CA SER C 14 27.15 -10.11 -26.22
C SER C 14 28.63 -10.07 -26.54
N SER C 15 29.12 -8.85 -26.80
CA SER C 15 30.50 -8.65 -27.18
C SER C 15 31.45 -9.15 -26.08
N LYS C 16 32.57 -9.74 -26.52
CA LYS C 16 33.57 -10.28 -25.63
C LYS C 16 34.79 -9.35 -25.60
N SER C 17 34.67 -8.21 -26.28
CA SER C 17 35.76 -7.26 -26.44
C SER C 17 35.74 -6.18 -25.34
N PRO C 18 36.52 -6.36 -24.24
CA PRO C 18 36.44 -5.52 -23.04
C PRO C 18 36.61 -4.03 -23.32
N GLU C 19 37.13 -3.73 -24.52
N GLU C 19 37.16 -3.69 -24.48
CA GLU C 19 37.53 -2.39 -24.91
CA GLU C 19 37.48 -2.30 -24.75
C GLU C 19 36.32 -1.55 -25.27
C GLU C 19 36.25 -1.50 -25.17
N GLU C 20 35.23 -2.20 -25.71
CA GLU C 20 34.03 -1.49 -26.14
C GLU C 20 32.86 -1.82 -25.23
N CYS C 21 33.12 -2.54 -24.14
CA CYS C 21 32.07 -2.96 -23.24
C CYS C 21 31.97 -2.07 -22.00
N GLU C 22 30.74 -1.91 -21.51
CA GLU C 22 30.45 -1.13 -20.33
C GLU C 22 29.57 -1.95 -19.41
N ILE C 23 29.87 -1.93 -18.10
CA ILE C 23 29.00 -2.55 -17.10
C ILE C 23 28.41 -1.46 -16.20
N PHE C 24 27.09 -1.45 -16.04
CA PHE C 24 26.38 -0.47 -15.21
C PHE C 24 25.98 -1.11 -13.88
N LEU C 25 26.47 -0.55 -12.78
CA LEU C 25 26.07 -0.99 -11.45
C LEU C 25 24.92 -0.10 -10.98
N VAL C 26 23.71 -0.68 -10.92
CA VAL C 26 22.52 0.11 -10.73
C VAL C 26 21.97 -0.17 -9.33
N GLU C 27 21.62 0.90 -8.61
CA GLU C 27 21.01 0.75 -7.31
C GLU C 27 19.59 0.19 -7.49
N GLY C 28 19.32 -0.95 -6.84
CA GLY C 28 17.96 -1.42 -6.67
C GLY C 28 17.54 -2.37 -7.78
N ASP C 29 16.92 -3.48 -7.37
CA ASP C 29 16.45 -4.54 -8.25
C ASP C 29 15.44 -3.96 -9.25
N SER C 30 14.68 -2.97 -8.79
CA SER C 30 13.64 -2.38 -9.61
C SER C 30 14.20 -1.55 -10.75
N ALA C 31 15.21 -0.71 -10.47
CA ALA C 31 15.91 0.04 -11.49
C ALA C 31 16.69 -0.90 -12.42
N GLY C 32 17.24 -1.98 -11.85
CA GLY C 32 17.82 -3.11 -12.55
C GLY C 32 17.03 -3.60 -13.75
N GLY C 33 15.75 -3.92 -13.51
CA GLY C 33 14.90 -4.41 -14.59
C GLY C 33 14.85 -3.41 -15.73
N SER C 34 14.60 -2.13 -15.38
CA SER C 34 14.40 -1.09 -16.40
C SER C 34 15.62 -0.99 -17.30
N THR C 35 16.81 -1.04 -16.70
CA THR C 35 18.06 -0.77 -17.40
C THR C 35 18.43 -1.92 -18.36
N LYS C 36 17.97 -3.15 -18.04
CA LYS C 36 18.18 -4.28 -18.93
C LYS C 36 17.36 -4.15 -20.22
N SER C 37 16.11 -3.68 -20.16
CA SER C 37 15.31 -3.44 -21.36
C SER C 37 15.92 -2.33 -22.24
N GLY C 38 16.36 -1.25 -21.57
CA GLY C 38 16.70 0.02 -22.19
C GLY C 38 18.03 -0.06 -22.92
N ARG C 39 18.91 -0.95 -22.44
CA ARG C 39 20.33 -0.92 -22.77
C ARG C 39 20.52 -1.40 -24.19
N ASP C 40 21.76 -1.24 -24.66
CA ASP C 40 22.28 -1.97 -25.80
C ASP C 40 22.93 -3.26 -25.27
N SER C 41 22.26 -4.41 -25.47
CA SER C 41 22.67 -5.72 -24.96
C SER C 41 23.96 -6.22 -25.60
N ARG C 42 24.43 -5.55 -26.65
CA ARG C 42 25.67 -5.93 -27.31
C ARG C 42 26.88 -5.48 -26.47
N THR C 43 26.82 -4.24 -25.96
CA THR C 43 28.01 -3.64 -25.36
C THR C 43 27.77 -3.21 -23.91
N GLN C 44 26.57 -3.44 -23.38
CA GLN C 44 26.27 -2.88 -22.07
C GLN C 44 25.78 -3.97 -21.12
N ALA C 45 26.52 -4.19 -20.02
CA ALA C 45 26.12 -5.18 -19.02
C ALA C 45 25.47 -4.51 -17.80
N ILE C 46 24.56 -5.22 -17.11
CA ILE C 46 23.88 -4.62 -15.98
C ILE C 46 24.11 -5.48 -14.74
N LEU C 47 24.59 -4.84 -13.67
CA LEU C 47 24.66 -5.54 -12.40
C LEU C 47 23.89 -4.79 -11.32
N PRO C 48 22.69 -5.25 -10.94
CA PRO C 48 21.90 -4.58 -9.91
C PRO C 48 22.32 -4.93 -8.47
N LEU C 49 22.31 -3.94 -7.58
CA LEU C 49 22.62 -4.15 -6.17
C LEU C 49 21.35 -3.92 -5.33
N ARG C 50 21.11 -4.76 -4.30
CA ARG C 50 19.92 -4.67 -3.46
C ARG C 50 19.71 -3.27 -2.87
N GLY C 51 20.78 -2.57 -2.49
CA GLY C 51 20.66 -1.36 -1.69
C GLY C 51 22.01 -0.95 -1.10
N LYS C 52 22.05 -0.62 0.20
CA LYS C 52 23.33 -0.35 0.85
C LYS C 52 24.19 -1.61 0.75
N ILE C 53 25.45 -1.44 0.37
CA ILE C 53 26.40 -2.53 0.24
C ILE C 53 27.40 -2.37 1.38
N LEU C 54 28.21 -3.41 1.62
CA LEU C 54 29.21 -3.35 2.68
C LEU C 54 30.11 -2.09 2.60
N ASN C 55 30.37 -1.45 3.75
CA ASN C 55 31.43 -0.44 3.92
C ASN C 55 32.75 -1.16 4.23
N VAL C 56 33.62 -1.27 3.23
CA VAL C 56 34.83 -2.06 3.38
C VAL C 56 35.88 -1.33 4.23
N GLU C 57 35.75 -0.02 4.40
CA GLU C 57 36.67 0.70 5.25
C GLU C 57 36.43 0.32 6.71
N LYS C 58 35.33 -0.37 7.02
CA LYS C 58 34.96 -0.62 8.39
C LYS C 58 34.86 -2.13 8.65
N ALA C 59 34.93 -2.95 7.60
CA ALA C 59 34.75 -4.38 7.79
C ALA C 59 36.10 -5.11 7.82
N ARG C 60 36.10 -6.34 8.35
CA ARG C 60 37.28 -7.20 8.29
C ARG C 60 37.36 -7.86 6.92
N LEU C 61 38.58 -8.19 6.49
CA LEU C 61 38.86 -8.83 5.21
C LEU C 61 38.03 -10.11 5.02
N ASP C 62 37.97 -10.98 6.06
CA ASP C 62 37.14 -12.18 6.04
C ASP C 62 35.73 -11.82 5.55
N ARG C 63 35.13 -10.81 6.21
CA ARG C 63 33.76 -10.41 5.94
C ARG C 63 33.62 -9.82 4.54
N ILE C 64 34.60 -9.01 4.13
CA ILE C 64 34.58 -8.42 2.81
C ILE C 64 34.50 -9.51 1.72
N LEU C 65 35.37 -10.53 1.82
CA LEU C 65 35.47 -11.52 0.76
C LEU C 65 34.33 -12.53 0.81
N ASN C 66 33.58 -12.56 1.92
CA ASN C 66 32.43 -13.45 2.03
C ASN C 66 31.13 -12.78 1.59
N ASN C 67 31.21 -11.48 1.30
CA ASN C 67 30.03 -10.69 1.03
C ASN C 67 29.54 -10.88 -0.40
N ASN C 68 28.25 -11.20 -0.53
CA ASN C 68 27.69 -11.60 -1.82
C ASN C 68 27.84 -10.49 -2.85
N GLU C 69 27.46 -9.27 -2.45
CA GLU C 69 27.49 -8.15 -3.37
C GLU C 69 28.92 -8.04 -3.92
N ILE C 70 29.89 -7.98 -3.01
CA ILE C 70 31.29 -7.74 -3.35
C ILE C 70 31.76 -8.86 -4.28
N ARG C 71 31.42 -10.10 -3.93
CA ARG C 71 31.88 -11.24 -4.71
C ARG C 71 31.40 -11.11 -6.15
N GLN C 72 30.16 -10.63 -6.30
CA GLN C 72 29.55 -10.56 -7.62
C GLN C 72 30.24 -9.52 -8.50
N MET C 73 30.63 -8.41 -7.89
CA MET C 73 31.33 -7.39 -8.66
C MET C 73 32.70 -7.89 -9.07
N ILE C 74 33.42 -8.53 -8.12
CA ILE C 74 34.76 -9.05 -8.38
C ILE C 74 34.68 -10.03 -9.56
N THR C 75 33.78 -11.01 -9.49
CA THR C 75 33.58 -11.95 -10.58
C THR C 75 33.25 -11.23 -11.90
N ALA C 76 32.39 -10.21 -11.84
CA ALA C 76 31.92 -9.54 -13.04
C ALA C 76 33.07 -8.78 -13.74
N PHE C 77 33.88 -8.09 -12.93
CA PHE C 77 35.01 -7.30 -13.43
C PHE C 77 36.10 -8.21 -13.98
N GLY C 78 36.33 -9.35 -13.30
CA GLY C 78 37.27 -10.38 -13.71
C GLY C 78 38.75 -10.02 -13.51
N THR C 79 39.05 -8.95 -12.76
CA THR C 79 40.43 -8.46 -12.67
C THR C 79 41.15 -9.04 -11.47
N GLY C 80 40.44 -9.68 -10.55
CA GLY C 80 41.03 -10.02 -9.27
C GLY C 80 41.15 -8.79 -8.36
N ILE C 81 41.56 -9.02 -7.11
CA ILE C 81 41.60 -7.95 -6.13
C ILE C 81 43.00 -7.86 -5.52
N GLY C 82 43.32 -6.67 -4.96
CA GLY C 82 44.48 -6.43 -4.12
C GLY C 82 45.80 -6.73 -4.85
N GLY C 83 46.57 -7.70 -4.33
CA GLY C 83 47.80 -8.20 -4.94
C GLY C 83 47.59 -8.82 -6.33
N ASP C 84 46.49 -9.57 -6.50
CA ASP C 84 46.33 -10.41 -7.68
C ASP C 84 45.65 -9.66 -8.82
N PHE C 85 45.37 -8.39 -8.58
CA PHE C 85 44.73 -7.53 -9.55
C PHE C 85 45.56 -7.46 -10.83
N ASP C 86 44.90 -7.68 -11.97
CA ASP C 86 45.50 -7.49 -13.28
C ASP C 86 44.55 -6.68 -14.16
N LEU C 87 44.96 -5.44 -14.50
CA LEU C 87 44.16 -4.53 -15.30
C LEU C 87 43.81 -5.13 -16.66
N ALA C 88 44.69 -6.01 -17.18
CA ALA C 88 44.54 -6.49 -18.54
C ALA C 88 43.51 -7.62 -18.60
N LYS C 89 43.12 -8.15 -17.45
CA LYS C 89 42.02 -9.11 -17.39
C LYS C 89 40.64 -8.42 -17.31
N ALA C 90 40.60 -7.09 -17.19
CA ALA C 90 39.32 -6.41 -16.98
C ALA C 90 38.32 -6.77 -18.08
N ARG C 91 37.09 -7.17 -17.69
CA ARG C 91 36.10 -7.60 -18.67
C ARG C 91 35.35 -6.41 -19.29
N TYR C 92 35.40 -5.25 -18.64
CA TYR C 92 34.80 -4.02 -19.16
C TYR C 92 35.84 -2.91 -19.03
N HIS C 93 35.84 -2.00 -20.00
CA HIS C 93 36.76 -0.86 -19.95
C HIS C 93 36.03 0.36 -19.39
N LYS C 94 34.71 0.22 -19.16
CA LYS C 94 33.89 1.20 -18.45
C LYS C 94 33.05 0.51 -17.39
N ILE C 95 33.33 0.84 -16.14
CA ILE C 95 32.50 0.46 -14.99
C ILE C 95 31.74 1.73 -14.62
N VAL C 96 30.40 1.73 -14.76
CA VAL C 96 29.61 2.94 -14.57
C VAL C 96 28.71 2.76 -13.35
N ILE C 97 28.85 3.67 -12.39
CA ILE C 97 28.05 3.63 -11.17
C ILE C 97 26.79 4.43 -11.48
N MET C 98 25.64 3.79 -11.26
CA MET C 98 24.37 4.44 -11.57
C MET C 98 23.43 4.31 -10.38
N THR C 99 23.32 5.39 -9.61
CA THR C 99 22.46 5.38 -8.43
C THR C 99 21.35 6.41 -8.58
N ASP C 100 20.35 6.36 -7.68
CA ASP C 100 19.28 7.36 -7.63
C ASP C 100 19.93 8.74 -7.48
N ALA C 101 19.37 9.80 -8.08
CA ALA C 101 19.98 11.10 -7.78
C ALA C 101 19.41 11.63 -6.46
N ASP C 102 19.65 10.92 -5.36
CA ASP C 102 19.17 11.38 -4.06
C ASP C 102 20.24 11.05 -3.04
N VAL C 103 19.94 11.37 -1.78
CA VAL C 103 20.93 11.28 -0.72
C VAL C 103 21.32 9.83 -0.46
N ASP C 104 20.41 8.86 -0.68
CA ASP C 104 20.81 7.48 -0.48
C ASP C 104 21.63 6.94 -1.67
N GLY C 105 21.27 7.35 -2.92
CA GLY C 105 22.09 7.06 -4.09
C GLY C 105 23.50 7.64 -3.89
N ALA C 106 23.59 8.83 -3.28
CA ALA C 106 24.87 9.41 -2.95
C ALA C 106 25.70 8.49 -2.06
N HIS C 107 25.06 7.99 -0.98
CA HIS C 107 25.72 7.17 0.01
C HIS C 107 26.26 5.89 -0.65
N ILE C 108 25.40 5.27 -1.48
CA ILE C 108 25.73 4.03 -2.14
C ILE C 108 26.95 4.25 -3.04
N ARG C 109 26.96 5.42 -3.67
CA ARG C 109 28.06 5.81 -4.50
C ARG C 109 29.35 5.95 -3.67
N THR C 110 29.28 6.46 -2.44
CA THR C 110 30.51 6.57 -1.66
C THR C 110 31.03 5.19 -1.25
N LEU C 111 30.09 4.26 -0.96
CA LEU C 111 30.36 2.91 -0.54
C LEU C 111 31.07 2.18 -1.66
N LEU C 112 30.55 2.34 -2.89
CA LEU C 112 31.15 1.73 -4.06
C LEU C 112 32.56 2.26 -4.35
N LEU C 113 32.72 3.60 -4.38
CA LEU C 113 34.03 4.20 -4.60
C LEU C 113 35.03 3.73 -3.55
N THR C 114 34.61 3.64 -2.26
CA THR C 114 35.47 3.12 -1.21
C THR C 114 35.95 1.72 -1.55
N PHE C 115 35.05 0.93 -2.13
CA PHE C 115 35.39 -0.43 -2.45
C PHE C 115 36.45 -0.46 -3.56
N PHE C 116 36.19 0.26 -4.65
CA PHE C 116 37.15 0.34 -5.73
C PHE C 116 38.50 0.88 -5.23
N TYR C 117 38.46 1.96 -4.44
CA TYR C 117 39.70 2.57 -3.99
C TYR C 117 40.56 1.64 -3.15
N ARG C 118 39.94 0.84 -2.28
CA ARG C 118 40.71 0.06 -1.33
C ARG C 118 41.11 -1.30 -1.90
N PHE C 119 40.43 -1.76 -2.96
CA PHE C 119 40.58 -3.14 -3.39
C PHE C 119 40.90 -3.25 -4.88
N MET C 120 40.69 -2.16 -5.62
CA MET C 120 40.90 -2.17 -7.05
C MET C 120 41.40 -0.81 -7.54
N ARG C 121 42.31 -0.22 -6.76
CA ARG C 121 42.71 1.15 -7.00
C ARG C 121 43.07 1.41 -8.46
N PRO C 122 43.87 0.54 -9.13
CA PRO C 122 44.29 0.78 -10.51
C PRO C 122 43.18 1.01 -11.54
N LEU C 123 41.97 0.49 -11.26
CA LEU C 123 40.81 0.67 -12.13
C LEU C 123 40.45 2.14 -12.19
N ILE C 124 40.60 2.84 -11.05
CA ILE C 124 40.35 4.27 -11.01
C ILE C 124 41.45 4.98 -11.80
N GLU C 125 42.70 4.58 -11.53
CA GLU C 125 43.87 5.22 -12.10
C GLU C 125 43.82 5.08 -13.61
N ALA C 126 43.35 3.91 -14.08
CA ALA C 126 43.24 3.61 -15.51
C ALA C 126 42.07 4.35 -16.15
N GLY C 127 41.15 4.92 -15.34
CA GLY C 127 40.09 5.75 -15.89
C GLY C 127 38.91 4.92 -16.38
N TYR C 128 38.81 3.68 -15.86
CA TYR C 128 37.71 2.78 -16.17
C TYR C 128 36.45 3.05 -15.33
N VAL C 129 36.55 3.85 -14.25
CA VAL C 129 35.44 4.10 -13.34
C VAL C 129 34.72 5.42 -13.65
N TYR C 130 33.39 5.33 -13.88
CA TYR C 130 32.55 6.46 -14.26
C TYR C 130 31.34 6.56 -13.34
N ILE C 131 30.71 7.74 -13.34
CA ILE C 131 29.44 7.99 -12.70
C ILE C 131 28.42 8.48 -13.73
N ALA C 132 27.30 7.77 -13.80
CA ALA C 132 26.22 8.11 -14.71
C ALA C 132 25.54 9.38 -14.21
N GLN C 133 24.76 10.03 -15.07
CA GLN C 133 24.03 11.21 -14.63
C GLN C 133 22.59 11.11 -15.08
N PRO C 134 21.73 10.42 -14.28
CA PRO C 134 20.28 10.37 -14.56
C PRO C 134 19.67 11.75 -14.34
N PRO C 135 18.44 12.04 -14.83
CA PRO C 135 17.80 13.35 -14.60
C PRO C 135 17.69 13.66 -13.10
N THR C 136 18.04 14.91 -12.75
CA THR C 136 17.94 15.36 -11.36
C THR C 136 16.51 15.76 -11.02
N GLY C 137 16.18 15.59 -9.74
CA GLY C 137 14.90 16.00 -9.14
C GLY C 137 14.48 15.04 -8.03
N TYR C 138 13.16 14.60 -7.97
CA TYR C 138 12.57 13.75 -6.92
C TYR C 138 12.49 12.28 -7.33
N LYS C 139 12.39 12.03 -8.65
N LYS C 139 12.38 12.03 -8.64
CA LYS C 139 12.21 10.72 -9.21
CA LYS C 139 12.17 10.73 -9.20
C LYS C 139 13.54 9.98 -9.16
C LYS C 139 13.50 9.96 -9.21
N GLY C 140 13.51 8.76 -8.60
CA GLY C 140 14.66 7.86 -8.60
C GLY C 140 14.59 6.87 -9.77
N LEU C 141 15.60 5.98 -9.85
CA LEU C 141 15.80 5.13 -11.00
C LEU C 141 14.62 4.18 -11.17
N GLY C 142 14.11 3.66 -10.04
CA GLY C 142 13.04 2.66 -10.00
C GLY C 142 11.73 3.14 -10.63
N GLU C 143 11.57 4.49 -10.68
CA GLU C 143 10.34 5.11 -11.15
C GLU C 143 10.43 5.47 -12.63
N MET C 144 11.62 5.34 -13.24
CA MET C 144 11.78 5.72 -14.63
C MET C 144 11.50 4.56 -15.59
N ASN C 145 11.02 4.94 -16.80
CA ASN C 145 10.75 4.05 -17.91
C ASN C 145 12.07 3.55 -18.48
N ALA C 146 12.05 2.37 -19.11
CA ALA C 146 13.21 1.80 -19.78
C ALA C 146 13.75 2.71 -20.89
N ASP C 147 12.88 3.25 -21.76
CA ASP C 147 13.37 4.05 -22.88
C ASP C 147 14.00 5.35 -22.39
N GLN C 148 13.48 5.90 -21.27
CA GLN C 148 13.95 7.19 -20.79
C GLN C 148 15.29 7.04 -20.07
N LEU C 149 15.49 5.92 -19.37
CA LEU C 149 16.75 5.55 -18.76
C LEU C 149 17.80 5.40 -19.85
N TRP C 150 17.40 4.87 -21.01
CA TRP C 150 18.30 4.74 -22.14
C TRP C 150 18.72 6.12 -22.64
N GLU C 151 17.74 7.01 -22.79
CA GLU C 151 17.95 8.22 -23.56
C GLU C 151 18.91 9.15 -22.80
N THR C 152 18.74 9.15 -21.48
CA THR C 152 19.28 10.22 -20.65
C THR C 152 20.60 9.79 -20.05
N THR C 153 20.79 8.49 -19.91
CA THR C 153 21.77 8.00 -18.97
C THR C 153 22.68 6.95 -19.61
N MET C 154 22.16 6.12 -20.53
CA MET C 154 22.91 5.00 -21.09
C MET C 154 23.36 5.17 -22.56
N ASN C 155 22.63 5.98 -23.36
CA ASN C 155 22.93 6.18 -24.78
C ASN C 155 24.21 6.99 -24.96
N PRO C 156 25.24 6.38 -25.61
CA PRO C 156 26.52 7.06 -25.86
C PRO C 156 26.44 8.39 -26.60
N GLU C 157 25.37 8.59 -27.38
CA GLU C 157 25.15 9.77 -28.19
C GLU C 157 24.76 10.98 -27.35
N HIS C 158 24.01 10.79 -26.24
CA HIS C 158 23.49 11.93 -25.51
C HIS C 158 23.92 11.97 -24.04
N ARG C 159 24.36 10.81 -23.51
CA ARG C 159 24.60 10.71 -22.07
C ARG C 159 25.79 11.56 -21.66
N ALA C 160 25.78 12.02 -20.41
CA ALA C 160 26.88 12.72 -19.80
C ALA C 160 27.49 11.88 -18.67
N LEU C 161 28.63 11.24 -18.93
CA LEU C 161 29.36 10.52 -17.88
C LEU C 161 30.38 11.41 -17.18
N LEU C 162 30.67 11.13 -15.92
CA LEU C 162 31.84 11.70 -15.30
C LEU C 162 32.86 10.59 -15.18
N GLN C 163 34.09 10.86 -15.65
CA GLN C 163 35.18 9.94 -15.39
C GLN C 163 35.73 10.23 -13.99
N VAL C 164 36.05 9.18 -13.24
CA VAL C 164 36.54 9.36 -11.88
C VAL C 164 38.06 9.47 -11.94
N LYS C 165 38.61 10.64 -11.57
CA LYS C 165 40.05 10.86 -11.59
C LYS C 165 40.58 10.83 -10.16
N LEU C 166 41.69 10.10 -9.98
CA LEU C 166 42.50 10.14 -8.78
C LEU C 166 43.59 11.18 -9.00
N GLU C 167 43.79 12.06 -8.01
CA GLU C 167 44.74 13.14 -8.20
C GLU C 167 45.85 13.02 -7.17
N ASP C 168 45.60 13.44 -5.94
CA ASP C 168 46.55 13.30 -4.86
C ASP C 168 46.18 12.09 -4.01
N ALA C 169 47.00 11.02 -4.04
CA ALA C 169 46.61 9.76 -3.39
C ALA C 169 46.78 9.78 -1.87
N ILE C 170 47.69 10.60 -1.34
CA ILE C 170 47.77 10.83 0.10
C ILE C 170 46.45 11.47 0.57
N GLU C 171 45.96 12.46 -0.17
CA GLU C 171 44.73 13.19 0.13
C GLU C 171 43.53 12.24 0.06
N ALA C 172 43.57 11.30 -0.88
CA ALA C 172 42.50 10.32 -1.03
C ALA C 172 42.45 9.35 0.17
N ASP C 173 43.60 8.83 0.62
CA ASP C 173 43.65 7.95 1.78
C ASP C 173 43.07 8.64 3.00
N GLN C 174 43.47 9.89 3.23
CA GLN C 174 43.05 10.56 4.44
C GLN C 174 41.56 10.79 4.34
N THR C 175 41.08 11.09 3.12
CA THR C 175 39.67 11.39 2.89
C THR C 175 38.83 10.13 3.15
N PHE C 176 39.24 8.99 2.55
CA PHE C 176 38.51 7.74 2.74
C PHE C 176 38.51 7.32 4.21
N GLU C 177 39.59 7.61 4.92
CA GLU C 177 39.69 7.18 6.30
C GLU C 177 38.81 8.04 7.19
N MET C 178 38.77 9.34 6.89
CA MET C 178 37.96 10.28 7.66
C MET C 178 36.48 9.99 7.48
N LEU C 179 36.01 9.84 6.22
CA LEU C 179 34.58 9.74 6.00
C LEU C 179 34.08 8.34 6.30
N MET C 180 34.86 7.29 6.04
CA MET C 180 34.27 5.95 5.97
C MET C 180 34.83 5.06 7.06
N GLY C 181 35.90 5.53 7.72
CA GLY C 181 36.63 4.79 8.74
C GLY C 181 35.86 4.71 10.06
N ASP C 182 36.44 4.06 11.07
CA ASP C 182 35.67 3.79 12.27
C ASP C 182 35.71 4.94 13.28
N VAL C 183 36.59 5.94 13.12
CA VAL C 183 36.67 7.06 14.06
C VAL C 183 35.54 8.09 13.85
N VAL C 184 34.51 8.05 14.70
CA VAL C 184 33.31 8.85 14.48
C VAL C 184 33.59 10.34 14.63
N GLU C 185 34.47 10.71 15.56
CA GLU C 185 34.75 12.11 15.89
C GLU C 185 35.30 12.89 14.70
N ASN C 186 36.15 12.27 13.87
CA ASN C 186 36.72 12.96 12.72
C ASN C 186 35.67 13.18 11.64
N ARG C 187 34.73 12.22 11.54
CA ARG C 187 33.60 12.33 10.63
C ARG C 187 32.71 13.46 11.10
N ARG C 188 32.34 13.45 12.39
CA ARG C 188 31.48 14.48 12.95
C ARG C 188 32.10 15.87 12.78
N GLN C 189 33.41 16.01 13.02
CA GLN C 189 34.04 17.31 12.82
C GLN C 189 33.99 17.75 11.35
N PHE C 190 34.16 16.83 10.40
CA PHE C 190 34.06 17.19 8.99
C PHE C 190 32.65 17.72 8.69
N ILE C 191 31.62 17.03 9.21
CA ILE C 191 30.24 17.41 8.91
C ILE C 191 30.00 18.82 9.42
N GLU C 192 30.34 19.08 10.69
CA GLU C 192 30.09 20.37 11.30
C GLU C 192 30.79 21.48 10.51
N ASP C 193 32.03 21.24 10.10
CA ASP C 193 32.80 22.27 9.43
C ASP C 193 32.19 22.61 8.07
N ASN C 194 31.66 21.61 7.36
CA ASN C 194 31.25 21.81 5.98
C ASN C 194 29.73 21.87 5.85
N ALA C 195 29.02 21.82 6.98
CA ALA C 195 27.56 21.81 6.99
C ALA C 195 27.06 23.16 6.52
N VAL C 196 25.91 23.18 5.84
N VAL C 196 26.00 23.03 5.71
CA VAL C 196 25.47 24.35 5.12
CA VAL C 196 25.20 24.09 5.14
C VAL C 196 23.94 24.42 5.06
C VAL C 196 23.73 23.75 5.37
N TYR C 197 23.34 25.43 5.70
N TYR C 197 23.42 23.25 6.59
CA TYR C 197 21.90 25.64 5.57
CA TYR C 197 22.08 22.92 7.05
C TYR C 197 21.46 25.99 4.16
C TYR C 197 21.02 23.72 6.27
N ASN D 9 32.76 14.36 -18.74
CA ASN D 9 33.51 15.31 -17.85
C ASN D 9 34.34 14.54 -16.81
N GLU D 10 35.12 15.28 -16.03
CA GLU D 10 36.03 14.65 -15.08
C GLU D 10 35.72 15.15 -13.67
N ARG D 11 35.74 14.21 -12.71
CA ARG D 11 35.42 14.54 -11.33
C ARG D 11 36.53 13.97 -10.44
N ASN D 12 37.10 14.85 -9.61
CA ASN D 12 38.14 14.42 -8.70
C ASN D 12 37.56 13.53 -7.59
N ILE D 13 38.22 12.39 -7.31
CA ILE D 13 37.58 11.42 -6.41
C ILE D 13 37.46 11.95 -4.97
N THR D 14 38.42 12.78 -4.52
CA THR D 14 38.33 13.42 -3.21
C THR D 14 37.09 14.32 -3.13
N SER D 15 36.87 15.13 -4.17
CA SER D 15 35.76 16.09 -4.23
C SER D 15 34.42 15.38 -4.20
N GLU D 16 34.33 14.27 -4.94
CA GLU D 16 33.09 13.53 -5.08
C GLU D 16 32.77 12.90 -3.73
N MET D 17 33.78 12.34 -3.07
CA MET D 17 33.57 11.69 -1.80
C MET D 17 33.10 12.72 -0.78
N ARG D 18 33.84 13.84 -0.67
CA ARG D 18 33.50 14.96 0.20
C ARG D 18 32.06 15.44 -0.06
N GLU D 19 31.64 15.64 -1.31
CA GLU D 19 30.35 16.26 -1.62
C GLU D 19 29.23 15.27 -1.40
N SER D 20 29.46 14.03 -1.84
CA SER D 20 28.44 13.02 -1.80
C SER D 20 28.15 12.60 -0.35
N PHE D 21 29.24 12.43 0.42
CA PHE D 21 29.09 12.04 1.81
C PHE D 21 28.36 13.12 2.61
N LEU D 22 28.73 14.37 2.38
CA LEU D 22 28.17 15.47 3.14
C LEU D 22 26.69 15.66 2.79
N ASP D 23 26.32 15.37 1.53
N ASP D 23 26.35 15.34 1.53
CA ASP D 23 24.94 15.41 1.08
CA ASP D 23 24.97 15.44 1.09
C ASP D 23 24.14 14.41 1.92
C ASP D 23 24.16 14.41 1.88
N TYR D 24 24.70 13.21 2.07
CA TYR D 24 24.02 12.13 2.77
C TYR D 24 23.95 12.41 4.27
N ALA D 25 25.12 12.66 4.84
CA ALA D 25 25.21 12.94 6.26
C ALA D 25 24.28 14.06 6.70
N MET D 26 24.28 15.19 5.97
CA MET D 26 23.45 16.32 6.35
C MET D 26 21.95 15.97 6.38
N SER D 27 21.54 15.16 5.40
CA SER D 27 20.18 14.74 5.17
C SER D 27 19.72 13.89 6.36
N VAL D 28 20.60 12.96 6.78
CA VAL D 28 20.25 12.01 7.81
C VAL D 28 20.08 12.76 9.13
N ILE D 29 20.98 13.72 9.44
CA ILE D 29 20.87 14.56 10.61
C ILE D 29 19.61 15.45 10.67
N VAL D 30 19.32 16.20 9.60
CA VAL D 30 18.23 17.19 9.66
C VAL D 30 16.91 16.65 9.08
N ALA D 31 16.92 15.46 8.47
CA ALA D 31 15.72 15.07 7.74
C ALA D 31 15.52 13.56 7.79
N ARG D 32 16.05 12.91 8.84
CA ARG D 32 15.72 11.50 8.98
C ARG D 32 15.74 11.03 10.43
N ALA D 33 16.90 11.09 11.11
CA ALA D 33 17.17 10.31 12.30
C ALA D 33 16.95 11.06 13.60
N LEU D 34 16.88 12.39 13.57
CA LEU D 34 16.86 13.16 14.81
C LEU D 34 15.52 13.88 14.96
N PRO D 35 14.97 13.93 16.19
CA PRO D 35 13.68 14.60 16.39
C PRO D 35 13.88 16.12 16.47
N ASP D 36 12.82 16.88 16.16
CA ASP D 36 12.80 18.32 16.35
C ASP D 36 12.48 18.62 17.82
N VAL D 37 13.21 19.55 18.41
CA VAL D 37 13.02 19.85 19.82
C VAL D 37 11.59 20.35 20.09
N ARG D 38 10.91 20.95 19.10
CA ARG D 38 9.60 21.60 19.25
C ARG D 38 8.46 20.59 19.35
N ASP D 39 8.40 19.55 18.48
CA ASP D 39 7.27 18.64 18.54
C ASP D 39 7.69 17.21 18.85
N GLY D 40 8.99 16.97 19.01
CA GLY D 40 9.49 15.64 19.38
C GLY D 40 9.53 14.66 18.22
N LEU D 41 9.35 15.12 16.98
CA LEU D 41 9.15 14.18 15.88
C LEU D 41 10.31 14.26 14.88
N LYS D 42 10.53 13.10 14.28
CA LYS D 42 11.33 12.89 13.10
C LYS D 42 10.38 13.00 11.89
N PRO D 43 10.93 13.38 10.69
CA PRO D 43 10.11 13.48 9.48
C PRO D 43 9.07 12.37 9.30
N VAL D 44 9.45 11.14 9.57
CA VAL D 44 8.52 10.09 9.22
C VAL D 44 7.30 10.15 10.14
N HIS D 45 7.48 10.50 11.42
CA HIS D 45 6.40 10.48 12.40
C HIS D 45 5.43 11.62 12.13
N ARG D 46 6.03 12.77 11.79
CA ARG D 46 5.32 14.00 11.50
C ARG D 46 4.40 13.77 10.32
N ARG D 47 4.90 13.04 9.33
CA ARG D 47 4.17 12.82 8.09
C ARG D 47 3.04 11.84 8.36
N ILE D 48 3.26 10.91 9.28
CA ILE D 48 2.24 9.92 9.57
C ILE D 48 1.07 10.64 10.24
N LEU D 49 1.37 11.41 11.30
CA LEU D 49 0.31 12.03 12.08
C LEU D 49 -0.46 13.07 11.23
N TYR D 50 0.31 13.82 10.40
CA TYR D 50 -0.26 14.84 9.55
C TYR D 50 -1.24 14.20 8.56
N GLY D 51 -0.84 13.03 8.07
CA GLY D 51 -1.61 12.20 7.16
C GLY D 51 -2.89 11.74 7.82
N LEU D 52 -2.81 11.35 9.09
CA LEU D 52 -3.99 10.87 9.80
C LEU D 52 -4.94 12.05 9.95
N ASN D 53 -4.36 13.23 10.06
CA ASN D 53 -5.18 14.40 10.28
C ASN D 53 -5.91 14.71 8.97
N GLU D 54 -5.13 14.73 7.87
CA GLU D 54 -5.54 15.10 6.52
C GLU D 54 -6.51 14.08 5.95
N GLN D 55 -6.74 12.99 6.69
CA GLN D 55 -7.64 11.95 6.22
C GLN D 55 -8.82 11.90 7.16
N GLY D 56 -8.85 12.85 8.09
CA GLY D 56 -9.81 12.88 9.19
C GLY D 56 -9.91 11.59 10.00
N MET D 57 -8.75 10.99 10.28
CA MET D 57 -8.63 9.74 11.03
C MET D 57 -8.59 9.98 12.55
N THR D 58 -9.63 10.65 13.06
CA THR D 58 -9.73 11.16 14.42
C THR D 58 -10.32 10.05 15.29
N PRO D 59 -10.34 10.20 16.64
CA PRO D 59 -10.79 9.16 17.57
C PRO D 59 -12.27 8.83 17.50
N ASP D 60 -13.06 9.82 17.09
CA ASP D 60 -14.50 9.72 17.00
C ASP D 60 -14.85 8.91 15.75
N LYS D 61 -13.99 8.96 14.71
CA LYS D 61 -14.24 8.26 13.45
C LYS D 61 -13.66 6.86 13.60
N SER D 62 -14.15 5.88 12.82
CA SER D 62 -13.68 4.51 12.92
C SER D 62 -12.36 4.30 12.17
N TYR D 63 -11.67 3.19 12.49
CA TYR D 63 -10.29 3.01 12.04
C TYR D 63 -10.29 2.85 10.52
N LYS D 64 -9.16 3.25 9.89
CA LYS D 64 -8.80 2.99 8.49
C LYS D 64 -7.71 1.91 8.33
N LYS D 65 -7.78 1.16 7.24
CA LYS D 65 -6.76 0.19 6.88
C LYS D 65 -5.38 0.87 6.85
N SER D 66 -4.43 0.27 7.57
CA SER D 66 -3.03 0.71 7.61
C SER D 66 -2.44 0.96 6.23
N ALA D 67 -2.71 0.08 5.28
CA ALA D 67 -2.09 0.15 3.96
C ALA D 67 -2.56 1.41 3.25
N ARG D 68 -3.81 1.82 3.48
CA ARG D 68 -4.33 3.07 2.91
C ARG D 68 -3.63 4.26 3.54
N ILE D 69 -3.42 4.16 4.86
CA ILE D 69 -2.84 5.25 5.60
C ILE D 69 -1.39 5.46 5.13
N VAL D 70 -0.68 4.33 5.05
CA VAL D 70 0.72 4.31 4.71
C VAL D 70 0.91 4.70 3.24
N GLY D 71 0.01 4.22 2.36
CA GLY D 71 0.18 4.44 0.92
C GLY D 71 0.00 5.92 0.63
N ASP D 72 -0.82 6.54 1.47
CA ASP D 72 -1.19 7.93 1.31
C ASP D 72 0.01 8.79 1.68
N VAL D 73 0.61 8.42 2.81
CA VAL D 73 1.74 9.12 3.40
C VAL D 73 2.99 9.09 2.48
N MET D 74 3.35 7.87 1.99
CA MET D 74 4.44 7.58 1.09
C MET D 74 4.27 8.32 -0.22
N GLY D 75 3.02 8.47 -0.68
CA GLY D 75 2.77 9.15 -1.94
C GLY D 75 2.79 10.69 -1.83
N LYS D 76 2.16 11.24 -0.77
CA LYS D 76 2.06 12.68 -0.60
C LYS D 76 3.29 13.29 0.08
N TYR D 77 3.95 12.58 1.04
CA TYR D 77 4.91 13.30 1.88
C TYR D 77 6.25 12.58 2.06
N HIS D 78 6.24 11.25 2.04
CA HIS D 78 7.41 10.48 2.50
C HIS D 78 7.93 9.55 1.39
N PRO D 79 8.82 9.99 0.49
CA PRO D 79 9.21 9.15 -0.66
C PRO D 79 10.25 8.07 -0.33
N HIS D 80 9.87 7.16 0.58
CA HIS D 80 10.75 6.13 1.11
C HIS D 80 9.98 4.81 1.12
N GLY D 81 10.64 3.68 1.38
CA GLY D 81 9.99 2.38 1.54
C GLY D 81 8.85 2.42 2.58
N ASP D 82 7.77 1.65 2.31
CA ASP D 82 6.58 1.66 3.15
C ASP D 82 6.82 0.90 4.45
N SER D 83 7.80 0.01 4.48
CA SER D 83 8.15 -0.68 5.71
C SER D 83 8.71 0.31 6.72
N SER D 84 9.51 1.28 6.26
CA SER D 84 9.95 2.41 7.06
C SER D 84 8.75 3.08 7.72
N ILE D 85 7.73 3.42 6.90
CA ILE D 85 6.53 4.12 7.33
C ILE D 85 5.69 3.22 8.25
N TYR D 86 5.39 2.00 7.79
CA TYR D 86 4.50 1.18 8.58
C TYR D 86 5.09 0.85 9.95
N GLU D 87 6.41 0.64 9.97
CA GLU D 87 7.01 0.17 11.21
C GLU D 87 7.09 1.29 12.23
N ALA D 88 7.31 2.50 11.70
CA ALA D 88 7.31 3.68 12.54
C ALA D 88 5.91 3.88 13.12
N MET D 89 4.88 3.60 12.31
CA MET D 89 3.51 3.84 12.73
C MET D 89 3.13 2.83 13.81
N VAL D 90 3.59 1.60 13.66
CA VAL D 90 3.38 0.50 14.60
C VAL D 90 3.87 0.81 16.02
N ARG D 91 5.12 1.29 16.13
CA ARG D 91 5.76 1.67 17.38
C ARG D 91 4.91 2.73 18.11
N MET D 92 4.39 3.71 17.36
CA MET D 92 3.57 4.76 17.94
C MET D 92 2.27 4.16 18.50
N ALA D 93 1.95 2.89 18.17
CA ALA D 93 0.72 2.34 18.74
C ALA D 93 0.97 1.43 19.94
N GLN D 94 2.25 1.13 20.23
CA GLN D 94 2.58 0.13 21.24
C GLN D 94 2.71 0.76 22.61
N ASP D 95 1.91 0.27 23.57
CA ASP D 95 1.98 0.91 24.87
C ASP D 95 3.24 0.50 25.67
N PHE D 96 4.01 -0.49 25.18
CA PHE D 96 5.27 -0.75 25.83
C PHE D 96 6.42 0.03 25.20
N SER D 97 6.17 0.80 24.10
CA SER D 97 7.20 1.64 23.49
C SER D 97 6.94 3.11 23.72
N TYR D 98 5.67 3.50 23.68
CA TYR D 98 5.32 4.92 23.77
C TYR D 98 4.66 5.16 25.12
N ARG D 99 5.27 6.04 25.90
CA ARG D 99 4.72 6.42 27.19
C ARG D 99 3.30 6.98 26.98
N TYR D 100 3.09 7.72 25.88
CA TYR D 100 1.79 8.27 25.55
C TYR D 100 1.62 7.95 24.08
N PRO D 101 0.96 6.81 23.81
CA PRO D 101 0.80 6.33 22.44
C PRO D 101 0.07 7.35 21.55
N LEU D 102 0.56 7.53 20.33
CA LEU D 102 0.10 8.55 19.42
C LEU D 102 -0.87 7.93 18.41
N VAL D 103 -0.85 6.62 18.30
CA VAL D 103 -1.66 5.92 17.32
C VAL D 103 -2.49 4.89 18.06
N ASP D 104 -3.75 4.78 17.65
CA ASP D 104 -4.64 3.81 18.23
C ASP D 104 -4.82 2.70 17.20
N GLY D 105 -4.28 1.52 17.49
CA GLY D 105 -4.24 0.39 16.58
C GLY D 105 -5.39 -0.61 16.81
N GLN D 106 -5.77 -1.25 15.70
CA GLN D 106 -6.79 -2.28 15.64
C GLN D 106 -6.13 -3.49 14.99
N GLY D 107 -5.97 -4.58 15.74
CA GLY D 107 -5.19 -5.70 15.24
C GLY D 107 -3.93 -5.96 16.07
N ASN D 108 -3.19 -6.99 15.67
CA ASN D 108 -1.97 -7.36 16.36
C ASN D 108 -0.91 -6.30 16.07
N PHE D 109 -0.56 -5.50 17.08
CA PHE D 109 0.44 -4.46 16.85
C PHE D 109 1.80 -4.81 17.47
N GLY D 110 2.00 -6.08 17.85
CA GLY D 110 3.29 -6.56 18.34
C GLY D 110 3.32 -6.76 19.87
N SER D 111 4.39 -7.36 20.43
CA SER D 111 4.47 -7.47 21.89
C SER D 111 5.90 -7.25 22.36
N MET D 112 6.09 -7.32 23.69
CA MET D 112 7.38 -7.12 24.35
C MET D 112 8.34 -8.27 24.04
N ASP D 113 7.80 -9.33 23.43
CA ASP D 113 8.56 -10.50 23.00
C ASP D 113 9.21 -10.25 21.64
N GLY D 114 8.94 -9.08 21.05
CA GLY D 114 9.52 -8.70 19.77
C GLY D 114 8.84 -9.42 18.61
N ASP D 115 7.68 -10.04 18.87
CA ASP D 115 6.67 -10.34 17.87
C ASP D 115 6.45 -9.07 17.05
N GLY D 116 6.59 -9.16 15.72
CA GLY D 116 6.22 -8.00 14.93
C GLY D 116 4.71 -7.77 14.91
N ALA D 117 4.30 -6.64 14.34
CA ALA D 117 2.89 -6.43 14.04
C ALA D 117 2.41 -7.40 12.95
N ALA D 118 1.08 -7.63 12.88
CA ALA D 118 0.42 -8.16 11.69
C ALA D 118 0.76 -7.33 10.41
N ALA D 119 0.72 -7.96 9.22
CA ALA D 119 0.95 -7.23 7.97
C ALA D 119 0.00 -6.02 7.83
N MET D 120 0.48 -4.99 7.13
CA MET D 120 -0.21 -3.73 6.84
C MET D 120 -1.64 -3.93 6.30
N ARG D 121 -1.87 -5.00 5.50
CA ARG D 121 -3.18 -5.38 4.97
C ARG D 121 -4.22 -5.64 6.07
N TYR D 122 -3.76 -6.09 7.24
CA TYR D 122 -4.68 -6.59 8.25
C TYR D 122 -5.00 -5.52 9.29
N THR D 123 -4.10 -4.55 9.46
CA THR D 123 -4.19 -3.70 10.63
C THR D 123 -4.91 -2.43 10.25
N GLU D 124 -5.41 -1.73 11.24
CA GLU D 124 -6.15 -0.50 11.08
C GLU D 124 -5.67 0.45 12.19
N ALA D 125 -5.82 1.76 11.97
CA ALA D 125 -5.23 2.76 12.85
C ALA D 125 -6.07 4.03 12.76
N ARG D 126 -6.06 4.78 13.87
CA ARG D 126 -6.44 6.18 13.92
C ARG D 126 -5.59 6.91 14.96
N MET D 127 -5.84 8.23 15.12
CA MET D 127 -5.31 9.00 16.24
C MET D 127 -5.84 8.50 17.59
N THR D 128 -4.96 8.55 18.58
CA THR D 128 -5.40 8.57 19.96
C THR D 128 -5.92 9.97 20.26
N LYS D 129 -6.62 10.08 21.38
CA LYS D 129 -7.08 11.35 21.92
C LYS D 129 -5.92 12.31 22.14
N ILE D 130 -4.83 11.86 22.75
CA ILE D 130 -3.74 12.77 22.98
C ILE D 130 -3.18 13.30 21.66
N THR D 131 -3.20 12.53 20.56
CA THR D 131 -2.62 13.01 19.30
C THR D 131 -3.34 14.23 18.77
N LEU D 132 -4.65 14.33 19.03
CA LEU D 132 -5.41 15.52 18.73
C LEU D 132 -4.68 16.73 19.28
N GLU D 133 -4.00 16.59 20.42
CA GLU D 133 -3.37 17.72 21.10
C GLU D 133 -2.08 18.11 20.37
N LEU D 134 -1.43 17.16 19.68
CA LEU D 134 -0.26 17.49 18.89
C LEU D 134 -0.67 18.28 17.64
N LEU D 135 -1.86 18.00 17.12
CA LEU D 135 -2.35 18.53 15.86
C LEU D 135 -3.20 19.79 16.04
N ARG D 136 -3.77 19.97 17.22
CA ARG D 136 -4.74 21.02 17.48
C ARG D 136 -4.26 22.38 16.98
N ASP D 137 -5.04 22.96 16.04
CA ASP D 137 -4.86 24.32 15.59
C ASP D 137 -3.84 24.39 14.45
N ILE D 138 -3.54 23.23 13.84
CA ILE D 138 -2.59 23.18 12.74
C ILE D 138 -3.12 23.99 11.53
N ASN D 139 -4.44 24.14 11.43
CA ASN D 139 -5.05 24.84 10.32
C ASN D 139 -5.43 26.26 10.66
N LYS D 140 -4.75 26.87 11.62
CA LYS D 140 -5.00 28.25 11.99
C LYS D 140 -3.68 28.99 11.99
N ASP D 141 -2.87 28.75 10.96
CA ASP D 141 -1.66 29.49 10.71
C ASP D 141 -0.75 29.49 11.96
N THR D 142 -0.65 28.34 12.63
CA THR D 142 0.12 28.31 13.86
C THR D 142 1.57 27.96 13.52
N ILE D 143 1.71 27.11 12.49
CA ILE D 143 3.01 26.60 12.10
C ILE D 143 3.24 26.82 10.61
N ASP D 144 4.50 26.86 10.16
CA ASP D 144 4.80 27.08 8.75
C ASP D 144 4.67 25.79 7.96
N PHE D 145 3.93 25.87 6.86
CA PHE D 145 3.90 24.83 5.84
C PHE D 145 5.05 25.02 4.84
N ILE D 146 5.43 23.91 4.22
CA ILE D 146 6.47 23.85 3.19
C ILE D 146 6.00 22.90 2.08
N ASP D 147 6.68 23.02 0.96
CA ASP D 147 6.37 22.22 -0.22
C ASP D 147 6.82 20.80 0.04
N ASN D 148 6.01 19.83 -0.42
CA ASN D 148 6.40 18.45 -0.29
C ASN D 148 7.59 18.16 -1.22
N TYR D 149 8.15 16.94 -1.16
CA TYR D 149 9.25 16.51 -2.02
C TYR D 149 9.07 16.80 -3.53
N ASP D 150 7.86 16.69 -4.08
CA ASP D 150 7.68 16.76 -5.52
C ASP D 150 7.02 18.07 -5.97
N GLY D 151 6.65 18.94 -5.01
CA GLY D 151 6.01 20.21 -5.31
C GLY D 151 4.49 20.12 -5.48
N ASN D 152 3.89 18.93 -5.31
CA ASN D 152 2.46 18.74 -5.54
C ASN D 152 1.60 18.83 -4.28
N GLU D 153 2.23 19.06 -3.12
CA GLU D 153 1.52 19.06 -1.84
C GLU D 153 2.22 20.02 -0.88
N ARG D 154 1.52 20.31 0.22
CA ARG D 154 2.03 21.06 1.35
C ARG D 154 2.08 20.13 2.56
N GLU D 155 3.17 20.25 3.31
CA GLU D 155 3.35 19.48 4.54
C GLU D 155 3.77 20.43 5.67
N PRO D 156 3.43 20.16 6.96
CA PRO D 156 3.91 20.99 8.08
C PRO D 156 5.42 20.90 8.31
N SER D 157 6.09 22.03 8.56
CA SER D 157 7.49 22.03 8.99
C SER D 157 7.65 21.52 10.43
N VAL D 158 6.60 21.72 11.28
CA VAL D 158 6.59 21.30 12.69
C VAL D 158 5.13 21.16 13.10
N LEU D 159 4.77 20.37 14.14
CA LEU D 159 3.38 20.30 14.60
C LEU D 159 3.15 21.24 15.78
N PRO D 160 1.91 21.71 16.00
CA PRO D 160 1.64 22.64 17.11
C PRO D 160 2.05 22.11 18.50
N ALA D 161 1.83 20.81 18.72
CA ALA D 161 2.44 20.10 19.83
C ALA D 161 2.01 20.74 21.14
N ARG D 162 0.71 20.65 21.43
CA ARG D 162 0.17 21.32 22.61
C ARG D 162 0.59 20.67 23.94
N PHE D 163 1.21 19.46 23.93
CA PHE D 163 1.96 18.95 25.09
C PHE D 163 3.43 18.66 24.73
N PRO D 164 4.37 18.62 25.72
CA PRO D 164 5.81 18.47 25.44
C PRO D 164 6.29 17.07 25.05
N ASN D 165 6.04 16.72 23.80
CA ASN D 165 6.12 15.36 23.33
C ASN D 165 7.56 14.87 23.23
N LEU D 166 8.56 15.76 23.04
CA LEU D 166 9.92 15.23 22.91
C LEU D 166 10.31 14.44 24.17
N LEU D 167 10.29 15.12 25.30
CA LEU D 167 10.57 14.52 26.57
C LEU D 167 9.45 13.54 26.98
N ALA D 168 8.20 13.72 26.59
CA ALA D 168 7.14 12.83 27.07
C ALA D 168 7.31 11.42 26.51
N ASN D 169 7.61 11.28 25.21
CA ASN D 169 7.70 9.96 24.60
C ASN D 169 9.15 9.54 24.38
N GLY D 170 10.04 10.56 24.44
CA GLY D 170 11.48 10.37 24.24
C GLY D 170 11.79 10.07 22.78
N ALA D 171 13.06 9.82 22.43
CA ALA D 171 13.45 9.54 21.06
C ALA D 171 14.72 8.71 21.06
N SER D 172 14.88 7.89 19.99
CA SER D 172 16.18 7.28 19.74
C SER D 172 16.46 7.19 18.24
N GLY D 173 17.66 7.65 17.88
CA GLY D 173 17.99 7.69 16.47
C GLY D 173 19.48 7.65 16.18
N ILE D 174 19.86 6.77 15.25
CA ILE D 174 21.24 6.71 14.84
C ILE D 174 21.34 7.58 13.58
N ALA D 175 22.23 8.57 13.64
CA ALA D 175 22.41 9.45 12.48
C ALA D 175 23.77 9.17 11.83
N VAL D 176 24.42 10.23 11.36
CA VAL D 176 25.80 10.08 10.93
C VAL D 176 26.59 11.04 11.80
N GLY D 177 27.64 10.53 12.44
CA GLY D 177 28.50 11.39 13.25
C GLY D 177 27.92 11.75 14.63
N MET D 178 26.72 11.21 14.94
CA MET D 178 25.99 11.48 16.17
C MET D 178 24.81 10.53 16.22
N ALA D 179 24.32 10.26 17.44
CA ALA D 179 23.06 9.56 17.61
C ALA D 179 22.23 10.30 18.67
N THR D 180 21.00 9.89 18.96
CA THR D 180 20.25 10.54 20.03
C THR D 180 19.57 9.46 20.88
N ASN D 181 19.47 9.74 22.18
CA ASN D 181 18.82 8.76 23.06
C ASN D 181 18.20 9.51 24.23
N ILE D 182 16.89 9.78 24.13
CA ILE D 182 16.14 10.58 25.11
C ILE D 182 15.09 9.66 25.72
N PRO D 183 15.07 9.45 27.05
CA PRO D 183 14.09 8.56 27.68
C PRO D 183 12.76 9.31 27.83
N PRO D 184 11.63 8.59 27.87
CA PRO D 184 10.32 9.18 28.13
C PRO D 184 10.12 9.68 29.56
N HIS D 185 9.11 10.53 29.75
CA HIS D 185 8.89 11.13 31.05
C HIS D 185 7.39 11.16 31.33
N ASN D 186 7.08 11.48 32.56
CA ASN D 186 5.71 11.55 33.00
C ASN D 186 5.15 12.94 32.63
N LEU D 187 3.95 12.93 32.05
CA LEU D 187 3.41 14.13 31.46
C LEU D 187 3.02 15.14 32.54
N THR D 188 2.55 14.65 33.70
CA THR D 188 2.12 15.62 34.69
C THR D 188 3.35 16.38 35.16
N GLU D 189 4.40 15.62 35.45
CA GLU D 189 5.65 16.21 35.90
C GLU D 189 6.18 17.18 34.85
N LEU D 190 6.19 16.79 33.56
CA LEU D 190 6.74 17.68 32.55
C LEU D 190 6.00 19.01 32.55
N ILE D 191 4.66 18.96 32.58
CA ILE D 191 3.88 20.18 32.37
C ILE D 191 4.05 21.06 33.60
N ASN D 192 4.17 20.45 34.80
CA ASN D 192 4.48 21.23 35.99
C ASN D 192 5.83 21.92 35.83
N GLY D 193 6.77 21.27 35.14
CA GLY D 193 8.10 21.81 34.93
C GLY D 193 8.02 23.01 34.01
N VAL D 194 7.22 22.88 32.93
CA VAL D 194 7.06 23.97 31.99
C VAL D 194 6.39 25.14 32.71
N LEU D 195 5.37 24.84 33.53
CA LEU D 195 4.71 25.90 34.28
C LEU D 195 5.68 26.63 35.20
N SER D 196 6.52 25.87 35.92
CA SER D 196 7.49 26.50 36.78
C SER D 196 8.44 27.39 35.97
N LEU D 197 8.94 26.88 34.84
CA LEU D 197 9.82 27.68 34.01
C LEU D 197 9.13 28.96 33.49
N SER D 198 7.83 28.88 33.17
CA SER D 198 7.13 30.03 32.62
C SER D 198 7.06 31.12 33.68
N LYS D 199 6.98 30.73 34.96
CA LYS D 199 6.91 31.71 36.04
C LYS D 199 8.31 32.17 36.43
N ASN D 200 9.36 31.52 35.93
CA ASN D 200 10.68 31.94 36.35
C ASN D 200 11.70 31.53 35.31
N PRO D 201 12.09 32.47 34.42
CA PRO D 201 13.04 32.19 33.34
C PRO D 201 14.38 31.66 33.84
N ASP D 202 14.70 32.02 35.10
CA ASP D 202 16.01 31.79 35.66
C ASP D 202 16.04 30.55 36.56
N ILE D 203 14.99 29.70 36.50
CA ILE D 203 14.94 28.44 37.24
C ILE D 203 16.16 27.58 36.93
N SER D 204 16.75 26.91 37.91
CA SER D 204 17.86 25.98 37.68
C SER D 204 17.37 24.54 37.40
N ILE D 205 18.27 23.71 36.86
CA ILE D 205 18.07 22.26 36.73
C ILE D 205 17.64 21.65 38.08
N ALA D 206 18.33 21.96 39.16
CA ALA D 206 17.95 21.40 40.45
C ALA D 206 16.50 21.72 40.76
N GLU D 207 16.07 22.99 40.57
CA GLU D 207 14.69 23.36 40.87
C GLU D 207 13.73 22.61 39.95
N LEU D 208 14.10 22.46 38.66
CA LEU D 208 13.23 21.81 37.69
C LEU D 208 12.97 20.39 38.13
N MET D 209 14.00 19.77 38.70
CA MET D 209 13.91 18.40 39.17
C MET D 209 13.03 18.26 40.41
N GLU D 210 12.63 19.37 41.02
CA GLU D 210 11.56 19.24 41.99
C GLU D 210 10.26 18.81 41.30
N ASP D 211 10.03 19.24 40.04
CA ASP D 211 8.90 18.78 39.25
C ASP D 211 9.20 17.46 38.54
N ILE D 212 10.30 17.43 37.81
CA ILE D 212 10.61 16.29 36.97
C ILE D 212 11.64 15.43 37.73
N GLU D 213 11.18 14.34 38.37
CA GLU D 213 12.04 13.49 39.17
C GLU D 213 13.00 12.64 38.34
N GLY D 214 12.63 12.34 37.10
CA GLY D 214 13.47 11.50 36.27
C GLY D 214 12.60 10.93 35.15
N PRO D 215 13.16 10.06 34.29
CA PRO D 215 12.40 9.42 33.24
C PRO D 215 11.26 8.64 33.90
N ASP D 216 10.24 8.32 33.08
CA ASP D 216 9.13 7.48 33.50
C ASP D 216 8.85 6.52 32.37
N PHE D 217 9.35 5.29 32.46
CA PHE D 217 9.24 4.40 31.32
C PHE D 217 7.81 3.87 31.18
N PRO D 218 7.30 3.61 29.96
CA PRO D 218 6.01 2.96 29.79
C PRO D 218 5.96 1.63 30.52
N THR D 219 7.11 0.97 30.64
CA THR D 219 7.16 -0.40 31.13
C THR D 219 7.49 -0.46 32.62
N ALA D 220 7.46 0.72 33.29
CA ALA D 220 7.63 0.88 34.74
C ALA D 220 9.06 0.50 35.16
N GLY D 221 9.21 -0.39 36.12
CA GLY D 221 10.54 -0.79 36.56
C GLY D 221 11.09 0.16 37.63
N LEU D 222 12.40 -0.02 37.98
CA LEU D 222 13.09 0.80 38.97
C LEU D 222 14.27 1.51 38.30
N ILE D 223 14.56 2.74 38.72
CA ILE D 223 15.83 3.38 38.44
C ILE D 223 16.62 3.46 39.73
N LEU D 224 17.89 3.05 39.69
CA LEU D 224 18.76 3.16 40.86
C LEU D 224 19.47 4.51 40.95
N GLY D 225 19.04 5.38 41.88
CA GLY D 225 19.80 6.56 42.24
C GLY D 225 19.48 7.75 41.36
N LYS D 226 19.85 8.94 41.84
CA LYS D 226 19.50 10.22 41.21
C LYS D 226 20.68 10.74 40.38
N SER D 227 21.83 10.05 40.45
CA SER D 227 23.05 10.76 40.07
C SER D 227 23.24 10.70 38.54
N GLY D 228 22.85 9.60 37.88
CA GLY D 228 22.86 9.56 36.42
C GLY D 228 21.81 10.51 35.82
N ILE D 229 20.67 10.59 36.50
CA ILE D 229 19.59 11.45 36.07
C ILE D 229 20.08 12.89 36.13
N ARG D 230 20.74 13.23 37.24
CA ARG D 230 21.24 14.57 37.49
C ARG D 230 22.21 14.97 36.38
N ARG D 231 23.12 14.06 36.03
CA ARG D 231 24.16 14.39 35.07
C ARG D 231 23.49 14.60 33.70
N ALA D 232 22.60 13.68 33.33
CA ALA D 232 21.90 13.78 32.04
C ALA D 232 21.10 15.08 31.93
N TYR D 233 20.40 15.50 32.99
CA TYR D 233 19.60 16.72 32.86
C TYR D 233 20.49 17.97 32.84
N GLU D 234 21.67 17.89 33.46
CA GLU D 234 22.53 19.05 33.53
C GLU D 234 23.38 19.16 32.27
N THR D 235 23.69 18.05 31.61
CA THR D 235 24.66 18.11 30.56
C THR D 235 24.06 17.50 29.31
N GLY D 236 22.93 16.79 29.43
CA GLY D 236 22.40 16.06 28.28
C GLY D 236 23.00 14.67 28.05
N ARG D 237 23.95 14.26 28.91
CA ARG D 237 24.60 12.98 28.84
C ARG D 237 24.63 12.37 30.24
N GLY D 238 24.43 11.06 30.31
CA GLY D 238 24.36 10.46 31.62
C GLY D 238 23.98 8.99 31.53
N SER D 239 24.46 8.16 32.48
CA SER D 239 24.02 6.77 32.42
C SER D 239 23.01 6.49 33.53
N ILE D 240 21.93 5.78 33.20
CA ILE D 240 20.88 5.56 34.17
C ILE D 240 20.67 4.06 34.33
N GLN D 241 20.75 3.58 35.57
CA GLN D 241 20.65 2.15 35.85
C GLN D 241 19.20 1.72 36.00
N MET D 242 18.74 0.79 35.16
CA MET D 242 17.36 0.33 35.24
C MET D 242 17.36 -1.08 35.81
N ARG D 243 16.36 -1.40 36.67
CA ARG D 243 16.14 -2.78 37.09
C ARG D 243 14.69 -3.18 36.90
N SER D 244 14.48 -4.48 36.67
CA SER D 244 13.17 -5.13 36.70
C SER D 244 12.55 -5.01 38.06
N ARG D 245 11.23 -5.07 38.15
CA ARG D 245 10.64 -5.24 39.47
C ARG D 245 10.59 -6.74 39.78
N ALA D 246 11.40 -7.20 40.75
CA ALA D 246 11.47 -8.61 41.15
C ALA D 246 11.24 -8.73 42.66
N VAL D 247 10.61 -9.83 43.09
CA VAL D 247 10.41 -10.04 44.52
C VAL D 247 10.70 -11.52 44.76
N ILE D 248 11.10 -11.82 46.00
CA ILE D 248 11.24 -13.22 46.35
C ILE D 248 10.05 -13.64 47.22
N GLU D 249 9.51 -14.84 46.93
CA GLU D 249 8.30 -15.26 47.60
C GLU D 249 8.34 -16.76 47.77
N GLU D 250 7.57 -17.26 48.75
CA GLU D 250 7.52 -18.69 49.00
C GLU D 250 6.59 -19.38 48.00
N ARG D 251 6.88 -20.64 47.66
CA ARG D 251 6.00 -21.39 46.78
C ARG D 251 5.54 -22.64 47.52
N GLY D 252 5.95 -22.75 48.81
CA GLY D 252 5.55 -23.81 49.72
C GLY D 252 6.53 -24.98 49.77
N GLY D 253 6.32 -25.89 50.73
CA GLY D 253 7.25 -26.97 51.01
C GLY D 253 8.61 -26.39 51.41
N GLY D 254 8.61 -25.13 51.86
CA GLY D 254 9.83 -24.41 52.22
C GLY D 254 10.68 -24.01 51.02
N ARG D 255 10.14 -24.04 49.79
CA ARG D 255 10.91 -23.61 48.63
C ARG D 255 10.50 -22.17 48.28
N GLN D 256 11.32 -21.51 47.44
CA GLN D 256 11.09 -20.12 47.09
C GLN D 256 11.09 -19.98 45.57
N ARG D 257 10.73 -18.79 45.10
CA ARG D 257 10.87 -18.43 43.72
C ARG D 257 11.08 -16.93 43.65
N ILE D 258 11.68 -16.48 42.55
CA ILE D 258 11.72 -15.08 42.20
C ILE D 258 10.60 -14.84 41.18
N VAL D 259 9.87 -13.74 41.33
CA VAL D 259 8.87 -13.36 40.37
C VAL D 259 9.20 -11.94 39.87
N VAL D 260 9.29 -11.80 38.55
CA VAL D 260 9.53 -10.53 37.91
C VAL D 260 8.20 -10.09 37.32
N THR D 261 7.76 -8.83 37.56
CA THR D 261 6.49 -8.38 37.03
C THR D 261 6.66 -7.13 36.17
N GLU D 262 7.89 -6.63 36.05
CA GLU D 262 8.19 -5.44 35.29
C GLU D 262 9.63 -5.63 34.82
N ILE D 263 9.89 -5.30 33.55
CA ILE D 263 11.22 -5.47 33.00
C ILE D 263 11.68 -4.12 32.45
N PRO D 264 13.00 -3.91 32.25
CA PRO D 264 13.50 -2.60 31.84
C PRO D 264 13.01 -2.25 30.45
N PHE D 265 13.02 -0.94 30.22
CA PHE D 265 12.58 -0.37 28.96
C PHE D 265 13.35 -0.92 27.78
N GLN D 266 12.63 -1.31 26.72
CA GLN D 266 13.19 -1.73 25.47
C GLN D 266 13.92 -3.07 25.60
N VAL D 267 13.66 -3.84 26.66
CA VAL D 267 14.22 -5.18 26.73
C VAL D 267 13.21 -6.17 26.18
N ASN D 268 13.65 -7.01 25.25
CA ASN D 268 12.81 -8.07 24.74
C ASN D 268 12.65 -9.17 25.80
N LYS D 269 11.41 -9.45 26.18
CA LYS D 269 11.16 -10.33 27.31
C LYS D 269 11.58 -11.73 26.94
N ALA D 270 11.10 -12.20 25.76
CA ALA D 270 11.42 -13.55 25.30
C ALA D 270 12.93 -13.76 25.26
N ARG D 271 13.65 -12.73 24.80
CA ARG D 271 15.08 -12.82 24.66
C ARG D 271 15.77 -12.88 26.01
N MET D 272 15.27 -12.11 26.97
CA MET D 272 15.84 -12.11 28.30
C MET D 272 15.64 -13.49 28.93
N ILE D 273 14.50 -14.15 28.70
CA ILE D 273 14.28 -15.47 29.26
C ILE D 273 15.26 -16.49 28.69
N GLU D 274 15.50 -16.44 27.36
CA GLU D 274 16.40 -17.33 26.64
C GLU D 274 17.83 -17.22 27.20
N LYS D 275 18.25 -15.98 27.51
CA LYS D 275 19.52 -15.67 28.12
C LYS D 275 19.61 -16.35 29.48
N ILE D 276 18.53 -16.29 30.28
CA ILE D 276 18.52 -16.98 31.57
C ILE D 276 18.63 -18.48 31.35
N ALA D 277 17.82 -19.00 30.42
CA ALA D 277 17.78 -20.44 30.15
C ALA D 277 19.17 -20.96 29.76
N GLU D 278 19.85 -20.20 28.89
CA GLU D 278 21.18 -20.50 28.42
C GLU D 278 22.20 -20.46 29.55
N LEU D 279 22.09 -19.49 30.47
CA LEU D 279 22.97 -19.43 31.63
C LEU D 279 22.83 -20.70 32.48
N VAL D 280 21.59 -21.18 32.63
CA VAL D 280 21.27 -22.35 33.44
C VAL D 280 21.86 -23.61 32.78
N ARG D 281 21.62 -23.74 31.49
CA ARG D 281 22.05 -24.84 30.67
C ARG D 281 23.57 -24.94 30.68
N ASP D 282 24.26 -23.80 30.49
CA ASP D 282 25.72 -23.75 30.40
C ASP D 282 26.34 -23.65 31.79
N LYS D 283 25.53 -23.89 32.83
CA LYS D 283 25.94 -23.95 34.22
C LYS D 283 26.70 -22.71 34.67
N LYS D 284 26.35 -21.52 34.15
CA LYS D 284 27.04 -20.27 34.50
C LYS D 284 26.32 -19.58 35.66
N ILE D 285 25.22 -20.16 36.14
CA ILE D 285 24.43 -19.63 37.25
C ILE D 285 23.92 -20.80 38.08
N ASP D 286 24.02 -20.68 39.40
CA ASP D 286 23.68 -21.81 40.23
C ASP D 286 22.33 -21.59 40.93
N GLY D 287 21.51 -22.65 41.08
CA GLY D 287 20.37 -22.68 41.97
C GLY D 287 19.00 -22.58 41.27
N ILE D 288 18.94 -22.53 39.94
CA ILE D 288 17.63 -22.38 39.34
C ILE D 288 17.07 -23.73 38.91
N THR D 289 15.87 -24.06 39.38
CA THR D 289 15.28 -25.35 39.01
C THR D 289 14.22 -25.21 37.91
N ASP D 290 13.72 -24.00 37.64
CA ASP D 290 12.65 -23.84 36.67
C ASP D 290 12.50 -22.36 36.28
N LEU D 291 12.01 -22.13 35.06
CA LEU D 291 11.92 -20.81 34.47
C LEU D 291 10.68 -20.84 33.58
N ARG D 292 9.67 -20.00 33.91
CA ARG D 292 8.44 -20.00 33.12
C ARG D 292 7.94 -18.57 32.92
N ASP D 293 7.41 -18.32 31.73
CA ASP D 293 6.76 -17.04 31.46
C ASP D 293 5.29 -17.27 31.70
N GLU D 294 4.71 -16.66 32.73
CA GLU D 294 3.31 -16.86 33.05
C GLU D 294 2.56 -15.58 32.70
N THR D 295 3.22 -14.74 31.90
CA THR D 295 2.63 -13.50 31.37
C THR D 295 1.28 -13.78 30.70
N SER D 296 0.31 -12.92 30.93
CA SER D 296 -0.93 -13.00 30.18
C SER D 296 -1.54 -11.60 30.11
N LEU D 297 -2.37 -11.35 29.11
CA LEU D 297 -3.22 -10.17 29.04
C LEU D 297 -4.01 -10.00 30.34
N ARG D 298 -4.45 -11.09 30.98
CA ARG D 298 -5.27 -11.01 32.17
C ARG D 298 -4.46 -10.65 33.42
N THR D 299 -3.25 -11.19 33.58
CA THR D 299 -2.50 -10.98 34.82
C THR D 299 -1.27 -10.08 34.60
N GLY D 300 -0.96 -9.74 33.35
CA GLY D 300 0.17 -8.89 33.01
C GLY D 300 1.46 -9.69 33.03
N VAL D 301 2.58 -8.96 32.95
CA VAL D 301 3.89 -9.56 32.89
C VAL D 301 4.15 -10.36 34.15
N ARG D 302 4.56 -11.62 34.01
CA ARG D 302 4.88 -12.44 35.16
C ARG D 302 5.92 -13.49 34.75
N VAL D 303 7.18 -13.27 35.11
CA VAL D 303 8.21 -14.26 34.86
C VAL D 303 8.62 -14.87 36.20
N VAL D 304 8.57 -16.21 36.31
CA VAL D 304 8.86 -16.95 37.53
C VAL D 304 10.13 -17.77 37.32
N ILE D 305 11.02 -17.66 38.32
CA ILE D 305 12.27 -18.40 38.42
C ILE D 305 12.21 -19.15 39.73
N ASP D 306 12.04 -20.47 39.65
CA ASP D 306 12.04 -21.34 40.83
C ASP D 306 13.47 -21.52 41.33
N VAL D 307 13.63 -21.46 42.66
CA VAL D 307 14.94 -21.60 43.25
C VAL D 307 15.05 -22.96 43.94
N ARG D 308 16.24 -23.59 43.86
CA ARG D 308 16.52 -24.87 44.52
C ARG D 308 16.42 -24.71 46.03
N LYS D 309 15.81 -25.72 46.68
CA LYS D 309 15.46 -25.65 48.08
C LYS D 309 16.71 -25.35 48.92
N ASP D 310 16.59 -24.38 49.84
CA ASP D 310 17.70 -24.02 50.71
C ASP D 310 18.75 -23.11 50.06
N ALA D 311 18.74 -22.94 48.73
CA ALA D 311 19.61 -21.97 48.06
C ALA D 311 19.15 -20.56 48.41
N ASN D 312 20.08 -19.60 48.35
CA ASN D 312 19.77 -18.23 48.74
C ASN D 312 19.26 -17.46 47.53
N ALA D 313 17.97 -17.14 47.55
CA ALA D 313 17.29 -16.56 46.40
C ALA D 313 17.78 -15.16 46.09
N SER D 314 18.11 -14.41 47.15
CA SER D 314 18.70 -13.10 46.98
C SER D 314 20.03 -13.11 46.20
N VAL D 315 20.86 -14.14 46.48
CA VAL D 315 22.13 -14.28 45.80
C VAL D 315 21.86 -14.60 44.33
N ILE D 316 20.95 -15.54 44.08
CA ILE D 316 20.60 -15.81 42.70
C ILE D 316 20.12 -14.56 41.95
N LEU D 317 19.32 -13.73 42.62
CA LEU D 317 18.71 -12.59 41.96
C LEU D 317 19.79 -11.60 41.59
N ASN D 318 20.74 -11.38 42.54
CA ASN D 318 21.84 -10.44 42.36
C ASN D 318 22.72 -10.86 41.19
N ASN D 319 22.90 -12.18 41.07
CA ASN D 319 23.56 -12.76 39.92
C ASN D 319 22.79 -12.45 38.63
N LEU D 320 21.48 -12.62 38.65
CA LEU D 320 20.75 -12.41 37.41
C LEU D 320 20.86 -10.96 36.98
N TYR D 321 20.89 -10.04 37.93
CA TYR D 321 21.08 -8.63 37.58
C TYR D 321 22.44 -8.42 36.93
N LYS D 322 23.45 -9.22 37.34
CA LYS D 322 24.81 -9.03 36.86
C LYS D 322 24.95 -9.59 35.44
N GLN D 323 24.13 -10.61 35.11
CA GLN D 323 24.45 -11.47 33.98
C GLN D 323 23.35 -11.45 32.92
N THR D 324 22.29 -10.67 33.12
CA THR D 324 21.15 -10.73 32.22
C THR D 324 20.58 -9.32 32.08
N PRO D 325 19.77 -9.02 31.03
CA PRO D 325 19.17 -7.70 30.86
C PRO D 325 18.16 -7.36 31.96
N LEU D 326 17.97 -8.30 32.92
CA LEU D 326 17.16 -8.02 34.07
C LEU D 326 17.57 -6.70 34.76
N GLN D 327 18.85 -6.33 34.68
CA GLN D 327 19.35 -4.98 34.92
C GLN D 327 19.98 -4.47 33.62
N THR D 328 19.72 -3.22 33.24
CA THR D 328 20.08 -2.65 31.95
C THR D 328 20.27 -1.16 32.14
N SER D 329 21.15 -0.56 31.35
CA SER D 329 21.36 0.87 31.45
C SER D 329 20.74 1.58 30.26
N PHE D 330 20.40 2.84 30.53
CA PHE D 330 19.95 3.74 29.49
C PHE D 330 20.97 4.86 29.42
N GLY D 331 21.70 4.93 28.31
CA GLY D 331 22.67 5.99 28.15
C GLY D 331 21.99 7.21 27.51
N VAL D 332 21.85 8.27 28.31
CA VAL D 332 21.19 9.45 27.82
C VAL D 332 22.15 10.28 26.98
N ASN D 333 21.64 10.70 25.83
CA ASN D 333 22.36 11.52 24.89
C ASN D 333 21.34 12.40 24.17
N MET D 334 20.99 13.56 24.75
CA MET D 334 19.86 14.37 24.29
C MET D 334 20.24 15.31 23.13
N ILE D 335 20.19 14.74 21.92
CA ILE D 335 20.48 15.53 20.73
C ILE D 335 19.19 15.71 19.93
N ALA D 336 18.80 16.97 19.74
CA ALA D 336 17.60 17.30 18.94
C ALA D 336 17.94 18.44 17.95
N LEU D 337 17.08 18.61 16.92
CA LEU D 337 17.14 19.77 16.06
C LEU D 337 16.62 21.01 16.74
N VAL D 338 17.45 22.04 16.85
CA VAL D 338 17.07 23.31 17.39
C VAL D 338 17.37 24.34 16.26
N ASN D 339 16.14 25.06 15.97
CA ASN D 339 16.49 25.77 14.59
C ASN D 339 17.05 24.93 13.46
N GLY D 340 16.76 23.66 13.08
CA GLY D 340 17.20 23.00 11.96
C GLY D 340 18.76 22.51 12.15
N ARG D 341 19.30 22.84 13.32
CA ARG D 341 20.79 22.56 13.37
C ARG D 341 20.64 21.24 14.77
N PRO D 342 21.56 20.35 14.64
CA PRO D 342 21.61 19.42 15.70
C PRO D 342 22.33 19.95 16.94
N LYS D 343 21.90 19.56 18.14
CA LYS D 343 22.45 20.21 19.33
C LYS D 343 22.24 19.29 20.53
N LEU D 344 23.29 19.14 21.35
CA LEU D 344 23.20 18.45 22.62
C LEU D 344 22.57 19.43 23.61
N ILE D 345 21.46 19.04 24.24
CA ILE D 345 20.72 19.99 25.04
C ILE D 345 20.47 19.38 26.39
N ASN D 346 20.45 20.24 27.39
CA ASN D 346 20.11 19.76 28.70
C ASN D 346 18.59 19.89 28.89
N LEU D 347 18.06 19.51 30.07
CA LEU D 347 16.63 19.48 30.34
C LEU D 347 16.02 20.87 30.26
N LYS D 348 16.70 21.88 30.79
CA LYS D 348 16.16 23.23 30.81
C LYS D 348 16.04 23.78 29.39
N GLU D 349 17.06 23.51 28.55
N GLU D 349 17.04 23.46 28.54
CA GLU D 349 17.08 23.91 27.14
CA GLU D 349 17.06 23.90 27.16
C GLU D 349 15.90 23.28 26.39
C GLU D 349 15.91 23.26 26.37
N ALA D 350 15.69 21.97 26.59
CA ALA D 350 14.58 21.28 25.95
C ALA D 350 13.27 21.99 26.28
N LEU D 351 13.05 22.30 27.57
CA LEU D 351 11.83 22.92 28.01
C LEU D 351 11.72 24.35 27.50
N VAL D 352 12.84 25.09 27.43
CA VAL D 352 12.83 26.49 26.98
C VAL D 352 12.37 26.57 25.53
N HIS D 353 12.97 25.71 24.68
CA HIS D 353 12.55 25.69 23.28
C HIS D 353 11.09 25.27 23.18
N TYR D 354 10.63 24.30 23.98
CA TYR D 354 9.23 23.94 23.92
C TYR D 354 8.32 25.11 24.31
N LEU D 355 8.56 25.79 25.43
CA LEU D 355 7.73 26.92 25.83
C LEU D 355 7.74 28.06 24.80
N GLU D 356 8.89 28.29 24.13
CA GLU D 356 8.95 29.28 23.06
C GLU D 356 8.00 28.91 21.93
N HIS D 357 8.03 27.65 21.57
CA HIS D 357 7.16 27.15 20.54
C HIS D 357 5.71 27.41 20.93
N GLN D 358 5.31 27.12 22.18
CA GLN D 358 3.93 27.24 22.60
C GLN D 358 3.49 28.69 22.50
N LYS D 359 4.37 29.63 22.93
CA LYS D 359 4.03 31.03 22.83
C LYS D 359 3.78 31.43 21.39
N THR D 360 4.67 31.02 20.50
CA THR D 360 4.49 31.30 19.10
C THR D 360 3.19 30.68 18.58
N VAL D 361 2.90 29.44 18.94
CA VAL D 361 1.70 28.79 18.41
C VAL D 361 0.47 29.58 18.86
N VAL D 362 0.41 29.92 20.15
CA VAL D 362 -0.83 30.50 20.65
C VAL D 362 -1.02 31.92 20.12
N ARG D 363 0.07 32.71 20.06
CA ARG D 363 0.02 34.01 19.43
C ARG D 363 -0.47 33.96 17.98
N ARG D 364 0.08 33.06 17.16
CA ARG D 364 -0.34 33.00 15.76
C ARG D 364 -1.82 32.55 15.65
N ARG D 365 -2.22 31.65 16.55
CA ARG D 365 -3.61 31.22 16.54
C ARG D 365 -4.50 32.41 16.84
N THR D 366 -4.17 33.17 17.87
CA THR D 366 -4.91 34.36 18.21
C THR D 366 -4.97 35.35 17.03
N GLN D 367 -3.88 35.57 16.32
CA GLN D 367 -3.89 36.49 15.18
C GLN D 367 -4.71 35.99 14.00
N TYR D 368 -4.70 34.69 13.79
CA TYR D 368 -5.42 34.11 12.69
C TYR D 368 -6.89 34.25 13.01
N ASN D 369 -7.26 33.88 14.23
CA ASN D 369 -8.64 33.92 14.65
C ASN D 369 -9.19 35.34 14.51
N LEU D 370 -8.40 36.35 14.95
CA LEU D 370 -8.71 37.77 14.81
C LEU D 370 -8.95 38.13 13.34
N ARG D 371 -8.02 37.78 12.43
CA ARG D 371 -8.20 38.15 11.01
C ARG D 371 -9.48 37.50 10.50
N LYS D 372 -9.74 36.26 10.91
CA LYS D 372 -10.84 35.51 10.31
C LYS D 372 -12.21 36.04 10.78
N ALA D 373 -12.24 36.47 12.06
CA ALA D 373 -13.37 37.11 12.69
C ALA D 373 -13.63 38.46 12.04
N LYS D 374 -12.58 39.25 11.79
CA LYS D 374 -12.81 40.55 11.17
C LYS D 374 -13.28 40.40 9.73
N ASP D 375 -12.74 39.42 8.99
CA ASP D 375 -13.23 39.20 7.64
C ASP D 375 -14.73 38.88 7.67
N ARG D 376 -15.15 38.08 8.66
CA ARG D 376 -16.49 37.55 8.71
C ARG D 376 -17.42 38.68 9.17
N ALA D 377 -16.93 39.53 10.10
CA ALA D 377 -17.73 40.64 10.58
C ALA D 377 -18.08 41.53 9.38
N HIS D 378 -17.06 41.74 8.53
CA HIS D 378 -17.12 42.62 7.38
C HIS D 378 -18.18 42.07 6.43
N ILE D 379 -18.18 40.76 6.22
CA ILE D 379 -19.22 40.14 5.39
C ILE D 379 -20.59 40.34 6.03
N LEU D 380 -20.70 40.12 7.34
CA LEU D 380 -21.99 40.24 7.99
C LEU D 380 -22.47 41.69 7.95
N GLU D 381 -21.58 42.69 8.08
CA GLU D 381 -22.03 44.08 7.95
C GLU D 381 -22.67 44.33 6.58
N GLY D 382 -22.14 43.72 5.52
CA GLY D 382 -22.79 43.79 4.21
C GLY D 382 -24.18 43.13 4.17
N LEU D 383 -24.30 41.90 4.75
CA LEU D 383 -25.60 41.21 4.77
C LEU D 383 -26.60 42.06 5.57
N ARG D 384 -26.12 42.76 6.62
CA ARG D 384 -27.04 43.52 7.45
C ARG D 384 -27.56 44.73 6.67
N ILE D 385 -26.62 45.41 6.00
CA ILE D 385 -27.02 46.47 5.09
C ILE D 385 -28.07 45.94 4.10
N ALA D 386 -27.80 44.75 3.52
CA ALA D 386 -28.69 44.25 2.49
C ALA D 386 -30.09 44.02 3.08
N LEU D 387 -30.16 43.43 4.29
CA LEU D 387 -31.44 43.14 4.93
C LEU D 387 -32.17 44.43 5.26
N ASP D 388 -31.44 45.48 5.68
CA ASP D 388 -32.00 46.77 6.10
C ASP D 388 -32.61 47.49 4.91
N HIS D 389 -32.11 47.24 3.70
CA HIS D 389 -32.52 47.95 2.50
C HIS D 389 -32.92 46.96 1.40
N ILE D 390 -33.59 45.85 1.79
CA ILE D 390 -33.82 44.69 0.93
C ILE D 390 -34.53 45.05 -0.40
N ASP D 391 -35.53 45.95 -0.33
CA ASP D 391 -36.24 46.29 -1.55
C ASP D 391 -35.31 46.95 -2.54
N GLU D 392 -34.54 47.93 -2.06
CA GLU D 392 -33.61 48.61 -2.93
C GLU D 392 -32.61 47.62 -3.48
N ILE D 393 -32.16 46.66 -2.65
CA ILE D 393 -31.16 45.68 -3.05
C ILE D 393 -31.72 44.89 -4.25
N ILE D 394 -32.93 44.35 -4.08
CA ILE D 394 -33.59 43.59 -5.13
C ILE D 394 -33.75 44.45 -6.37
N SER D 395 -34.17 45.73 -6.21
CA SER D 395 -34.34 46.62 -7.37
C SER D 395 -33.04 46.76 -8.18
N THR D 396 -31.94 46.99 -7.48
CA THR D 396 -30.64 47.19 -8.11
C THR D 396 -30.24 45.92 -8.88
N ILE D 397 -30.51 44.75 -8.27
CA ILE D 397 -30.12 43.51 -8.94
C ILE D 397 -30.99 43.30 -10.17
N ARG D 398 -32.30 43.46 -10.04
CA ARG D 398 -33.18 43.31 -11.20
C ARG D 398 -32.89 44.30 -12.34
N GLU D 399 -32.47 45.53 -12.03
CA GLU D 399 -32.16 46.52 -13.05
C GLU D 399 -30.88 46.09 -13.77
N SER D 400 -30.05 45.21 -13.19
CA SER D 400 -28.74 44.93 -13.78
C SER D 400 -28.85 43.79 -14.79
N ASP D 401 -28.07 43.88 -15.86
CA ASP D 401 -28.19 42.88 -16.90
C ASP D 401 -27.36 41.69 -16.50
N THR D 402 -26.20 41.98 -15.90
CA THR D 402 -25.16 41.00 -15.65
C THR D 402 -24.72 41.03 -14.19
N ASP D 403 -24.04 39.96 -13.76
CA ASP D 403 -23.46 39.87 -12.43
C ASP D 403 -22.50 41.05 -12.22
N LYS D 404 -21.63 41.30 -13.21
CA LYS D 404 -20.66 42.37 -13.12
C LYS D 404 -21.34 43.71 -12.85
N VAL D 405 -22.43 43.98 -13.55
CA VAL D 405 -23.10 45.26 -13.42
C VAL D 405 -23.74 45.35 -12.04
N ALA D 406 -24.36 44.26 -11.58
CA ALA D 406 -24.97 44.18 -10.26
C ALA D 406 -23.95 44.46 -9.14
N MET D 407 -22.78 43.86 -9.30
CA MET D 407 -21.70 44.00 -8.34
C MET D 407 -21.33 45.47 -8.24
N GLU D 408 -21.15 46.10 -9.39
CA GLU D 408 -20.68 47.48 -9.46
C GLU D 408 -21.71 48.41 -8.83
N SER D 409 -23.00 48.20 -9.17
CA SER D 409 -24.09 49.02 -8.67
C SER D 409 -24.26 48.84 -7.18
N LEU D 410 -24.18 47.59 -6.68
CA LEU D 410 -24.29 47.38 -5.26
C LEU D 410 -23.14 48.09 -4.57
N GLN D 411 -21.93 48.10 -5.16
CA GLN D 411 -20.81 48.74 -4.49
C GLN D 411 -20.98 50.27 -4.45
N GLN D 412 -21.46 50.85 -5.55
CA GLN D 412 -21.56 52.29 -5.64
C GLN D 412 -22.78 52.74 -4.85
N ARG D 413 -23.88 52.00 -4.92
CA ARG D 413 -25.11 52.49 -4.33
CA ARG D 413 -25.11 52.48 -4.34
C ARG D 413 -25.13 52.29 -2.81
N PHE D 414 -24.51 51.22 -2.29
CA PHE D 414 -24.57 51.03 -0.83
C PHE D 414 -23.22 51.13 -0.12
N LYS D 415 -22.20 51.68 -0.81
CA LYS D 415 -20.85 51.79 -0.28
C LYS D 415 -20.36 50.43 0.23
N LEU D 416 -20.53 49.36 -0.56
CA LEU D 416 -20.06 48.08 -0.12
C LEU D 416 -18.73 47.78 -0.80
N SER D 417 -17.92 46.93 -0.17
CA SER D 417 -16.70 46.38 -0.76
C SER D 417 -17.07 45.37 -1.84
N GLU D 418 -16.08 44.97 -2.65
CA GLU D 418 -16.31 43.89 -3.59
C GLU D 418 -16.76 42.63 -2.84
N LYS D 419 -16.11 42.30 -1.72
CA LYS D 419 -16.37 41.03 -1.02
C LYS D 419 -17.80 41.03 -0.51
N GLN D 420 -18.25 42.24 -0.08
CA GLN D 420 -19.55 42.35 0.55
C GLN D 420 -20.64 42.15 -0.50
N ALA D 421 -20.39 42.74 -1.67
CA ALA D 421 -21.32 42.72 -2.77
C ALA D 421 -21.49 41.28 -3.24
N GLN D 422 -20.36 40.57 -3.39
CA GLN D 422 -20.35 39.18 -3.81
C GLN D 422 -21.19 38.37 -2.83
N ALA D 423 -21.03 38.69 -1.54
CA ALA D 423 -21.69 37.88 -0.53
C ALA D 423 -23.19 38.08 -0.62
N ILE D 424 -23.63 39.32 -0.95
CA ILE D 424 -25.03 39.67 -1.05
C ILE D 424 -25.61 38.96 -2.28
N LEU D 425 -24.87 38.97 -3.38
CA LEU D 425 -25.30 38.33 -4.60
C LEU D 425 -25.37 36.83 -4.37
N ASP D 426 -24.62 36.31 -3.39
CA ASP D 426 -24.56 34.87 -3.15
C ASP D 426 -25.67 34.45 -2.20
N MET D 427 -26.23 35.39 -1.44
CA MET D 427 -27.21 35.05 -0.41
C MET D 427 -28.44 34.36 -1.02
N ARG D 428 -28.94 33.27 -0.42
CA ARG D 428 -30.11 32.60 -1.00
C ARG D 428 -31.40 33.23 -0.44
N LEU D 429 -32.56 33.02 -1.10
CA LEU D 429 -33.81 33.67 -0.69
C LEU D 429 -34.24 33.18 0.70
N ARG D 430 -33.93 31.92 0.99
CA ARG D 430 -34.31 31.39 2.28
C ARG D 430 -33.63 32.16 3.42
N ARG D 431 -32.65 33.01 3.13
CA ARG D 431 -31.97 33.78 4.17
C ARG D 431 -32.83 34.96 4.61
N LEU D 432 -33.96 35.19 3.91
CA LEU D 432 -34.80 36.32 4.27
C LEU D 432 -35.88 35.90 5.28
N THR D 433 -35.99 34.61 5.63
CA THR D 433 -36.96 34.28 6.65
C THR D 433 -36.52 34.93 7.97
N GLY D 434 -37.47 34.99 8.92
CA GLY D 434 -37.24 35.57 10.23
C GLY D 434 -36.09 34.89 10.97
N LEU D 435 -36.07 33.56 10.98
CA LEU D 435 -35.09 32.85 11.80
C LEU D 435 -33.67 33.08 11.28
N GLU D 436 -33.56 33.11 9.93
CA GLU D 436 -32.32 33.41 9.24
C GLU D 436 -31.86 34.85 9.48
N ARG D 437 -32.82 35.78 9.51
CA ARG D 437 -32.46 37.18 9.72
C ARG D 437 -31.83 37.33 11.10
N ASP D 438 -32.41 36.63 12.07
CA ASP D 438 -32.03 36.73 13.47
C ASP D 438 -30.65 36.13 13.66
N LYS D 439 -30.39 35.01 12.97
CA LYS D 439 -29.10 34.35 12.95
C LYS D 439 -27.98 35.28 12.48
N ILE D 440 -28.15 35.90 11.31
CA ILE D 440 -27.15 36.86 10.86
C ILE D 440 -26.86 37.88 11.97
N GLU D 441 -27.91 38.45 12.59
CA GLU D 441 -27.69 39.49 13.58
C GLU D 441 -26.96 38.95 14.83
N ALA D 442 -27.35 37.74 15.25
CA ALA D 442 -26.80 37.13 16.44
C ALA D 442 -25.35 36.73 16.14
N GLU D 443 -25.02 36.33 14.91
CA GLU D 443 -23.66 35.89 14.64
C GLU D 443 -22.74 37.10 14.69
N TYR D 444 -23.25 38.23 14.23
CA TYR D 444 -22.50 39.47 14.21
C TYR D 444 -22.20 39.90 15.64
N ASN D 445 -23.22 39.88 16.49
CA ASN D 445 -23.09 40.30 17.88
C ASN D 445 -22.07 39.42 18.63
N GLU D 446 -22.14 38.07 18.50
CA GLU D 446 -21.14 37.19 19.08
C GLU D 446 -19.75 37.51 18.52
N LEU D 447 -19.66 37.76 17.21
CA LEU D 447 -18.36 37.95 16.61
C LEU D 447 -17.69 39.21 17.14
N LEU D 448 -18.51 40.25 17.47
CA LEU D 448 -17.91 41.51 17.92
C LEU D 448 -17.28 41.28 19.29
N ASN D 449 -17.96 40.48 20.14
CA ASN D 449 -17.44 40.18 21.45
C ASN D 449 -16.19 39.33 21.34
N TYR D 450 -16.21 38.37 20.38
CA TYR D 450 -15.07 37.50 20.17
C TYR D 450 -13.82 38.29 19.79
N ILE D 451 -14.03 39.25 18.89
CA ILE D 451 -12.95 40.07 18.36
C ILE D 451 -12.30 40.84 19.51
N SER D 452 -13.15 41.33 20.38
CA SER D 452 -12.71 42.13 21.51
C SER D 452 -11.78 41.28 22.40
N GLU D 453 -12.23 40.05 22.68
CA GLU D 453 -11.47 39.13 23.51
C GLU D 453 -10.11 38.87 22.89
N LEU D 454 -10.07 38.67 21.56
CA LEU D 454 -8.83 38.34 20.87
C LEU D 454 -7.86 39.52 20.99
N GLU D 455 -8.42 40.74 20.82
CA GLU D 455 -7.60 41.93 20.86
C GLU D 455 -6.97 42.11 22.23
N THR D 456 -7.73 41.82 23.30
CA THR D 456 -7.22 41.84 24.66
C THR D 456 -5.98 40.94 24.76
N ILE D 457 -6.08 39.73 24.22
CA ILE D 457 -4.98 38.77 24.29
C ILE D 457 -3.75 39.33 23.56
N LEU D 458 -3.92 39.87 22.36
CA LEU D 458 -2.72 40.31 21.66
C LEU D 458 -2.16 41.60 22.25
N ALA D 459 -2.86 42.23 23.20
CA ALA D 459 -2.41 43.53 23.70
C ALA D 459 -1.48 43.39 24.90
N ASP D 460 -1.50 42.21 25.58
CA ASP D 460 -0.81 42.00 26.83
C ASP D 460 -0.09 40.65 26.82
N GLU D 461 1.24 40.71 26.87
CA GLU D 461 2.11 39.54 26.84
C GLU D 461 1.79 38.61 28.00
N GLU D 462 1.47 39.21 29.15
CA GLU D 462 1.17 38.46 30.35
C GLU D 462 -0.11 37.65 30.16
N VAL D 463 -1.12 38.25 29.50
CA VAL D 463 -2.40 37.58 29.30
C VAL D 463 -2.17 36.39 28.36
N LEU D 464 -1.38 36.59 27.31
CA LEU D 464 -1.12 35.54 26.35
C LEU D 464 -0.35 34.39 27.02
N LEU D 465 0.66 34.71 27.83
CA LEU D 465 1.44 33.68 28.48
C LEU D 465 0.54 32.89 29.43
N GLN D 466 -0.42 33.58 30.07
CA GLN D 466 -1.34 32.94 31.01
C GLN D 466 -2.25 31.98 30.27
N LEU D 467 -2.57 32.37 29.04
CA LEU D 467 -3.43 31.54 28.22
C LEU D 467 -2.71 30.22 27.92
N VAL D 468 -1.40 30.30 27.64
CA VAL D 468 -0.56 29.13 27.42
C VAL D 468 -0.58 28.28 28.69
N ARG D 469 -0.37 28.91 29.84
CA ARG D 469 -0.38 28.15 31.10
C ARG D 469 -1.71 27.41 31.27
N ASP D 470 -2.81 28.10 30.94
CA ASP D 470 -4.14 27.59 31.24
C ASP D 470 -4.41 26.38 30.38
N GLU D 471 -3.98 26.46 29.13
CA GLU D 471 -4.22 25.39 28.18
C GLU D 471 -3.38 24.16 28.52
N LEU D 472 -2.13 24.37 28.92
CA LEU D 472 -1.23 23.32 29.36
C LEU D 472 -1.82 22.61 30.58
N THR D 473 -2.39 23.39 31.50
CA THR D 473 -2.98 22.86 32.73
C THR D 473 -4.19 22.02 32.39
N GLU D 474 -4.97 22.44 31.40
CA GLU D 474 -6.13 21.69 30.96
C GLU D 474 -5.65 20.33 30.44
N ILE D 475 -4.57 20.34 29.62
CA ILE D 475 -4.04 19.10 29.07
C ILE D 475 -3.48 18.21 30.19
N ARG D 476 -2.77 18.83 31.15
CA ARG D 476 -2.28 18.14 32.33
C ARG D 476 -3.43 17.45 33.06
N ASP D 477 -4.53 18.17 33.30
CA ASP D 477 -5.65 17.57 34.00
C ASP D 477 -6.34 16.47 33.19
N ARG D 478 -6.35 16.56 31.87
CA ARG D 478 -7.10 15.57 31.11
C ARG D 478 -6.27 14.32 30.85
N PHE D 479 -4.96 14.46 30.60
CA PHE D 479 -4.12 13.38 30.10
C PHE D 479 -3.01 12.99 31.09
N GLY D 480 -2.79 13.78 32.16
CA GLY D 480 -1.72 13.46 33.08
C GLY D 480 -2.05 12.19 33.87
N ASP D 481 -1.03 11.39 34.20
CA ASP D 481 -1.30 10.13 34.85
C ASP D 481 -0.20 9.91 35.88
N ASP D 482 -0.23 8.73 36.47
CA ASP D 482 0.65 8.42 37.57
C ASP D 482 2.03 8.01 37.08
N ARG D 483 3.03 8.27 37.92
CA ARG D 483 4.36 7.79 37.64
C ARG D 483 4.31 6.27 37.64
N ARG D 484 5.02 5.64 36.71
CA ARG D 484 5.18 4.18 36.72
C ARG D 484 6.56 3.75 37.20
N THR D 485 7.64 4.36 36.73
CA THR D 485 8.99 3.97 37.12
C THR D 485 9.28 4.52 38.51
N GLU D 486 9.80 3.65 39.37
CA GLU D 486 10.16 4.01 40.72
C GLU D 486 11.64 4.39 40.75
N ILE D 487 11.95 5.60 41.23
CA ILE D 487 13.34 5.97 41.37
C ILE D 487 13.76 5.66 42.81
N GLN D 488 14.62 4.65 43.02
CA GLN D 488 15.08 4.30 44.35
C GLN D 488 16.37 5.03 44.69
N LEU D 489 16.43 5.52 45.93
CA LEU D 489 17.57 6.21 46.51
C LEU D 489 18.64 5.18 46.88
#